data_5X9V
#
_entry.id   5X9V
#
_cell.length_a   186.166
_cell.length_b   186.166
_cell.length_c   160.742
_cell.angle_alpha   90.00
_cell.angle_beta   90.00
_cell.angle_gamma   90.00
#
_symmetry.space_group_name_H-M   'P 4 2 2'
#
loop_
_entity.id
_entity.type
_entity.pdbx_description
1 polymer 'Thermosome, alpha subunit'
2 non-polymer 'PHOSPHOAMINOPHOSPHONIC ACID-ADENYLATE ESTER'
3 non-polymer 'MAGNESIUM ION'
#
_entity_poly.entity_id   1
_entity_poly.type   'polypeptide(L)'
_entity_poly.pdbx_seq_one_letter_code
;MKKENQTQEIEERYQALFSNAAAVKALTQVVANSLGPKGLDAMLVDRFGEVVVTNDGVTILTLMDAQHPAARMVVNMARA
QEREVGDGTTTAAVLAGALVSEGVNQILKGVPVSKVLAGMNRALNHALFLIRKNAIKVGSITDDRLLAAAKIAGRGDERV
AAILRDAAAMLEDKLQDPGFKLADLVLAKVGADTTLIPGVVINKSPLWEEGSQKLQEVRLLVLDDGLYPEEVEEEALASE
AGFEQYLKNQKIFQENLKKLKELGVKLILLTRGISDIAEEFCYENEIMVITRITQKELKRVLEFTGARAAKRTSLNKPVE
ELQKMLGYARTCFYDSRLDFTIIEGGAGKATATVLIGAATDEVVDEQERIAKDAAGSFAAAYRSGVLPGGGAFFLYLSRE
VESLKNRLPGMESYGVMAFSEALKVPFRVMAENAGFNGLEKLGDLMTLQVQKNNYALGLDFETGEFIDMIAGGVVDPAEV
VYQAVKNASEVAISLLKINTIIKMKDYEVLKEGEQEDGGKR
;
_entity_poly.pdbx_strand_id   A,B,C,D
#
loop_
_chem_comp.id
_chem_comp.type
_chem_comp.name
_chem_comp.formula
ANP non-polymer 'PHOSPHOAMINOPHOSPHONIC ACID-ADENYLATE ESTER' 'C10 H17 N6 O12 P3'
MG non-polymer 'MAGNESIUM ION' 'Mg 2'
#
# COMPACT_ATOMS: atom_id res chain seq x y z
N ILE A 10 -36.99 23.51 -39.88
CA ILE A 10 -37.01 24.58 -38.89
C ILE A 10 -38.12 24.40 -37.84
N GLU A 11 -38.06 23.31 -37.09
CA GLU A 11 -39.06 22.98 -36.07
C GLU A 11 -39.05 23.94 -34.89
N GLU A 12 -40.24 24.34 -34.45
CA GLU A 12 -40.39 25.35 -33.40
C GLU A 12 -41.47 25.02 -32.36
N ARG A 13 -41.60 25.90 -31.37
CA ARG A 13 -42.61 25.81 -30.29
C ARG A 13 -42.48 24.55 -29.45
N TYR A 14 -43.61 24.02 -28.98
CA TYR A 14 -43.59 22.85 -28.11
C TYR A 14 -42.96 21.68 -28.84
N GLN A 15 -43.12 21.67 -30.16
CA GLN A 15 -42.62 20.56 -30.96
C GLN A 15 -41.14 20.68 -31.25
N ALA A 16 -40.48 21.59 -30.54
CA ALA A 16 -39.04 21.55 -30.43
C ALA A 16 -38.71 20.82 -29.15
N LEU A 17 -39.38 21.25 -28.09
CA LEU A 17 -39.18 20.70 -26.76
C LEU A 17 -39.41 19.21 -26.73
N PHE A 18 -40.31 18.72 -27.57
CA PHE A 18 -40.52 17.29 -27.69
C PHE A 18 -39.33 16.63 -28.36
N SER A 19 -38.99 17.11 -29.56
CA SER A 19 -37.98 16.45 -30.37
C SER A 19 -36.66 16.41 -29.65
N ASN A 20 -36.42 17.44 -28.84
CA ASN A 20 -35.27 17.43 -27.98
C ASN A 20 -35.42 16.34 -26.96
N ALA A 21 -36.45 16.44 -26.13
CA ALA A 21 -36.64 15.55 -25.00
C ALA A 21 -36.63 14.12 -25.45
N ALA A 22 -37.40 13.82 -26.49
CA ALA A 22 -37.46 12.48 -27.05
C ALA A 22 -36.06 11.98 -27.37
N ALA A 23 -35.33 12.80 -28.11
CA ALA A 23 -33.99 12.43 -28.53
C ALA A 23 -33.12 12.07 -27.37
N VAL A 24 -33.34 12.74 -26.25
CA VAL A 24 -32.56 12.47 -25.05
C VAL A 24 -32.97 11.19 -24.36
N LYS A 25 -34.27 10.92 -24.23
CA LYS A 25 -34.66 9.73 -23.47
C LYS A 25 -34.06 8.52 -24.16
N ALA A 26 -34.19 8.50 -25.48
CA ALA A 26 -33.66 7.42 -26.31
C ALA A 26 -32.22 7.17 -26.01
N LEU A 27 -31.47 8.24 -25.77
CA LEU A 27 -30.08 8.10 -25.42
C LEU A 27 -29.91 7.52 -24.03
N THR A 28 -30.50 8.18 -23.05
CA THR A 28 -30.25 7.83 -21.68
C THR A 28 -30.70 6.42 -21.37
N GLN A 29 -31.88 6.04 -21.87
CA GLN A 29 -32.37 4.68 -21.70
C GLN A 29 -31.24 3.69 -21.94
N VAL A 30 -30.52 3.90 -23.02
CA VAL A 30 -29.47 2.95 -23.41
C VAL A 30 -28.40 2.76 -22.36
N VAL A 31 -27.92 3.84 -21.77
CA VAL A 31 -26.83 3.70 -20.82
C VAL A 31 -27.36 3.39 -19.43
N ALA A 32 -28.67 3.48 -19.24
CA ALA A 32 -29.19 3.32 -17.90
C ALA A 32 -28.91 1.93 -17.38
N ASN A 33 -28.81 0.96 -18.26
CA ASN A 33 -28.61 -0.39 -17.83
C ASN A 33 -27.19 -0.67 -17.37
N SER A 34 -26.33 0.33 -17.45
CA SER A 34 -24.94 0.11 -17.07
C SER A 34 -24.64 0.72 -15.73
N LEU A 35 -25.61 1.45 -15.23
CA LEU A 35 -25.45 2.20 -14.01
C LEU A 35 -25.55 1.30 -12.81
N GLY A 36 -24.55 1.34 -11.96
CA GLY A 36 -24.63 0.62 -10.71
C GLY A 36 -23.74 -0.59 -10.70
N PRO A 37 -23.73 -1.30 -9.58
CA PRO A 37 -22.89 -2.47 -9.38
C PRO A 37 -23.51 -3.67 -10.03
N LYS A 38 -24.78 -3.56 -10.38
CA LYS A 38 -25.48 -4.64 -11.01
C LYS A 38 -25.82 -4.25 -12.42
N GLY A 39 -25.19 -3.19 -12.90
CA GLY A 39 -25.41 -2.72 -14.25
C GLY A 39 -24.82 -3.68 -15.24
N LEU A 40 -25.39 -3.72 -16.44
CA LEU A 40 -24.95 -4.67 -17.44
C LEU A 40 -24.19 -3.98 -18.57
N ASP A 41 -23.49 -4.75 -19.38
CA ASP A 41 -22.58 -4.21 -20.37
C ASP A 41 -23.24 -4.03 -21.73
N ALA A 42 -22.51 -3.41 -22.65
CA ALA A 42 -23.00 -3.16 -23.99
C ALA A 42 -21.93 -3.42 -25.04
N MET A 43 -22.37 -3.82 -26.22
CA MET A 43 -21.50 -4.19 -27.34
C MET A 43 -21.60 -3.28 -28.55
N LEU A 44 -20.47 -2.74 -29.01
CA LEU A 44 -20.48 -1.80 -30.13
C LEU A 44 -19.57 -2.19 -31.28
N VAL A 45 -20.02 -1.96 -32.52
CA VAL A 45 -19.26 -2.34 -33.72
C VAL A 45 -18.95 -1.15 -34.64
N ASP A 46 -17.74 -1.16 -35.23
CA ASP A 46 -17.29 -0.07 -36.09
C ASP A 46 -17.91 -0.13 -37.48
N ARG A 47 -17.87 0.99 -38.19
CA ARG A 47 -18.47 1.13 -39.53
C ARG A 47 -17.96 0.03 -40.48
N PHE A 48 -16.73 -0.41 -40.23
CA PHE A 48 -16.12 -1.44 -41.06
C PHE A 48 -15.39 -2.45 -40.19
N GLY A 49 -16.11 -3.10 -39.28
CA GLY A 49 -15.55 -4.20 -38.54
C GLY A 49 -14.55 -3.91 -37.42
N GLU A 50 -15.05 -3.52 -36.25
CA GLU A 50 -14.26 -3.53 -35.02
C GLU A 50 -15.24 -3.71 -33.86
N VAL A 51 -14.77 -4.06 -32.66
CA VAL A 51 -15.72 -4.41 -31.61
C VAL A 51 -15.28 -4.02 -30.20
N VAL A 52 -16.20 -3.43 -29.45
CA VAL A 52 -15.95 -3.00 -28.08
C VAL A 52 -17.02 -3.55 -27.14
N VAL A 53 -16.65 -3.83 -25.90
CA VAL A 53 -17.60 -4.27 -24.88
C VAL A 53 -17.37 -3.49 -23.60
N THR A 54 -18.38 -2.80 -23.09
CA THR A 54 -18.10 -1.96 -21.95
C THR A 54 -19.29 -1.66 -21.05
N ASN A 55 -19.02 -1.21 -19.82
CA ASN A 55 -20.03 -0.77 -18.85
C ASN A 55 -19.88 0.73 -18.62
N ASP A 56 -18.81 1.27 -19.19
CA ASP A 56 -18.48 2.68 -19.06
C ASP A 56 -19.50 3.54 -19.78
N GLY A 57 -19.83 4.69 -19.23
CA GLY A 57 -20.88 5.49 -19.80
C GLY A 57 -20.40 6.36 -20.95
N VAL A 58 -19.40 7.18 -20.70
CA VAL A 58 -18.91 8.10 -21.71
C VAL A 58 -18.44 7.35 -22.93
N THR A 59 -18.00 6.10 -22.76
CA THR A 59 -17.53 5.31 -23.88
C THR A 59 -18.67 4.89 -24.77
N ILE A 60 -19.66 4.22 -24.19
CA ILE A 60 -20.87 3.86 -24.89
C ILE A 60 -21.44 5.05 -25.60
N LEU A 61 -21.53 6.15 -24.88
CA LEU A 61 -22.12 7.36 -25.43
C LEU A 61 -21.31 7.92 -26.56
N THR A 62 -20.01 7.68 -26.56
CA THR A 62 -19.18 8.18 -27.64
C THR A 62 -19.24 7.34 -28.88
N LEU A 63 -19.22 6.03 -28.71
CA LEU A 63 -19.14 5.12 -29.84
C LEU A 63 -20.45 5.02 -30.59
N MET A 64 -21.54 5.32 -29.91
CA MET A 64 -22.84 5.34 -30.53
C MET A 64 -22.97 6.26 -31.69
N ASP A 65 -23.92 5.91 -32.55
CA ASP A 65 -24.32 6.79 -33.61
C ASP A 65 -25.22 7.83 -33.00
N ALA A 66 -24.68 8.98 -32.66
CA ALA A 66 -25.50 10.02 -32.08
C ALA A 66 -25.72 11.08 -33.13
N GLN A 67 -26.92 11.15 -33.68
CA GLN A 67 -27.15 12.02 -34.82
C GLN A 67 -27.87 13.31 -34.44
N HIS A 68 -28.75 13.22 -33.46
CA HIS A 68 -29.55 14.36 -33.02
C HIS A 68 -28.68 15.37 -32.33
N PRO A 69 -28.98 16.65 -32.51
CA PRO A 69 -28.19 17.71 -31.89
C PRO A 69 -28.22 17.61 -30.36
N ALA A 70 -29.39 17.30 -29.80
CA ALA A 70 -29.56 17.20 -28.36
C ALA A 70 -28.75 16.07 -27.77
N ALA A 71 -28.87 14.90 -28.38
CA ALA A 71 -28.12 13.73 -27.96
C ALA A 71 -26.64 14.03 -28.03
N ARG A 72 -26.22 14.66 -29.11
CA ARG A 72 -24.82 14.99 -29.29
C ARG A 72 -24.37 15.92 -28.18
N MET A 73 -25.25 16.82 -27.77
CA MET A 73 -24.91 17.70 -26.66
C MET A 73 -24.70 16.92 -25.39
N VAL A 74 -25.57 15.95 -25.12
CA VAL A 74 -25.41 15.11 -23.93
C VAL A 74 -24.13 14.30 -23.97
N VAL A 75 -23.79 13.78 -25.15
CA VAL A 75 -22.52 13.09 -25.28
C VAL A 75 -21.41 14.02 -24.87
N ASN A 76 -21.46 15.23 -25.40
CA ASN A 76 -20.45 16.21 -25.07
C ASN A 76 -20.35 16.49 -23.58
N MET A 77 -21.49 16.58 -22.93
CA MET A 77 -21.50 16.77 -21.50
C MET A 77 -20.78 15.63 -20.83
N ALA A 78 -21.04 14.41 -21.30
CA ALA A 78 -20.42 13.26 -20.71
C ALA A 78 -18.93 13.40 -20.84
N ARG A 79 -18.48 13.79 -22.02
CA ARG A 79 -17.06 14.00 -22.25
C ARG A 79 -16.48 14.97 -21.25
N ALA A 80 -17.22 16.04 -20.96
CA ALA A 80 -16.77 17.03 -20.00
C ALA A 80 -16.60 16.41 -18.62
N GLN A 81 -17.61 15.67 -18.19
CA GLN A 81 -17.54 15.02 -16.90
C GLN A 81 -16.32 14.12 -16.83
N GLU A 82 -16.04 13.40 -17.90
CA GLU A 82 -14.87 12.52 -17.95
C GLU A 82 -13.57 13.31 -17.86
N ARG A 83 -13.52 14.45 -18.53
CA ARG A 83 -12.33 15.27 -18.50
C ARG A 83 -12.05 15.78 -17.10
N GLU A 84 -13.12 16.17 -16.44
CA GLU A 84 -13.01 16.83 -15.16
C GLU A 84 -12.55 15.90 -14.04
N VAL A 85 -13.15 14.73 -13.95
CA VAL A 85 -12.85 13.84 -12.85
C VAL A 85 -12.54 12.43 -13.30
N GLY A 86 -13.18 11.97 -14.36
CA GLY A 86 -12.82 10.68 -14.92
C GLY A 86 -13.76 9.55 -14.56
N ASP A 87 -14.66 9.80 -13.62
CA ASP A 87 -15.70 8.87 -13.22
C ASP A 87 -17.05 9.54 -13.21
N GLY A 88 -18.10 8.78 -12.98
CA GLY A 88 -19.41 9.33 -12.74
C GLY A 88 -20.16 9.79 -13.96
N THR A 89 -19.78 9.27 -15.10
CA THR A 89 -20.40 9.66 -16.36
C THR A 89 -21.83 9.16 -16.53
N THR A 90 -22.05 7.88 -16.32
CA THR A 90 -23.38 7.30 -16.52
C THR A 90 -24.38 8.00 -15.61
N THR A 91 -23.94 8.32 -14.40
CA THR A 91 -24.77 9.02 -13.46
C THR A 91 -25.19 10.36 -14.00
N ALA A 92 -24.24 11.08 -14.57
CA ALA A 92 -24.46 12.41 -15.10
C ALA A 92 -25.44 12.37 -16.25
N ALA A 93 -25.34 11.34 -17.06
CA ALA A 93 -26.24 11.20 -18.18
C ALA A 93 -27.64 10.97 -17.70
N VAL A 94 -27.79 9.99 -16.82
CA VAL A 94 -29.10 9.65 -16.31
C VAL A 94 -29.78 10.81 -15.59
N LEU A 95 -29.00 11.51 -14.77
CA LEU A 95 -29.50 12.65 -14.05
C LEU A 95 -29.95 13.73 -14.99
N ALA A 96 -29.10 14.03 -15.97
CA ALA A 96 -29.43 15.03 -16.96
C ALA A 96 -30.74 14.71 -17.65
N GLY A 97 -30.87 13.47 -18.11
CA GLY A 97 -32.09 13.08 -18.78
C GLY A 97 -33.30 13.30 -17.92
N ALA A 98 -33.20 12.87 -16.67
CA ALA A 98 -34.28 13.03 -15.70
C ALA A 98 -34.69 14.50 -15.54
N LEU A 99 -33.70 15.35 -15.33
CA LEU A 99 -33.92 16.78 -15.24
C LEU A 99 -34.72 17.25 -16.42
N VAL A 100 -34.32 16.82 -17.62
CA VAL A 100 -35.00 17.26 -18.82
C VAL A 100 -36.44 16.84 -18.84
N SER A 101 -36.70 15.55 -18.67
CA SER A 101 -38.09 15.10 -18.75
C SER A 101 -38.96 15.78 -17.71
N GLU A 102 -38.44 15.92 -16.51
CA GLU A 102 -39.19 16.58 -15.44
C GLU A 102 -39.55 18.00 -15.86
N GLY A 103 -38.55 18.70 -16.37
CA GLY A 103 -38.72 20.06 -16.85
C GLY A 103 -39.78 20.15 -17.93
N VAL A 104 -39.74 19.23 -18.87
CA VAL A 104 -40.74 19.20 -19.92
C VAL A 104 -42.13 19.08 -19.33
N ASN A 105 -42.30 18.12 -18.42
CA ASN A 105 -43.59 17.94 -17.79
C ASN A 105 -44.10 19.20 -17.14
N GLN A 106 -43.25 19.84 -16.36
CA GLN A 106 -43.68 21.08 -15.72
C GLN A 106 -44.06 22.15 -16.76
N ILE A 107 -43.29 22.26 -17.83
CA ILE A 107 -43.61 23.24 -18.84
C ILE A 107 -44.94 22.94 -19.53
N LEU A 108 -45.26 21.66 -19.66
CA LEU A 108 -46.49 21.24 -20.32
C LEU A 108 -47.72 21.52 -19.49
N LYS A 109 -47.60 21.50 -18.17
CA LYS A 109 -48.76 21.85 -17.38
C LYS A 109 -48.92 23.36 -17.34
N GLY A 110 -48.04 24.07 -18.04
CA GLY A 110 -48.20 25.50 -18.20
C GLY A 110 -47.25 26.41 -17.44
N VAL A 111 -46.25 25.83 -16.80
CA VAL A 111 -45.28 26.66 -16.10
C VAL A 111 -44.37 27.35 -17.09
N PRO A 112 -44.22 28.66 -16.96
CA PRO A 112 -43.32 29.39 -17.84
C PRO A 112 -41.92 28.83 -17.80
N VAL A 113 -41.32 28.68 -18.98
CA VAL A 113 -39.98 28.15 -19.12
C VAL A 113 -39.01 28.87 -18.22
N SER A 114 -39.04 30.18 -18.31
CA SER A 114 -38.25 31.06 -17.49
C SER A 114 -38.29 30.67 -16.01
N LYS A 115 -39.49 30.41 -15.50
CA LYS A 115 -39.65 30.13 -14.10
C LYS A 115 -39.09 28.77 -13.74
N VAL A 116 -39.35 27.79 -14.61
CA VAL A 116 -38.78 26.47 -14.43
C VAL A 116 -37.27 26.57 -14.32
N LEU A 117 -36.64 27.27 -15.25
CA LEU A 117 -35.20 27.41 -15.26
C LEU A 117 -34.68 28.14 -14.05
N ALA A 118 -35.43 29.13 -13.58
CA ALA A 118 -35.03 29.86 -12.39
C ALA A 118 -35.00 28.91 -11.21
N GLY A 119 -36.11 28.20 -11.02
CA GLY A 119 -36.24 27.26 -9.93
C GLY A 119 -35.14 26.23 -9.98
N MET A 120 -34.90 25.68 -11.16
CA MET A 120 -33.86 24.69 -11.34
C MET A 120 -32.51 25.25 -11.00
N ASN A 121 -32.26 26.50 -11.35
CA ASN A 121 -30.97 27.11 -11.03
C ASN A 121 -30.80 27.22 -9.54
N ARG A 122 -31.86 27.64 -8.88
CA ARG A 122 -31.83 27.78 -7.45
C ARG A 122 -31.52 26.46 -6.79
N ALA A 123 -32.23 25.44 -7.24
CA ALA A 123 -32.02 24.09 -6.75
C ALA A 123 -30.59 23.66 -6.95
N LEU A 124 -30.07 23.91 -8.15
CA LEU A 124 -28.71 23.51 -8.50
C LEU A 124 -27.71 24.09 -7.54
N ASN A 125 -27.84 25.38 -7.27
CA ASN A 125 -26.88 26.04 -6.43
C ASN A 125 -26.96 25.52 -5.01
N HIS A 126 -28.18 25.29 -4.55
CA HIS A 126 -28.37 24.74 -3.22
C HIS A 126 -27.72 23.38 -3.12
N ALA A 127 -27.93 22.57 -4.14
CA ALA A 127 -27.36 21.24 -4.20
C ALA A 127 -25.85 21.34 -4.09
N LEU A 128 -25.21 22.12 -4.94
CA LEU A 128 -23.76 22.21 -4.90
C LEU A 128 -23.26 22.66 -3.54
N PHE A 129 -23.96 23.61 -2.95
CA PHE A 129 -23.59 24.06 -1.61
C PHE A 129 -23.59 22.88 -0.64
N LEU A 130 -24.69 22.14 -0.63
CA LEU A 130 -24.85 21.01 0.27
C LEU A 130 -23.85 19.91 0.02
N ILE A 131 -23.47 19.76 -1.24
CA ILE A 131 -22.50 18.76 -1.63
C ILE A 131 -21.16 19.11 -1.06
N ARG A 132 -20.75 20.35 -1.25
CA ARG A 132 -19.47 20.77 -0.74
C ARG A 132 -19.46 20.76 0.79
N LYS A 133 -20.55 21.14 1.42
CA LYS A 133 -20.61 21.24 2.88
C LYS A 133 -20.40 19.91 3.55
N ASN A 134 -21.03 18.88 3.00
CA ASN A 134 -21.02 17.57 3.62
C ASN A 134 -19.88 16.66 3.22
N ALA A 135 -18.97 17.14 2.38
CA ALA A 135 -17.82 16.34 1.98
C ALA A 135 -17.05 15.90 3.19
N ILE A 136 -16.80 14.61 3.26
CA ILE A 136 -16.05 14.02 4.34
C ILE A 136 -14.60 13.91 3.95
N LYS A 137 -13.75 14.69 4.60
CA LYS A 137 -12.36 14.81 4.19
C LYS A 137 -11.49 13.64 4.65
N VAL A 138 -10.41 13.41 3.91
CA VAL A 138 -9.47 12.36 4.18
C VAL A 138 -8.11 12.96 4.54
N GLY A 139 -7.42 12.38 5.51
CA GLY A 139 -6.14 12.96 5.91
C GLY A 139 -4.91 12.12 5.62
N SER A 140 -5.08 11.00 4.95
CA SER A 140 -3.93 10.14 4.71
C SER A 140 -4.01 9.52 3.36
N ILE A 141 -2.88 9.06 2.84
CA ILE A 141 -2.95 8.44 1.54
C ILE A 141 -3.33 6.99 1.84
N THR A 142 -3.45 6.68 3.12
CA THR A 142 -3.67 5.31 3.57
C THR A 142 -5.10 5.07 4.02
N ASP A 143 -5.83 6.14 4.27
CA ASP A 143 -7.16 6.08 4.82
C ASP A 143 -7.98 4.99 4.17
N ASP A 144 -8.71 4.21 4.95
CA ASP A 144 -9.47 3.10 4.39
C ASP A 144 -10.58 3.59 3.48
N ARG A 145 -10.88 4.88 3.55
CA ARG A 145 -11.91 5.49 2.72
C ARG A 145 -11.42 5.79 1.30
N LEU A 146 -10.13 6.03 1.15
CA LEU A 146 -9.54 6.18 -0.17
C LEU A 146 -9.58 4.88 -0.91
N LEU A 147 -9.16 3.82 -0.24
CA LEU A 147 -9.21 2.51 -0.83
C LEU A 147 -10.66 2.14 -1.09
N ALA A 148 -11.57 2.54 -0.22
CA ALA A 148 -12.97 2.27 -0.48
C ALA A 148 -13.43 2.93 -1.77
N ALA A 149 -13.12 4.20 -1.95
CA ALA A 149 -13.49 4.90 -3.17
C ALA A 149 -12.94 4.19 -4.38
N ALA A 150 -11.68 3.78 -4.28
CA ALA A 150 -11.00 3.10 -5.36
C ALA A 150 -11.66 1.79 -5.68
N LYS A 151 -12.13 1.09 -4.66
CA LYS A 151 -12.77 -0.19 -4.85
C LYS A 151 -14.08 -0.03 -5.56
N ILE A 152 -14.88 0.92 -5.11
CA ILE A 152 -16.21 1.11 -5.66
C ILE A 152 -16.16 1.57 -7.08
N ALA A 153 -15.29 2.53 -7.36
CA ALA A 153 -15.18 3.02 -8.71
C ALA A 153 -14.62 1.94 -9.58
N GLY A 154 -13.82 1.08 -8.97
CA GLY A 154 -13.20 -0.04 -9.65
C GLY A 154 -14.12 -1.20 -9.84
N ARG A 155 -15.40 -1.00 -9.54
CA ARG A 155 -16.43 -1.99 -9.77
C ARG A 155 -16.25 -3.25 -8.94
N GLY A 156 -15.67 -3.10 -7.76
CA GLY A 156 -15.58 -4.19 -6.81
C GLY A 156 -14.23 -4.87 -6.72
N ASP A 157 -13.30 -4.47 -7.57
CA ASP A 157 -11.98 -5.07 -7.60
C ASP A 157 -11.07 -4.53 -6.51
N GLU A 158 -10.77 -5.35 -5.53
CA GLU A 158 -9.96 -4.92 -4.41
C GLU A 158 -8.49 -5.07 -4.71
N ARG A 159 -8.17 -5.99 -5.62
CA ARG A 159 -6.79 -6.19 -6.03
C ARG A 159 -6.24 -4.90 -6.63
N VAL A 160 -6.98 -4.36 -7.59
CA VAL A 160 -6.56 -3.14 -8.27
C VAL A 160 -6.50 -1.99 -7.30
N ALA A 161 -7.50 -1.90 -6.44
CA ALA A 161 -7.55 -0.83 -5.46
C ALA A 161 -6.33 -0.82 -4.58
N ALA A 162 -5.94 -1.98 -4.08
CA ALA A 162 -4.75 -2.07 -3.27
C ALA A 162 -3.52 -1.63 -4.07
N ILE A 163 -3.48 -2.03 -5.33
CA ILE A 163 -2.35 -1.61 -6.18
C ILE A 163 -2.25 -0.10 -6.32
N LEU A 164 -3.36 0.55 -6.60
CA LEU A 164 -3.40 2.00 -6.76
C LEU A 164 -3.12 2.74 -5.47
N ARG A 165 -3.62 2.23 -4.35
CA ARG A 165 -3.27 2.84 -3.08
C ARG A 165 -1.77 2.79 -2.92
N ASP A 166 -1.20 1.61 -3.11
CA ASP A 166 0.24 1.42 -2.95
C ASP A 166 1.05 2.31 -3.88
N ALA A 167 0.54 2.51 -5.08
CA ALA A 167 1.24 3.31 -6.09
C ALA A 167 1.14 4.78 -5.79
N ALA A 168 -0.07 5.23 -5.53
CA ALA A 168 -0.32 6.61 -5.15
C ALA A 168 0.56 7.00 -3.99
N ALA A 169 0.76 6.06 -3.07
CA ALA A 169 1.62 6.28 -1.93
C ALA A 169 3.04 6.67 -2.32
N MET A 170 3.61 6.02 -3.33
CA MET A 170 4.97 6.32 -3.75
C MET A 170 5.12 7.71 -4.33
N LEU A 171 4.00 8.35 -4.66
CA LEU A 171 4.02 9.68 -5.23
C LEU A 171 3.79 10.73 -4.17
N GLU A 172 2.51 10.93 -3.85
CA GLU A 172 2.05 11.97 -2.91
C GLU A 172 2.41 13.39 -3.39
N ASP A 173 3.70 13.61 -3.66
CA ASP A 173 4.20 14.89 -4.18
C ASP A 173 3.49 15.26 -5.49
N LYS A 174 3.22 14.25 -6.31
CA LYS A 174 2.59 14.45 -7.61
C LYS A 174 1.09 14.74 -7.57
N LEU A 175 0.38 14.17 -6.62
CA LEU A 175 -1.07 14.34 -6.58
C LEU A 175 -1.46 15.75 -6.30
N GLN A 176 -0.50 16.53 -5.85
CA GLN A 176 -0.79 17.86 -5.36
C GLN A 176 -1.05 18.79 -6.53
N ASP A 177 -0.55 18.43 -7.69
CA ASP A 177 -0.76 19.19 -8.92
C ASP A 177 -2.11 18.90 -9.55
N PRO A 178 -2.95 19.94 -9.70
CA PRO A 178 -4.28 19.70 -10.28
C PRO A 178 -4.20 19.19 -11.71
N GLY A 179 -2.99 19.07 -12.25
CA GLY A 179 -2.84 18.62 -13.61
C GLY A 179 -2.33 17.22 -13.73
N PHE A 180 -2.12 16.56 -12.60
CA PHE A 180 -1.59 15.21 -12.58
C PHE A 180 -2.72 14.20 -12.60
N LYS A 181 -2.87 13.50 -13.71
CA LYS A 181 -3.84 12.44 -13.77
C LYS A 181 -3.22 11.16 -13.23
N LEU A 182 -3.73 10.66 -12.11
CA LEU A 182 -3.19 9.44 -11.55
C LEU A 182 -3.31 8.31 -12.55
N ALA A 183 -4.41 8.31 -13.30
CA ALA A 183 -4.70 7.27 -14.25
C ALA A 183 -3.64 7.21 -15.35
N ASP A 184 -2.82 8.23 -15.46
CA ASP A 184 -1.73 8.22 -16.43
C ASP A 184 -0.73 7.13 -16.14
N LEU A 185 -0.84 6.55 -14.96
CA LEU A 185 0.09 5.51 -14.53
C LEU A 185 -0.29 4.13 -15.05
N VAL A 186 -1.53 3.98 -15.48
CA VAL A 186 -2.03 2.71 -15.95
C VAL A 186 -1.48 2.32 -17.32
N LEU A 187 -1.16 1.04 -17.51
CA LEU A 187 -0.66 0.54 -18.77
C LEU A 187 -1.20 -0.85 -19.02
N ALA A 188 -1.80 -1.10 -20.18
CA ALA A 188 -2.44 -2.40 -20.42
C ALA A 188 -1.65 -3.27 -21.35
N LYS A 189 -1.54 -4.56 -21.01
CA LYS A 189 -0.77 -5.52 -21.82
C LYS A 189 -1.44 -6.85 -21.86
N VAL A 190 -1.75 -7.36 -23.05
CA VAL A 190 -2.37 -8.65 -23.18
C VAL A 190 -1.43 -9.76 -22.78
N GLY A 191 -1.94 -10.73 -22.06
CA GLY A 191 -1.14 -11.86 -21.65
C GLY A 191 -0.25 -11.52 -20.47
N ALA A 192 -0.46 -10.34 -19.92
CA ALA A 192 0.21 -9.95 -18.71
C ALA A 192 -0.63 -10.37 -17.52
N ASP A 193 -0.09 -10.18 -16.33
CA ASP A 193 -0.82 -10.41 -15.09
C ASP A 193 -0.92 -9.10 -14.34
N THR A 194 -2.08 -8.78 -13.83
CA THR A 194 -2.28 -7.50 -13.15
C THR A 194 -1.39 -7.37 -11.94
N THR A 195 -0.56 -6.34 -11.93
CA THR A 195 0.43 -6.18 -10.88
C THR A 195 0.99 -4.79 -10.77
N LEU A 196 1.59 -4.48 -9.62
CA LEU A 196 2.19 -3.19 -9.39
C LEU A 196 3.65 -3.27 -9.75
N ILE A 197 4.12 -2.37 -10.59
CA ILE A 197 5.53 -2.34 -10.92
C ILE A 197 6.16 -1.07 -10.41
N PRO A 198 7.17 -1.19 -9.56
CA PRO A 198 7.80 -0.02 -8.97
C PRO A 198 8.79 0.66 -9.88
N GLY A 199 8.44 0.82 -11.13
CA GLY A 199 9.30 1.48 -12.07
C GLY A 199 8.52 1.95 -13.26
N VAL A 200 9.20 2.18 -14.36
CA VAL A 200 8.50 2.60 -15.57
C VAL A 200 8.72 1.56 -16.63
N VAL A 201 7.77 1.39 -17.54
CA VAL A 201 7.96 0.40 -18.59
C VAL A 201 8.06 1.06 -19.95
N ILE A 202 8.99 0.56 -20.74
CA ILE A 202 9.06 0.92 -22.14
C ILE A 202 8.41 -0.18 -22.92
N ASN A 203 7.27 0.11 -23.53
CA ASN A 203 6.44 -0.95 -24.05
C ASN A 203 6.89 -1.45 -25.41
N LYS A 204 8.20 -1.62 -25.54
CA LYS A 204 8.83 -1.93 -26.81
C LYS A 204 9.97 -2.92 -26.58
N SER A 205 10.37 -3.65 -27.60
CA SER A 205 11.57 -4.48 -27.53
C SER A 205 12.79 -3.67 -27.92
N PRO A 206 13.94 -3.95 -27.30
CA PRO A 206 15.17 -3.25 -27.67
C PRO A 206 15.53 -3.48 -29.12
N LEU A 207 16.48 -2.71 -29.63
CA LEU A 207 16.89 -2.80 -31.02
C LEU A 207 17.48 -4.16 -31.36
N TRP A 208 18.24 -4.72 -30.42
CA TRP A 208 18.83 -6.04 -30.56
C TRP A 208 18.50 -6.93 -29.37
N GLU A 209 17.80 -8.02 -29.61
CA GLU A 209 17.35 -8.92 -28.54
C GLU A 209 17.83 -10.33 -28.76
N GLU A 210 18.35 -10.99 -27.73
CA GLU A 210 18.73 -12.39 -27.87
C GLU A 210 17.94 -13.30 -26.92
N GLY A 211 16.75 -12.84 -26.52
CA GLY A 211 15.94 -13.51 -25.53
C GLY A 211 15.83 -12.60 -24.34
N SER A 212 15.04 -12.97 -23.33
CA SER A 212 14.85 -12.13 -22.14
C SER A 212 16.18 -11.77 -21.54
N GLN A 213 16.27 -10.60 -20.91
CA GLN A 213 17.59 -10.14 -20.47
C GLN A 213 17.54 -9.23 -19.28
N LYS A 214 18.39 -9.46 -18.29
CA LYS A 214 18.38 -8.64 -17.11
C LYS A 214 19.68 -7.93 -16.85
N LEU A 215 19.57 -6.64 -16.58
CA LEU A 215 20.67 -5.75 -16.36
C LEU A 215 20.62 -5.18 -14.97
N GLN A 216 21.77 -5.07 -14.31
CA GLN A 216 21.79 -4.44 -13.01
C GLN A 216 22.78 -3.35 -13.01
N GLU A 217 22.60 -2.39 -12.10
CA GLU A 217 23.54 -1.31 -11.97
C GLU A 217 23.66 -0.57 -13.28
N VAL A 218 22.54 -0.07 -13.76
CA VAL A 218 22.48 0.51 -15.08
C VAL A 218 22.74 2.00 -15.08
N ARG A 219 23.82 2.41 -15.74
CA ARG A 219 24.04 3.82 -16.01
C ARG A 219 23.45 4.06 -17.38
N LEU A 220 22.43 4.89 -17.54
CA LEU A 220 21.79 4.99 -18.84
C LEU A 220 21.81 6.38 -19.41
N LEU A 221 21.82 6.50 -20.73
CA LEU A 221 21.79 7.78 -21.42
C LEU A 221 20.56 7.90 -22.28
N VAL A 222 19.82 8.99 -22.15
CA VAL A 222 18.55 9.14 -22.88
C VAL A 222 18.54 10.36 -23.80
N LEU A 223 18.07 10.19 -25.03
CA LEU A 223 18.13 11.24 -26.05
C LEU A 223 16.78 11.61 -26.66
N ASP A 224 16.48 12.90 -26.72
CA ASP A 224 15.34 13.39 -27.52
C ASP A 224 15.85 13.75 -28.91
N ASP A 225 16.44 12.76 -29.55
CA ASP A 225 17.07 12.90 -30.84
C ASP A 225 17.29 11.48 -31.34
N GLY A 226 18.16 11.31 -32.31
CA GLY A 226 18.52 9.98 -32.74
C GLY A 226 20.02 9.99 -32.71
N LEU A 227 20.63 8.83 -32.64
CA LEU A 227 22.08 8.76 -32.55
C LEU A 227 22.75 8.82 -33.90
N TYR A 228 22.88 10.01 -34.45
CA TYR A 228 23.47 10.18 -35.77
C TYR A 228 24.56 11.25 -35.66
N PRO A 229 25.48 11.29 -36.62
CA PRO A 229 26.42 12.39 -36.62
C PRO A 229 25.73 13.68 -36.93
N GLU A 230 26.35 14.83 -36.66
CA GLU A 230 25.74 16.10 -37.01
C GLU A 230 25.63 16.23 -38.50
N GLU A 231 24.44 16.52 -39.00
CA GLU A 231 24.19 16.44 -40.41
C GLU A 231 24.74 17.62 -41.14
N VAL A 232 24.92 17.44 -42.44
CA VAL A 232 25.32 18.49 -43.34
C VAL A 232 24.32 18.49 -44.47
N GLU A 233 23.71 19.63 -44.75
CA GLU A 233 22.64 19.68 -45.74
C GLU A 233 23.15 19.05 -47.02
N GLU A 234 22.27 18.38 -47.74
CA GLU A 234 22.68 17.58 -48.87
C GLU A 234 23.37 18.42 -49.94
N GLU A 235 22.86 19.62 -50.19
CA GLU A 235 23.42 20.48 -51.23
C GLU A 235 24.87 20.81 -50.96
N ALA A 236 25.13 21.23 -49.73
CA ALA A 236 26.45 21.71 -49.33
C ALA A 236 27.57 20.73 -49.59
N LEU A 237 27.24 19.47 -49.85
CA LEU A 237 28.26 18.46 -50.04
C LEU A 237 28.94 18.61 -51.38
N ALA A 238 28.51 19.58 -52.17
CA ALA A 238 29.14 19.79 -53.45
C ALA A 238 30.21 20.84 -53.35
N SER A 239 30.68 21.07 -52.13
CA SER A 239 31.44 22.28 -51.84
C SER A 239 32.66 22.09 -50.99
N GLU A 240 33.39 21.01 -51.16
CA GLU A 240 34.68 20.86 -50.46
C GLU A 240 34.61 21.10 -48.96
N ALA A 241 34.51 22.36 -48.55
CA ALA A 241 34.39 22.70 -47.15
C ALA A 241 33.24 21.96 -46.50
N GLY A 242 32.13 21.88 -47.21
CA GLY A 242 30.98 21.14 -46.74
C GLY A 242 31.36 19.71 -46.49
N PHE A 243 31.95 19.09 -47.50
CA PHE A 243 32.31 17.70 -47.38
C PHE A 243 33.36 17.50 -46.33
N GLU A 244 34.37 18.37 -46.32
CA GLU A 244 35.43 18.25 -45.34
C GLU A 244 34.88 18.27 -43.94
N GLN A 245 33.78 18.99 -43.74
CA GLN A 245 33.21 18.95 -42.42
C GLN A 245 32.37 17.70 -42.21
N TYR A 246 31.72 17.21 -43.27
CA TYR A 246 31.07 15.90 -43.17
C TYR A 246 32.06 14.92 -42.58
N LEU A 247 33.26 14.90 -43.14
CA LEU A 247 34.31 14.05 -42.63
C LEU A 247 34.65 14.37 -41.19
N LYS A 248 34.89 15.65 -40.92
CA LYS A 248 35.41 16.05 -39.63
C LYS A 248 34.46 15.62 -38.52
N ASN A 249 33.18 15.88 -38.69
CA ASN A 249 32.28 15.51 -37.63
C ASN A 249 31.69 14.17 -37.91
N GLN A 250 32.33 13.43 -38.81
CA GLN A 250 32.16 11.99 -38.83
C GLN A 250 33.16 11.34 -37.92
N LYS A 251 34.34 11.95 -37.81
CA LYS A 251 35.35 11.54 -36.85
C LYS A 251 34.88 11.87 -35.43
N ILE A 252 34.33 13.07 -35.26
CA ILE A 252 33.91 13.49 -33.94
C ILE A 252 32.82 12.59 -33.39
N PHE A 253 32.02 12.01 -34.26
CA PHE A 253 31.00 11.11 -33.81
C PHE A 253 31.62 9.86 -33.18
N GLN A 254 32.55 9.25 -33.88
CA GLN A 254 33.18 8.03 -33.39
C GLN A 254 33.87 8.24 -32.05
N GLU A 255 34.59 9.34 -31.92
CA GLU A 255 35.21 9.65 -30.67
C GLU A 255 34.14 9.83 -29.56
N ASN A 256 33.03 10.46 -29.90
CA ASN A 256 31.94 10.58 -28.91
C ASN A 256 31.44 9.22 -28.44
N LEU A 257 31.32 8.27 -29.35
CA LEU A 257 30.92 6.95 -28.91
C LEU A 257 31.94 6.36 -27.95
N LYS A 258 33.23 6.55 -28.24
CA LYS A 258 34.22 6.04 -27.30
C LYS A 258 33.96 6.63 -25.92
N LYS A 259 33.60 7.91 -25.89
CA LYS A 259 33.19 8.57 -24.65
C LYS A 259 32.10 7.76 -23.97
N LEU A 260 31.10 7.33 -24.74
CA LEU A 260 30.04 6.51 -24.16
C LEU A 260 30.60 5.26 -23.52
N LYS A 261 31.62 4.66 -24.09
CA LYS A 261 32.08 3.43 -23.49
C LYS A 261 32.85 3.70 -22.22
N GLU A 262 33.60 4.78 -22.23
CA GLU A 262 34.36 5.15 -21.05
C GLU A 262 33.45 5.46 -19.89
N LEU A 263 32.27 5.96 -20.18
CA LEU A 263 31.37 6.30 -19.09
C LEU A 263 30.63 5.09 -18.53
N GLY A 264 30.73 3.98 -19.23
CA GLY A 264 30.13 2.77 -18.73
C GLY A 264 28.65 2.69 -18.97
N VAL A 265 28.13 3.46 -19.91
CA VAL A 265 26.72 3.41 -20.24
C VAL A 265 26.34 2.04 -20.71
N LYS A 266 25.25 1.50 -20.21
CA LYS A 266 24.87 0.15 -20.55
C LYS A 266 23.47 0.11 -21.12
N LEU A 267 22.83 1.27 -21.19
CA LEU A 267 21.51 1.38 -21.79
C LEU A 267 21.32 2.75 -22.40
N ILE A 268 20.71 2.80 -23.58
CA ILE A 268 20.45 4.04 -24.29
C ILE A 268 19.01 4.11 -24.74
N LEU A 269 18.31 5.19 -24.44
CA LEU A 269 16.96 5.36 -24.94
C LEU A 269 16.85 6.56 -25.87
N LEU A 270 16.20 6.37 -27.01
CA LEU A 270 16.13 7.37 -28.05
C LEU A 270 14.70 7.61 -28.50
N THR A 271 14.36 8.82 -28.88
CA THR A 271 13.03 9.07 -29.45
C THR A 271 13.08 9.06 -30.98
N ARG A 272 14.27 8.97 -31.54
CA ARG A 272 14.42 8.83 -32.98
C ARG A 272 15.22 7.56 -33.29
N GLY A 273 16.05 7.57 -34.32
CA GLY A 273 16.70 6.35 -34.78
C GLY A 273 18.14 6.17 -34.40
N ILE A 274 18.83 5.24 -35.03
CA ILE A 274 20.24 5.03 -34.74
C ILE A 274 21.04 4.75 -35.98
N SER A 275 22.21 5.37 -36.07
CA SER A 275 23.08 5.17 -37.20
C SER A 275 23.57 3.74 -37.18
N ASP A 276 23.93 3.21 -38.33
CA ASP A 276 24.44 1.85 -38.36
C ASP A 276 25.78 1.74 -37.66
N ILE A 277 26.61 2.74 -37.81
CA ILE A 277 27.92 2.75 -37.17
C ILE A 277 27.78 2.63 -35.66
N ALA A 278 26.83 3.40 -35.13
CA ALA A 278 26.54 3.37 -33.72
C ALA A 278 25.93 2.05 -33.35
N GLU A 279 24.97 1.57 -34.13
CA GLU A 279 24.37 0.28 -33.80
C GLU A 279 25.44 -0.78 -33.64
N GLU A 280 26.43 -0.78 -34.53
CA GLU A 280 27.51 -1.74 -34.36
C GLU A 280 28.26 -1.47 -33.08
N PHE A 281 28.53 -0.19 -32.80
CA PHE A 281 29.25 0.14 -31.58
C PHE A 281 28.57 -0.44 -30.36
N CYS A 282 27.25 -0.38 -30.35
CA CYS A 282 26.48 -0.90 -29.23
C CYS A 282 26.50 -2.41 -29.20
N TYR A 283 26.37 -3.06 -30.35
CA TYR A 283 26.44 -4.51 -30.36
C TYR A 283 27.74 -4.98 -29.78
N GLU A 284 28.84 -4.38 -30.20
CA GLU A 284 30.15 -4.88 -29.79
C GLU A 284 30.47 -4.59 -28.33
N ASN A 285 29.86 -3.56 -27.78
CA ASN A 285 30.11 -3.26 -26.39
C ASN A 285 28.88 -3.48 -25.54
N GLU A 286 28.01 -4.36 -25.99
CA GLU A 286 26.99 -4.96 -25.15
C GLU A 286 26.01 -3.94 -24.60
N ILE A 287 25.90 -2.80 -25.25
CA ILE A 287 25.01 -1.73 -24.81
C ILE A 287 23.64 -1.92 -25.39
N MET A 288 22.63 -2.04 -24.55
CA MET A 288 21.28 -2.25 -24.99
C MET A 288 20.70 -0.93 -25.41
N VAL A 289 19.90 -0.93 -26.46
CA VAL A 289 19.34 0.31 -26.98
C VAL A 289 17.87 0.12 -27.32
N ILE A 290 17.05 1.12 -27.06
CA ILE A 290 15.66 1.15 -27.52
C ILE A 290 15.41 2.40 -28.34
N THR A 291 14.75 2.26 -29.48
CA THR A 291 14.50 3.43 -30.32
C THR A 291 13.05 3.83 -30.30
N ARG A 292 12.75 5.02 -30.78
CA ARG A 292 11.37 5.45 -30.97
C ARG A 292 10.54 5.29 -29.72
N ILE A 293 10.91 5.94 -28.62
CA ILE A 293 10.08 5.88 -27.43
C ILE A 293 9.07 7.02 -27.38
N THR A 294 7.95 6.79 -26.71
CA THR A 294 6.86 7.73 -26.65
C THR A 294 7.30 8.97 -25.93
N GLN A 295 6.53 10.04 -26.05
CA GLN A 295 6.81 11.22 -25.28
C GLN A 295 6.55 10.92 -23.83
N LYS A 296 5.46 10.21 -23.54
CA LYS A 296 5.17 9.79 -22.17
C LYS A 296 6.34 9.06 -21.58
N GLU A 297 6.76 8.03 -22.29
CA GLU A 297 7.84 7.18 -21.87
C GLU A 297 9.06 8.02 -21.64
N LEU A 298 9.32 8.98 -22.52
CA LEU A 298 10.48 9.85 -22.35
C LEU A 298 10.43 10.61 -21.05
N LYS A 299 9.34 11.32 -20.83
CA LYS A 299 9.22 12.14 -19.63
C LYS A 299 9.33 11.29 -18.38
N ARG A 300 8.66 10.16 -18.39
CA ARG A 300 8.66 9.30 -17.23
C ARG A 300 10.03 8.74 -16.93
N VAL A 301 10.72 8.21 -17.92
CA VAL A 301 12.03 7.65 -17.67
C VAL A 301 13.01 8.75 -17.28
N LEU A 302 12.76 9.95 -17.76
CA LEU A 302 13.61 11.03 -17.39
C LEU A 302 13.46 11.33 -15.91
N GLU A 303 12.23 11.46 -15.46
CA GLU A 303 11.98 11.79 -14.07
C GLU A 303 12.49 10.68 -13.18
N PHE A 304 12.11 9.47 -13.50
CA PHE A 304 12.45 8.29 -12.71
C PHE A 304 13.94 8.01 -12.64
N THR A 305 14.67 8.09 -13.73
CA THR A 305 16.08 7.72 -13.69
C THR A 305 16.95 8.87 -13.28
N GLY A 306 16.40 10.07 -13.30
CA GLY A 306 17.15 11.23 -12.94
C GLY A 306 18.13 11.62 -14.00
N ALA A 307 17.92 11.09 -15.19
CA ALA A 307 18.73 11.43 -16.32
C ALA A 307 18.29 12.77 -16.89
N ARG A 308 19.18 13.42 -17.62
CA ARG A 308 18.83 14.65 -18.30
C ARG A 308 18.76 14.36 -19.79
N ALA A 309 17.79 14.94 -20.48
CA ALA A 309 17.59 14.65 -21.88
C ALA A 309 18.64 15.28 -22.77
N ALA A 310 19.23 14.49 -23.66
CA ALA A 310 20.29 15.00 -24.52
C ALA A 310 19.95 14.90 -26.00
N LYS A 311 20.62 15.70 -26.81
CA LYS A 311 20.55 15.54 -28.25
C LYS A 311 21.94 15.12 -28.71
N ARG A 312 22.07 14.76 -29.96
CA ARG A 312 23.34 14.28 -30.47
C ARG A 312 24.47 15.24 -30.13
N THR A 313 24.20 16.53 -30.24
CA THR A 313 25.22 17.55 -30.03
C THR A 313 25.79 17.49 -28.63
N SER A 314 24.98 17.04 -27.69
CA SER A 314 25.38 16.92 -26.30
C SER A 314 26.52 15.96 -26.10
N LEU A 315 26.81 15.13 -27.08
CA LEU A 315 27.91 14.19 -26.89
C LEU A 315 29.25 14.87 -27.14
N ASN A 316 29.22 16.17 -27.41
CA ASN A 316 30.45 16.87 -27.69
C ASN A 316 31.09 17.50 -26.47
N LYS A 317 30.35 17.51 -25.37
CA LYS A 317 30.86 18.00 -24.11
C LYS A 317 32.07 17.19 -23.71
N PRO A 318 32.85 17.69 -22.75
CA PRO A 318 33.90 16.84 -22.20
C PRO A 318 33.27 15.63 -21.59
N VAL A 319 34.04 14.57 -21.47
CA VAL A 319 33.51 13.35 -20.89
C VAL A 319 32.97 13.61 -19.48
N GLU A 320 33.62 14.51 -18.77
CA GLU A 320 33.28 14.75 -17.38
C GLU A 320 31.93 15.40 -17.29
N GLU A 321 31.62 16.19 -18.30
CA GLU A 321 30.38 16.93 -18.32
C GLU A 321 29.23 16.04 -18.76
N LEU A 322 29.55 15.01 -19.52
CA LEU A 322 28.53 14.15 -20.06
C LEU A 322 28.03 13.28 -18.93
N GLN A 323 28.95 12.85 -18.08
CA GLN A 323 28.63 12.00 -16.93
C GLN A 323 27.52 12.58 -16.07
N LYS A 324 27.20 13.85 -16.27
CA LYS A 324 26.25 14.52 -15.41
C LYS A 324 24.86 14.38 -15.91
N MET A 325 24.68 14.08 -17.19
CA MET A 325 23.32 13.96 -17.69
C MET A 325 22.87 12.50 -17.78
N LEU A 326 23.74 11.59 -17.37
CA LEU A 326 23.36 10.19 -17.35
C LEU A 326 22.35 10.00 -16.25
N GLY A 327 21.64 8.88 -16.27
CA GLY A 327 20.71 8.55 -15.20
C GLY A 327 21.08 7.19 -14.69
N TYR A 328 20.44 6.72 -13.63
CA TYR A 328 20.83 5.44 -13.07
C TYR A 328 19.60 4.69 -12.68
N ALA A 329 19.59 3.40 -12.95
CA ALA A 329 18.53 2.55 -12.49
C ALA A 329 19.11 1.30 -11.87
N ARG A 330 18.48 0.83 -10.79
CA ARG A 330 18.99 -0.28 -10.03
C ARG A 330 19.00 -1.51 -10.91
N THR A 331 17.84 -1.85 -11.45
CA THR A 331 17.76 -2.96 -12.39
C THR A 331 16.91 -2.60 -13.58
N CYS A 332 17.06 -3.38 -14.64
CA CYS A 332 16.37 -3.16 -15.89
C CYS A 332 16.18 -4.48 -16.61
N PHE A 333 14.95 -4.82 -16.99
CA PHE A 333 14.64 -6.16 -17.45
C PHE A 333 13.83 -6.19 -18.74
N TYR A 334 14.33 -6.84 -19.78
CA TYR A 334 13.56 -7.00 -21.00
C TYR A 334 12.87 -8.34 -21.03
N ASP A 335 11.54 -8.31 -21.09
CA ASP A 335 10.71 -9.51 -21.05
C ASP A 335 10.42 -9.99 -22.46
N SER A 336 10.99 -11.14 -22.83
CA SER A 336 10.85 -11.63 -24.19
C SER A 336 9.44 -12.08 -24.48
N ARG A 337 8.66 -12.32 -23.45
CA ARG A 337 7.32 -12.86 -23.63
C ARG A 337 6.28 -11.79 -23.83
N LEU A 338 6.42 -10.69 -23.11
CA LEU A 338 5.43 -9.62 -23.14
C LEU A 338 5.95 -8.54 -24.06
N ASP A 339 7.19 -8.72 -24.47
CA ASP A 339 7.88 -7.78 -25.33
C ASP A 339 7.81 -6.36 -24.85
N PHE A 340 8.17 -6.13 -23.60
CA PHE A 340 8.48 -4.77 -23.19
C PHE A 340 9.66 -4.80 -22.24
N THR A 341 10.03 -3.62 -21.76
CA THR A 341 11.16 -3.43 -20.88
C THR A 341 10.77 -2.77 -19.59
N ILE A 342 11.38 -3.16 -18.50
CA ILE A 342 11.03 -2.64 -17.19
C ILE A 342 12.19 -2.00 -16.49
N ILE A 343 12.09 -0.72 -16.18
CA ILE A 343 13.14 -0.04 -15.46
C ILE A 343 12.74 0.12 -14.01
N GLU A 344 13.54 -0.39 -13.09
CA GLU A 344 13.22 -0.28 -11.67
C GLU A 344 14.36 0.25 -10.85
N GLY A 345 14.01 0.91 -9.75
CA GLY A 345 15.01 1.42 -8.83
C GLY A 345 15.74 2.61 -9.36
N GLY A 346 14.99 3.63 -9.76
CA GLY A 346 15.59 4.79 -10.36
C GLY A 346 16.14 5.74 -9.33
N ALA A 347 17.20 6.44 -9.70
CA ALA A 347 17.88 7.35 -8.80
C ALA A 347 17.20 8.67 -8.75
N GLY A 348 16.04 8.78 -9.38
CA GLY A 348 15.32 10.01 -9.41
C GLY A 348 14.11 9.86 -8.53
N LYS A 349 13.06 10.60 -8.83
CA LYS A 349 11.82 10.47 -8.09
C LYS A 349 11.35 9.06 -8.23
N ALA A 350 10.50 8.62 -7.34
CA ALA A 350 10.00 7.29 -7.46
C ALA A 350 8.64 7.38 -8.08
N THR A 351 8.25 6.33 -8.75
CA THR A 351 6.97 6.30 -9.44
C THR A 351 6.58 4.85 -9.61
N ALA A 352 5.45 4.62 -10.27
CA ALA A 352 4.95 3.27 -10.42
C ALA A 352 4.26 3.11 -11.75
N THR A 353 4.06 1.86 -12.13
CA THR A 353 3.33 1.52 -13.31
C THR A 353 2.28 0.53 -12.88
N VAL A 354 1.02 0.87 -13.05
CA VAL A 354 -0.04 -0.05 -12.70
C VAL A 354 -0.33 -0.95 -13.89
N LEU A 355 0.22 -2.16 -13.89
CA LEU A 355 0.10 -3.03 -15.05
C LEU A 355 -1.21 -3.81 -14.99
N ILE A 356 -1.98 -3.68 -16.06
CA ILE A 356 -3.28 -4.30 -16.18
C ILE A 356 -3.25 -5.37 -17.22
N GLY A 357 -3.51 -6.61 -16.85
CA GLY A 357 -3.35 -7.70 -17.79
C GLY A 357 -4.61 -8.46 -18.03
N ALA A 358 -4.71 -9.03 -19.22
CA ALA A 358 -5.84 -9.88 -19.61
C ALA A 358 -5.44 -10.71 -20.80
N ALA A 359 -6.32 -11.61 -21.21
CA ALA A 359 -6.04 -12.51 -22.29
C ALA A 359 -6.24 -11.91 -23.68
N THR A 360 -7.34 -11.20 -23.84
CA THR A 360 -7.75 -10.71 -25.14
C THR A 360 -7.77 -9.20 -25.20
N ASP A 361 -7.77 -8.65 -26.42
CA ASP A 361 -7.75 -7.22 -26.63
C ASP A 361 -8.95 -6.56 -26.01
N GLU A 362 -10.13 -7.10 -26.28
CA GLU A 362 -11.38 -6.53 -25.81
C GLU A 362 -11.41 -6.37 -24.30
N VAL A 363 -11.12 -7.48 -23.62
CA VAL A 363 -11.13 -7.51 -22.18
C VAL A 363 -10.07 -6.64 -21.54
N VAL A 364 -8.83 -6.68 -22.00
CA VAL A 364 -7.83 -5.85 -21.37
C VAL A 364 -8.18 -4.39 -21.61
N ASP A 365 -8.88 -4.10 -22.69
CA ASP A 365 -9.34 -2.73 -22.93
C ASP A 365 -10.34 -2.30 -21.86
N GLU A 366 -11.32 -3.17 -21.62
CA GLU A 366 -12.33 -2.84 -20.62
C GLU A 366 -11.79 -2.80 -19.20
N GLN A 367 -10.87 -3.69 -18.89
CA GLN A 367 -10.26 -3.74 -17.58
C GLN A 367 -9.40 -2.53 -17.38
N GLU A 368 -8.83 -2.04 -18.47
CA GLU A 368 -8.06 -0.81 -18.42
C GLU A 368 -8.97 0.37 -18.14
N ARG A 369 -10.12 0.42 -18.79
CA ARG A 369 -11.10 1.48 -18.51
C ARG A 369 -11.53 1.49 -17.06
N ILE A 370 -11.82 0.31 -16.53
CA ILE A 370 -12.14 0.20 -15.11
C ILE A 370 -10.99 0.66 -14.23
N ALA A 371 -9.78 0.26 -14.57
CA ALA A 371 -8.62 0.66 -13.80
C ALA A 371 -8.52 2.17 -13.75
N LYS A 372 -8.58 2.81 -14.90
CA LYS A 372 -8.45 4.26 -14.93
C LYS A 372 -9.56 4.97 -14.20
N ASP A 373 -10.78 4.47 -14.33
CA ASP A 373 -11.87 4.99 -13.53
C ASP A 373 -11.54 4.92 -12.03
N ALA A 374 -11.03 3.78 -11.58
CA ALA A 374 -10.69 3.61 -10.16
C ALA A 374 -9.56 4.54 -9.73
N ALA A 375 -8.55 4.71 -10.57
CA ALA A 375 -7.47 5.62 -10.26
C ALA A 375 -7.99 7.03 -10.12
N GLY A 376 -8.78 7.46 -11.09
CA GLY A 376 -9.36 8.78 -11.05
C GLY A 376 -10.18 9.04 -9.82
N SER A 377 -11.00 8.08 -9.41
CA SER A 377 -11.81 8.25 -8.21
C SER A 377 -10.97 8.21 -6.96
N PHE A 378 -9.85 7.49 -7.01
CA PHE A 378 -8.94 7.52 -5.90
C PHE A 378 -8.44 8.92 -5.74
N ALA A 379 -7.79 9.43 -6.76
CA ALA A 379 -7.21 10.76 -6.71
C ALA A 379 -8.24 11.80 -6.33
N ALA A 380 -9.42 11.71 -6.93
CA ALA A 380 -10.48 12.66 -6.66
C ALA A 380 -10.95 12.56 -5.22
N ALA A 381 -10.96 11.36 -4.67
CA ALA A 381 -11.31 11.21 -3.27
C ALA A 381 -10.27 11.92 -2.42
N TYR A 382 -9.00 11.64 -2.68
CA TYR A 382 -7.90 12.27 -1.96
C TYR A 382 -7.96 13.78 -2.04
N ARG A 383 -8.49 14.30 -3.13
CA ARG A 383 -8.51 15.74 -3.35
C ARG A 383 -9.74 16.43 -2.79
N SER A 384 -10.88 15.74 -2.79
CA SER A 384 -12.13 16.41 -2.49
C SER A 384 -13.00 15.75 -1.42
N GLY A 385 -12.55 14.64 -0.86
CA GLY A 385 -13.31 13.97 0.17
C GLY A 385 -14.30 12.97 -0.39
N VAL A 386 -15.11 12.38 0.48
CA VAL A 386 -16.09 11.40 0.04
C VAL A 386 -17.50 11.70 0.50
N LEU A 387 -18.47 10.94 -0.01
CA LEU A 387 -19.87 11.08 0.34
C LEU A 387 -20.54 9.72 0.24
N PRO A 388 -21.74 9.58 0.81
CA PRO A 388 -22.38 8.27 0.74
C PRO A 388 -22.94 7.93 -0.64
N GLY A 389 -22.51 6.79 -1.18
CA GLY A 389 -22.91 6.35 -2.50
C GLY A 389 -24.17 5.52 -2.51
N GLY A 390 -24.34 4.71 -3.54
CA GLY A 390 -25.48 3.83 -3.64
C GLY A 390 -26.65 4.61 -4.13
N GLY A 391 -26.39 5.89 -4.36
CA GLY A 391 -27.38 6.84 -4.78
C GLY A 391 -28.09 7.53 -3.65
N ALA A 392 -27.70 7.24 -2.41
CA ALA A 392 -28.37 7.76 -1.24
C ALA A 392 -28.24 9.28 -1.07
N PHE A 393 -27.02 9.79 -1.19
CA PHE A 393 -26.79 11.21 -0.96
C PHE A 393 -27.64 12.04 -1.87
N PHE A 394 -27.92 11.52 -3.05
CA PHE A 394 -28.86 12.15 -3.97
C PHE A 394 -30.23 12.23 -3.37
N LEU A 395 -30.65 11.20 -2.66
CA LEU A 395 -31.97 11.24 -2.08
C LEU A 395 -31.99 12.29 -1.01
N TYR A 396 -30.91 12.37 -0.25
CA TYR A 396 -30.79 13.44 0.74
C TYR A 396 -30.93 14.78 0.06
N LEU A 397 -30.24 14.99 -1.06
CA LEU A 397 -30.34 16.25 -1.77
C LEU A 397 -31.73 16.51 -2.30
N SER A 398 -32.47 15.47 -2.67
CA SER A 398 -33.82 15.66 -3.15
C SER A 398 -34.70 16.16 -2.02
N ARG A 399 -34.53 15.52 -0.88
CA ARG A 399 -35.27 15.87 0.32
C ARG A 399 -34.94 17.30 0.74
N GLU A 400 -33.67 17.68 0.59
CA GLU A 400 -33.23 19.03 0.88
C GLU A 400 -33.69 20.09 -0.11
N VAL A 401 -33.77 19.72 -1.37
CA VAL A 401 -34.17 20.66 -2.39
C VAL A 401 -35.66 20.91 -2.36
N GLU A 402 -36.44 19.86 -2.11
CA GLU A 402 -37.89 20.04 -2.03
C GLU A 402 -38.22 21.06 -0.97
N SER A 403 -37.38 21.15 0.05
CA SER A 403 -37.46 22.20 1.06
C SER A 403 -37.62 23.62 0.54
N LEU A 404 -36.94 23.94 -0.57
CA LEU A 404 -36.97 25.31 -1.05
C LEU A 404 -38.25 25.68 -1.77
N LYS A 405 -39.04 24.68 -2.14
CA LYS A 405 -40.29 24.86 -2.86
C LYS A 405 -41.07 25.94 -2.16
N ASN A 406 -41.05 25.78 -0.84
CA ASN A 406 -41.77 26.60 0.11
C ASN A 406 -41.04 27.91 0.43
N ARG A 407 -39.75 27.82 0.73
CA ARG A 407 -38.97 28.98 1.16
C ARG A 407 -38.93 30.14 0.16
N LEU A 408 -39.15 29.86 -1.12
CA LEU A 408 -39.42 30.93 -2.06
C LEU A 408 -40.75 30.66 -2.74
N PRO A 409 -41.72 31.60 -2.64
CA PRO A 409 -43.03 31.32 -3.23
C PRO A 409 -43.08 31.76 -4.68
N GLY A 410 -44.01 31.21 -5.44
CA GLY A 410 -44.10 31.49 -6.86
C GLY A 410 -44.04 30.23 -7.68
N MET A 411 -43.85 30.36 -8.98
CA MET A 411 -43.90 29.20 -9.85
C MET A 411 -42.55 28.57 -10.02
N GLU A 412 -41.54 29.25 -9.51
CA GLU A 412 -40.23 28.63 -9.44
C GLU A 412 -40.34 27.31 -8.70
N SER A 413 -41.32 27.22 -7.80
CA SER A 413 -41.54 26.01 -7.06
C SER A 413 -41.57 24.83 -7.99
N TYR A 414 -42.35 24.93 -9.07
CA TYR A 414 -42.46 23.82 -10.02
C TYR A 414 -41.09 23.41 -10.51
N GLY A 415 -40.31 24.39 -10.91
CA GLY A 415 -38.96 24.15 -11.36
C GLY A 415 -38.20 23.41 -10.29
N VAL A 416 -38.21 23.95 -9.08
CA VAL A 416 -37.52 23.32 -7.98
C VAL A 416 -38.00 21.89 -7.82
N MET A 417 -39.31 21.66 -7.90
CA MET A 417 -39.85 20.32 -7.73
C MET A 417 -39.23 19.40 -8.75
N ALA A 418 -39.14 19.86 -10.00
CA ALA A 418 -38.55 19.08 -11.07
C ALA A 418 -37.14 18.68 -10.70
N PHE A 419 -36.37 19.60 -10.15
CA PHE A 419 -35.03 19.25 -9.77
C PHE A 419 -35.11 18.20 -8.69
N SER A 420 -35.93 18.47 -7.69
CA SER A 420 -36.06 17.56 -6.57
C SER A 420 -36.41 16.18 -7.03
N GLU A 421 -37.43 16.09 -7.88
CA GLU A 421 -37.92 14.80 -8.37
C GLU A 421 -36.88 14.08 -9.21
N ALA A 422 -36.01 14.85 -9.85
CA ALA A 422 -35.01 14.31 -10.76
C ALA A 422 -33.84 13.63 -10.08
N LEU A 423 -33.47 14.11 -8.89
CA LEU A 423 -32.36 13.53 -8.14
C LEU A 423 -32.71 12.15 -7.63
N LYS A 424 -33.98 11.80 -7.74
CA LYS A 424 -34.48 10.54 -7.24
C LYS A 424 -34.19 9.42 -8.21
N VAL A 425 -33.85 9.78 -9.44
CA VAL A 425 -33.79 8.79 -10.51
C VAL A 425 -32.60 7.84 -10.51
N PRO A 426 -31.36 8.32 -10.29
CA PRO A 426 -30.26 7.36 -10.30
C PRO A 426 -30.48 6.20 -9.38
N PHE A 427 -30.86 6.45 -8.14
CA PHE A 427 -31.08 5.36 -7.24
C PHE A 427 -32.09 4.40 -7.79
N ARG A 428 -33.26 4.90 -8.15
CA ARG A 428 -34.35 4.05 -8.65
C ARG A 428 -33.86 3.18 -9.78
N VAL A 429 -33.09 3.77 -10.68
CA VAL A 429 -32.51 3.00 -11.76
C VAL A 429 -31.61 1.90 -11.24
N MET A 430 -30.66 2.20 -10.35
CA MET A 430 -29.72 1.18 -9.89
C MET A 430 -30.44 0.04 -9.20
N ALA A 431 -31.47 0.38 -8.45
CA ALA A 431 -32.29 -0.61 -7.76
C ALA A 431 -33.03 -1.49 -8.73
N GLU A 432 -33.64 -0.91 -9.76
CA GLU A 432 -34.34 -1.73 -10.72
C GLU A 432 -33.34 -2.60 -11.44
N ASN A 433 -32.17 -2.05 -11.72
CA ASN A 433 -31.11 -2.81 -12.35
C ASN A 433 -30.66 -3.96 -11.50
N ALA A 434 -30.86 -3.84 -10.20
CA ALA A 434 -30.43 -4.88 -9.30
C ALA A 434 -31.58 -5.80 -9.04
N GLY A 435 -32.68 -5.57 -9.73
CA GLY A 435 -33.82 -6.46 -9.66
C GLY A 435 -34.85 -6.16 -8.60
N PHE A 436 -34.72 -5.00 -7.97
CA PHE A 436 -35.67 -4.62 -6.95
C PHE A 436 -36.82 -3.81 -7.54
N ASN A 437 -37.87 -3.67 -6.77
CA ASN A 437 -38.93 -2.76 -7.12
C ASN A 437 -38.42 -1.38 -6.83
N GLY A 438 -37.95 -0.67 -7.83
CA GLY A 438 -37.29 0.59 -7.59
C GLY A 438 -38.07 1.59 -6.76
N LEU A 439 -39.33 1.80 -7.11
CA LEU A 439 -40.15 2.80 -6.47
C LEU A 439 -40.37 2.50 -5.01
N GLU A 440 -40.66 1.25 -4.73
CA GLU A 440 -40.82 0.83 -3.36
C GLU A 440 -39.58 1.09 -2.54
N LYS A 441 -38.44 0.63 -3.03
CA LYS A 441 -37.19 0.79 -2.30
C LYS A 441 -36.91 2.25 -2.11
N LEU A 442 -37.24 3.04 -3.11
CA LEU A 442 -37.06 4.47 -3.03
C LEU A 442 -37.85 5.04 -1.88
N GLY A 443 -39.15 4.81 -1.88
CA GLY A 443 -40.00 5.36 -0.84
C GLY A 443 -39.59 4.91 0.54
N ASP A 444 -39.42 3.61 0.68
CA ASP A 444 -39.02 3.03 1.95
C ASP A 444 -37.76 3.70 2.45
N LEU A 445 -36.75 3.77 1.58
CA LEU A 445 -35.47 4.33 1.95
C LEU A 445 -35.55 5.80 2.31
N MET A 446 -36.42 6.55 1.65
CA MET A 446 -36.51 7.96 1.97
C MET A 446 -37.09 8.14 3.35
N THR A 447 -38.22 7.47 3.57
CA THR A 447 -38.87 7.47 4.87
C THR A 447 -37.87 7.12 5.98
N LEU A 448 -37.18 6.01 5.78
CA LEU A 448 -36.19 5.55 6.72
C LEU A 448 -35.08 6.57 6.95
N GLN A 449 -34.61 7.18 5.88
CA GLN A 449 -33.54 8.16 5.98
C GLN A 449 -33.94 9.24 6.91
N VAL A 450 -35.19 9.65 6.82
CA VAL A 450 -35.62 10.69 7.72
C VAL A 450 -35.76 10.17 9.14
N GLN A 451 -36.35 8.99 9.30
CA GLN A 451 -36.63 8.47 10.62
C GLN A 451 -35.40 8.20 11.46
N LYS A 452 -34.35 7.70 10.85
CA LYS A 452 -33.15 7.43 11.62
C LYS A 452 -32.24 8.63 11.47
N ASN A 453 -32.75 9.67 10.84
CA ASN A 453 -32.01 10.89 10.59
C ASN A 453 -30.66 10.66 9.91
N ASN A 454 -30.43 9.45 9.39
CA ASN A 454 -29.17 9.15 8.76
C ASN A 454 -29.28 9.38 7.29
N TYR A 455 -28.65 10.45 6.82
CA TYR A 455 -28.73 10.82 5.43
C TYR A 455 -27.82 9.94 4.61
N ALA A 456 -27.22 8.93 5.24
CA ALA A 456 -26.32 8.03 4.55
C ALA A 456 -26.85 6.62 4.43
N LEU A 457 -28.10 6.40 4.76
CA LEU A 457 -28.65 5.07 4.63
C LEU A 457 -28.94 4.79 3.17
N GLY A 458 -28.47 3.66 2.68
CA GLY A 458 -28.69 3.26 1.30
C GLY A 458 -29.04 1.80 1.18
N LEU A 459 -29.20 1.32 -0.04
CA LEU A 459 -29.57 -0.07 -0.23
C LEU A 459 -28.36 -0.86 -0.68
N ASP A 460 -28.12 -1.98 -0.03
CA ASP A 460 -27.12 -2.93 -0.46
C ASP A 460 -27.73 -3.65 -1.62
N PHE A 461 -27.22 -3.45 -2.81
CA PHE A 461 -27.91 -3.97 -3.97
C PHE A 461 -27.72 -5.46 -4.07
N GLU A 462 -26.84 -6.00 -3.25
CA GLU A 462 -26.67 -7.43 -3.24
C GLU A 462 -27.58 -8.12 -2.25
N THR A 463 -27.60 -7.64 -1.01
CA THR A 463 -28.37 -8.28 0.04
C THR A 463 -29.84 -7.89 0.08
N GLY A 464 -30.13 -6.65 -0.24
CA GLY A 464 -31.50 -6.18 -0.21
C GLY A 464 -31.84 -5.52 1.10
N GLU A 465 -30.87 -5.44 1.99
CA GLU A 465 -31.08 -4.79 3.28
C GLU A 465 -30.54 -3.37 3.25
N PHE A 466 -31.15 -2.45 3.97
CA PHE A 466 -30.64 -1.09 4.06
C PHE A 466 -29.44 -1.04 4.98
N ILE A 467 -28.37 -0.40 4.55
CA ILE A 467 -27.19 -0.32 5.37
C ILE A 467 -26.69 1.10 5.40
N ASP A 468 -25.73 1.37 6.27
CA ASP A 468 -25.12 2.68 6.27
C ASP A 468 -23.99 2.63 5.30
N MET A 469 -24.12 3.42 4.24
CA MET A 469 -23.20 3.32 3.12
C MET A 469 -21.80 3.69 3.54
N ILE A 470 -21.64 4.77 4.28
CA ILE A 470 -20.30 5.16 4.67
C ILE A 470 -19.65 4.11 5.55
N ALA A 471 -20.42 3.51 6.45
CA ALA A 471 -19.89 2.45 7.28
C ALA A 471 -19.62 1.24 6.43
N GLY A 472 -20.53 1.02 5.48
CA GLY A 472 -20.44 -0.12 4.60
C GLY A 472 -19.33 -0.06 3.58
N GLY A 473 -18.58 1.04 3.59
CA GLY A 473 -17.42 1.18 2.73
C GLY A 473 -17.76 1.52 1.29
N VAL A 474 -18.97 2.02 1.09
CA VAL A 474 -19.46 2.34 -0.22
C VAL A 474 -19.54 3.84 -0.36
N VAL A 475 -18.48 4.45 -0.85
CA VAL A 475 -18.41 5.89 -0.91
C VAL A 475 -18.05 6.43 -2.30
N ASP A 476 -18.59 7.60 -2.63
CA ASP A 476 -18.30 8.24 -3.90
C ASP A 476 -17.42 9.42 -3.63
N PRO A 477 -16.50 9.74 -4.54
CA PRO A 477 -15.71 10.95 -4.32
C PRO A 477 -16.61 12.16 -4.37
N ALA A 478 -16.25 13.20 -3.64
CA ALA A 478 -17.13 14.35 -3.55
C ALA A 478 -17.16 15.09 -4.86
N GLU A 479 -15.99 15.32 -5.45
CA GLU A 479 -15.94 16.11 -6.65
C GLU A 479 -16.65 15.40 -7.79
N VAL A 480 -16.72 14.08 -7.73
CA VAL A 480 -17.42 13.35 -8.76
C VAL A 480 -18.89 13.69 -8.70
N VAL A 481 -19.43 13.80 -7.50
CA VAL A 481 -20.83 14.15 -7.35
C VAL A 481 -21.06 15.61 -7.73
N TYR A 482 -20.21 16.50 -7.24
CA TYR A 482 -20.36 17.92 -7.54
C TYR A 482 -20.33 18.12 -9.04
N GLN A 483 -19.36 17.54 -9.71
CA GLN A 483 -19.24 17.71 -11.14
C GLN A 483 -20.41 17.08 -11.83
N ALA A 484 -20.84 15.92 -11.37
CA ALA A 484 -21.96 15.26 -12.03
C ALA A 484 -23.23 16.12 -11.98
N VAL A 485 -23.56 16.61 -10.80
CA VAL A 485 -24.76 17.41 -10.65
C VAL A 485 -24.62 18.71 -11.42
N LYS A 486 -23.46 19.35 -11.32
CA LYS A 486 -23.22 20.61 -11.99
C LYS A 486 -23.37 20.47 -13.49
N ASN A 487 -22.78 19.43 -14.05
CA ASN A 487 -22.79 19.19 -15.49
C ASN A 487 -24.14 18.74 -16.03
N ALA A 488 -24.77 17.80 -15.38
CA ALA A 488 -26.08 17.37 -15.80
C ALA A 488 -27.05 18.54 -15.75
N SER A 489 -26.96 19.32 -14.69
CA SER A 489 -27.82 20.47 -14.56
C SER A 489 -27.56 21.46 -15.65
N GLU A 490 -26.30 21.74 -15.89
CA GLU A 490 -25.95 22.75 -16.86
C GLU A 490 -26.50 22.38 -18.22
N VAL A 491 -26.35 21.13 -18.62
CA VAL A 491 -26.84 20.76 -19.94
C VAL A 491 -28.37 20.73 -19.98
N ALA A 492 -29.02 20.20 -18.96
CA ALA A 492 -30.48 20.13 -19.02
C ALA A 492 -31.08 21.52 -19.06
N ILE A 493 -30.58 22.41 -18.24
CA ILE A 493 -31.06 23.76 -18.22
C ILE A 493 -30.83 24.42 -19.58
N SER A 494 -29.67 24.20 -20.16
CA SER A 494 -29.41 24.81 -21.46
C SER A 494 -30.34 24.27 -22.55
N LEU A 495 -30.73 23.00 -22.48
CA LEU A 495 -31.64 22.42 -23.47
C LEU A 495 -33.07 22.87 -23.30
N LEU A 496 -33.47 23.09 -22.07
CA LEU A 496 -34.84 23.47 -21.79
C LEU A 496 -35.11 24.88 -22.26
N LYS A 497 -34.07 25.69 -22.34
CA LYS A 497 -34.19 27.07 -22.77
C LYS A 497 -34.32 27.17 -24.28
N ILE A 498 -34.16 26.05 -24.96
CA ILE A 498 -34.26 25.98 -26.40
C ILE A 498 -35.69 25.94 -26.85
N ASN A 499 -36.03 26.78 -27.83
CA ASN A 499 -37.40 26.93 -28.28
C ASN A 499 -37.57 26.69 -29.75
N THR A 500 -36.46 26.75 -30.49
CA THR A 500 -36.55 26.64 -31.93
C THR A 500 -35.33 25.89 -32.47
N ILE A 501 -35.52 25.14 -33.55
CA ILE A 501 -34.42 24.39 -34.13
C ILE A 501 -34.27 24.63 -35.63
N ILE A 502 -33.07 24.95 -36.09
CA ILE A 502 -32.81 25.03 -37.52
C ILE A 502 -31.60 24.17 -37.89
N ILE B 10 -29.81 -1.73 -33.32
CA ILE B 10 -29.66 -1.59 -31.87
C ILE B 10 -30.44 -2.67 -31.12
N GLU B 11 -30.06 -3.94 -31.31
CA GLU B 11 -30.72 -5.07 -30.69
C GLU B 11 -30.52 -5.03 -29.18
N GLU B 12 -31.60 -5.26 -28.44
CA GLU B 12 -31.58 -5.12 -26.99
C GLU B 12 -32.32 -6.25 -26.29
N ARG B 13 -32.28 -6.23 -24.95
CA ARG B 13 -32.97 -7.18 -24.09
C ARG B 13 -32.55 -8.61 -24.35
N TYR B 14 -33.50 -9.54 -24.21
CA TYR B 14 -33.20 -10.95 -24.36
C TYR B 14 -32.72 -11.22 -25.77
N GLN B 15 -33.20 -10.44 -26.72
CA GLN B 15 -32.84 -10.66 -28.12
C GLN B 15 -31.48 -10.10 -28.43
N ALA B 16 -30.74 -9.72 -27.40
CA ALA B 16 -29.32 -9.51 -27.57
C ALA B 16 -28.65 -10.80 -27.18
N LEU B 17 -29.02 -11.30 -26.02
CA LEU B 17 -28.46 -12.53 -25.47
C LEU B 17 -28.69 -13.72 -26.39
N PHE B 18 -29.80 -13.70 -27.10
CA PHE B 18 -30.06 -14.71 -28.09
C PHE B 18 -29.09 -14.54 -29.23
N SER B 19 -29.07 -13.32 -29.79
CA SER B 19 -28.33 -13.03 -31.00
C SER B 19 -26.87 -13.35 -30.80
N ASN B 20 -26.39 -13.14 -29.58
CA ASN B 20 -25.07 -13.56 -29.17
C ASN B 20 -24.92 -15.07 -29.12
N ALA B 21 -25.71 -15.72 -28.27
CA ALA B 21 -25.55 -17.15 -28.02
C ALA B 21 -25.58 -17.92 -29.31
N ALA B 22 -26.57 -17.66 -30.13
CA ALA B 22 -26.68 -18.31 -31.43
C ALA B 22 -25.40 -18.15 -32.21
N ALA B 23 -24.92 -16.92 -32.30
CA ALA B 23 -23.73 -16.60 -33.05
C ALA B 23 -22.54 -17.42 -32.61
N VAL B 24 -22.49 -17.74 -31.32
CA VAL B 24 -21.40 -18.53 -30.79
C VAL B 24 -21.59 -20.00 -31.14
N LYS B 25 -22.82 -20.49 -31.04
CA LYS B 25 -23.10 -21.90 -31.23
C LYS B 25 -22.64 -22.31 -32.59
N ALA B 26 -23.08 -21.54 -33.58
CA ALA B 26 -22.77 -21.76 -34.98
C ALA B 26 -21.29 -21.89 -35.16
N LEU B 27 -20.54 -21.08 -34.44
CA LEU B 27 -19.09 -21.14 -34.54
C LEU B 27 -18.56 -22.43 -33.96
N THR B 28 -18.92 -22.69 -32.72
CA THR B 28 -18.34 -23.83 -32.02
C THR B 28 -18.70 -25.15 -32.70
N GLN B 29 -19.96 -25.29 -33.11
CA GLN B 29 -20.40 -26.46 -33.85
C GLN B 29 -19.37 -26.78 -34.90
N VAL B 30 -18.95 -25.77 -35.65
CA VAL B 30 -18.03 -25.98 -36.76
C VAL B 30 -16.71 -26.61 -36.36
N VAL B 31 -16.09 -26.15 -35.28
CA VAL B 31 -14.81 -26.73 -34.94
C VAL B 31 -14.98 -27.96 -34.10
N ALA B 32 -16.20 -28.23 -33.67
CA ALA B 32 -16.40 -29.34 -32.78
C ALA B 32 -16.01 -30.63 -33.46
N ASN B 33 -16.11 -30.66 -34.77
CA ASN B 33 -15.82 -31.87 -35.50
C ASN B 33 -14.33 -32.14 -35.61
N SER B 34 -13.51 -31.24 -35.14
CA SER B 34 -12.07 -31.39 -35.30
C SER B 34 -11.44 -31.78 -33.97
N LEU B 35 -12.25 -31.73 -32.92
CA LEU B 35 -11.76 -31.96 -31.58
C LEU B 35 -11.56 -33.42 -31.35
N GLY B 36 -10.35 -33.79 -30.95
CA GLY B 36 -10.10 -35.17 -30.60
C GLY B 36 -9.26 -35.93 -31.58
N PRO B 37 -9.01 -37.20 -31.27
CA PRO B 37 -8.16 -38.11 -32.04
C PRO B 37 -8.89 -38.64 -33.23
N LYS B 38 -10.20 -38.49 -33.21
CA LYS B 38 -11.02 -38.94 -34.31
C LYS B 38 -11.62 -37.73 -34.98
N GLY B 39 -11.09 -36.56 -34.67
CA GLY B 39 -11.59 -35.35 -35.28
C GLY B 39 -11.25 -35.31 -36.74
N LEU B 40 -12.10 -34.64 -37.51
CA LEU B 40 -11.96 -34.57 -38.95
C LEU B 40 -11.50 -33.20 -39.37
N ASP B 41 -11.12 -33.04 -40.63
CA ASP B 41 -10.52 -31.80 -41.13
C ASP B 41 -11.51 -30.83 -41.75
N ALA B 42 -11.03 -29.64 -42.07
CA ALA B 42 -11.87 -28.63 -42.65
C ALA B 42 -11.16 -27.99 -43.80
N MET B 43 -11.95 -27.62 -44.80
CA MET B 43 -11.44 -27.06 -46.03
C MET B 43 -11.90 -25.64 -46.16
N LEU B 44 -10.98 -24.72 -46.34
CA LEU B 44 -11.36 -23.33 -46.42
C LEU B 44 -10.86 -22.67 -47.68
N VAL B 45 -11.69 -21.84 -48.29
CA VAL B 45 -11.25 -21.10 -49.45
C VAL B 45 -11.47 -19.59 -49.25
N ASP B 46 -10.52 -18.81 -49.75
CA ASP B 46 -10.54 -17.37 -49.59
C ASP B 46 -11.59 -16.78 -50.52
N ARG B 47 -11.98 -15.53 -50.26
CA ARG B 47 -13.02 -14.83 -51.03
C ARG B 47 -12.73 -14.89 -52.52
N PHE B 48 -11.45 -15.01 -52.86
CA PHE B 48 -11.05 -15.06 -54.26
C PHE B 48 -10.01 -16.15 -54.50
N GLY B 49 -10.36 -17.38 -54.19
CA GLY B 49 -9.55 -18.51 -54.62
C GLY B 49 -8.22 -18.76 -53.94
N GLU B 50 -8.26 -19.33 -52.74
CA GLU B 50 -7.07 -19.91 -52.12
C GLU B 50 -7.60 -21.01 -51.22
N VAL B 51 -6.76 -21.93 -50.74
CA VAL B 51 -7.30 -23.08 -50.01
C VAL B 51 -6.42 -23.69 -48.92
N VAL B 52 -7.01 -23.96 -47.77
CA VAL B 52 -6.32 -24.58 -46.65
C VAL B 52 -7.09 -25.79 -46.15
N VAL B 53 -6.39 -26.80 -45.64
CA VAL B 53 -7.05 -27.95 -45.03
C VAL B 53 -6.45 -28.25 -43.68
N THR B 54 -7.26 -28.23 -42.63
CA THR B 54 -6.65 -28.37 -41.31
C THR B 54 -7.56 -28.93 -40.24
N ASN B 55 -6.96 -29.38 -39.14
CA ASN B 55 -7.67 -29.86 -37.97
C ASN B 55 -7.45 -28.88 -36.83
N ASP B 56 -6.56 -27.94 -37.07
CA ASP B 56 -6.18 -26.96 -36.07
C ASP B 56 -7.37 -26.07 -35.78
N GLY B 57 -7.55 -25.69 -34.53
CA GLY B 57 -8.75 -24.97 -34.16
C GLY B 57 -8.61 -23.52 -34.50
N VAL B 58 -7.60 -22.88 -33.93
CA VAL B 58 -7.39 -21.45 -34.10
C VAL B 58 -7.25 -21.09 -35.57
N THR B 59 -6.82 -22.06 -36.36
CA THR B 59 -6.66 -21.87 -37.79
C THR B 59 -8.00 -21.79 -38.47
N ILE B 60 -8.81 -22.82 -38.27
CA ILE B 60 -10.17 -22.84 -38.77
C ILE B 60 -10.94 -21.61 -38.35
N LEU B 61 -10.86 -21.28 -37.08
CA LEU B 61 -11.61 -20.17 -36.55
C LEU B 61 -11.13 -18.86 -37.08
N THR B 62 -9.85 -18.79 -37.42
CA THR B 62 -9.30 -17.55 -37.91
C THR B 62 -9.66 -17.34 -39.35
N LEU B 63 -9.61 -18.40 -40.13
CA LEU B 63 -9.76 -18.24 -41.56
C LEU B 63 -11.16 -18.01 -42.06
N MET B 64 -12.17 -18.56 -41.40
CA MET B 64 -13.49 -18.14 -41.79
C MET B 64 -13.54 -16.70 -41.40
N ASP B 65 -13.98 -15.86 -42.31
CA ASP B 65 -14.18 -14.49 -41.91
C ASP B 65 -15.55 -14.55 -41.29
N ALA B 66 -15.54 -14.50 -39.96
CA ALA B 66 -16.72 -14.65 -39.13
C ALA B 66 -17.23 -13.28 -38.77
N GLN B 67 -18.47 -13.01 -39.11
CA GLN B 67 -18.96 -11.64 -39.15
C GLN B 67 -19.61 -11.14 -37.87
N HIS B 68 -20.24 -12.02 -37.10
CA HIS B 68 -20.87 -11.59 -35.85
C HIS B 68 -19.83 -11.21 -34.81
N PRO B 69 -20.09 -10.15 -34.02
CA PRO B 69 -19.10 -9.69 -33.05
C PRO B 69 -18.72 -10.75 -32.05
N ALA B 70 -19.69 -11.52 -31.63
CA ALA B 70 -19.49 -12.57 -30.65
C ALA B 70 -18.54 -13.63 -31.20
N ALA B 71 -18.82 -14.06 -32.43
CA ALA B 71 -17.97 -15.02 -33.08
C ALA B 71 -16.56 -14.46 -33.16
N ARG B 72 -16.44 -13.20 -33.55
CA ARG B 72 -15.13 -12.60 -33.69
C ARG B 72 -14.40 -12.60 -32.37
N MET B 73 -15.15 -12.40 -31.30
CA MET B 73 -14.55 -12.44 -29.99
C MET B 73 -14.03 -13.81 -29.61
N VAL B 74 -14.82 -14.85 -29.85
CA VAL B 74 -14.33 -16.19 -29.52
C VAL B 74 -13.09 -16.48 -30.35
N VAL B 75 -13.10 -16.07 -31.61
CA VAL B 75 -11.92 -16.24 -32.44
C VAL B 75 -10.73 -15.59 -31.76
N ASN B 76 -10.90 -14.36 -31.31
CA ASN B 76 -9.84 -13.72 -30.57
C ASN B 76 -9.39 -14.49 -29.34
N MET B 77 -10.35 -15.13 -28.66
CA MET B 77 -10.01 -15.95 -27.51
C MET B 77 -9.09 -17.07 -27.92
N ALA B 78 -9.40 -17.69 -29.06
CA ALA B 78 -8.57 -18.77 -29.56
C ALA B 78 -7.19 -18.25 -29.83
N ARG B 79 -7.12 -17.11 -30.50
CA ARG B 79 -5.85 -16.52 -30.82
C ARG B 79 -5.05 -16.39 -29.54
N ALA B 80 -5.72 -15.93 -28.51
CA ALA B 80 -5.07 -15.75 -27.22
C ALA B 80 -4.53 -17.05 -26.71
N GLN B 81 -5.36 -18.08 -26.74
CA GLN B 81 -4.96 -19.39 -26.28
C GLN B 81 -3.72 -19.89 -27.01
N GLU B 82 -3.69 -19.66 -28.31
CA GLU B 82 -2.55 -20.04 -29.13
C GLU B 82 -1.31 -19.30 -28.74
N ARG B 83 -1.46 -18.02 -28.47
CA ARG B 83 -0.34 -17.20 -28.08
C ARG B 83 0.24 -17.69 -26.79
N GLU B 84 -0.64 -18.07 -25.87
CA GLU B 84 -0.19 -18.47 -24.56
C GLU B 84 0.51 -19.80 -24.55
N VAL B 85 -0.06 -20.81 -25.21
CA VAL B 85 0.51 -22.15 -25.11
C VAL B 85 0.72 -22.87 -26.41
N GLY B 86 -0.19 -22.66 -27.35
CA GLY B 86 -0.02 -23.23 -28.68
C GLY B 86 -0.86 -24.46 -28.95
N ASP B 87 -1.43 -25.05 -27.92
CA ASP B 87 -2.34 -26.17 -28.11
C ASP B 87 -3.61 -25.88 -27.34
N GLY B 88 -4.60 -26.74 -27.47
CA GLY B 88 -5.79 -26.63 -26.63
C GLY B 88 -6.73 -25.56 -27.11
N THR B 89 -6.62 -25.19 -28.37
CA THR B 89 -7.45 -24.14 -28.95
C THR B 89 -8.89 -24.61 -29.13
N THR B 90 -9.06 -25.77 -29.75
CA THR B 90 -10.39 -26.29 -29.98
C THR B 90 -11.09 -26.56 -28.65
N THR B 91 -10.33 -27.06 -27.68
CA THR B 91 -10.89 -27.34 -26.37
C THR B 91 -11.46 -26.07 -25.78
N ALA B 92 -10.69 -24.99 -25.91
CA ALA B 92 -11.09 -23.72 -25.37
C ALA B 92 -12.32 -23.21 -26.05
N ALA B 93 -12.41 -23.43 -27.35
CA ALA B 93 -13.59 -22.97 -28.06
C ALA B 93 -14.84 -23.71 -27.61
N VAL B 94 -14.77 -25.03 -27.62
CA VAL B 94 -15.91 -25.85 -27.25
C VAL B 94 -16.36 -25.57 -25.85
N LEU B 95 -15.39 -25.45 -24.95
CA LEU B 95 -15.67 -25.13 -23.56
C LEU B 95 -16.35 -23.80 -23.42
N ALA B 96 -15.81 -22.79 -24.09
CA ALA B 96 -16.42 -21.49 -24.08
C ALA B 96 -17.87 -21.58 -24.52
N GLY B 97 -18.10 -22.26 -25.63
CA GLY B 97 -19.45 -22.39 -26.14
C GLY B 97 -20.39 -23.00 -25.13
N ALA B 98 -19.96 -24.11 -24.55
CA ALA B 98 -20.75 -24.76 -23.52
C ALA B 98 -21.07 -23.79 -22.39
N LEU B 99 -20.05 -23.13 -21.86
CA LEU B 99 -20.25 -22.17 -20.78
C LEU B 99 -21.31 -21.15 -21.12
N VAL B 100 -21.23 -20.61 -22.32
CA VAL B 100 -22.19 -19.60 -22.73
C VAL B 100 -23.59 -20.15 -22.83
N SER B 101 -23.75 -21.26 -23.53
CA SER B 101 -25.09 -21.84 -23.69
C SER B 101 -25.72 -22.19 -22.36
N GLU B 102 -24.95 -22.77 -21.45
CA GLU B 102 -25.48 -23.05 -20.13
C GLU B 102 -25.88 -21.77 -19.43
N GLY B 103 -25.01 -20.77 -19.47
CA GLY B 103 -25.29 -19.51 -18.81
C GLY B 103 -26.59 -18.93 -19.31
N VAL B 104 -26.77 -18.92 -20.61
CA VAL B 104 -28.01 -18.45 -21.18
C VAL B 104 -29.18 -19.24 -20.65
N ASN B 105 -29.08 -20.56 -20.66
CA ASN B 105 -30.16 -21.37 -20.13
C ASN B 105 -30.57 -20.98 -18.74
N GLN B 106 -29.61 -20.86 -17.83
CA GLN B 106 -29.97 -20.46 -16.49
C GLN B 106 -30.63 -19.09 -16.49
N ILE B 107 -30.10 -18.15 -17.26
CA ILE B 107 -30.62 -16.80 -17.29
C ILE B 107 -32.05 -16.71 -17.81
N LEU B 108 -32.41 -17.58 -18.74
CA LEU B 108 -33.76 -17.55 -19.30
C LEU B 108 -34.77 -18.07 -18.32
N LYS B 109 -34.34 -18.97 -17.44
CA LYS B 109 -35.23 -19.49 -16.44
C LYS B 109 -35.43 -18.47 -15.34
N GLY B 110 -34.77 -17.33 -15.46
CA GLY B 110 -34.97 -16.22 -14.56
C GLY B 110 -33.86 -15.97 -13.56
N VAL B 111 -32.75 -16.67 -13.67
CA VAL B 111 -31.63 -16.48 -12.75
C VAL B 111 -30.93 -15.16 -13.03
N PRO B 112 -30.74 -14.34 -11.99
CA PRO B 112 -30.06 -13.07 -12.15
C PRO B 112 -28.70 -13.20 -12.75
N VAL B 113 -28.40 -12.38 -13.74
CA VAL B 113 -27.13 -12.41 -14.38
C VAL B 113 -26.03 -12.33 -13.35
N SER B 114 -26.18 -11.38 -12.43
CA SER B 114 -25.24 -11.21 -11.34
C SER B 114 -24.82 -12.54 -10.74
N LYS B 115 -25.83 -13.37 -10.45
CA LYS B 115 -25.59 -14.58 -9.72
C LYS B 115 -24.90 -15.62 -10.59
N VAL B 116 -25.37 -15.74 -11.82
CA VAL B 116 -24.77 -16.66 -12.77
C VAL B 116 -23.29 -16.37 -12.85
N LEU B 117 -22.96 -15.11 -13.05
CA LEU B 117 -21.57 -14.69 -13.18
C LEU B 117 -20.77 -14.95 -11.91
N ALA B 118 -21.39 -14.74 -10.76
CA ALA B 118 -20.69 -14.98 -9.51
C ALA B 118 -20.34 -16.46 -9.38
N GLY B 119 -21.35 -17.31 -9.57
CA GLY B 119 -21.16 -18.74 -9.47
C GLY B 119 -20.10 -19.21 -10.44
N MET B 120 -20.18 -18.70 -11.65
CA MET B 120 -19.22 -19.08 -12.65
C MET B 120 -17.82 -18.66 -12.24
N ASN B 121 -17.70 -17.49 -11.64
CA ASN B 121 -16.38 -17.06 -11.21
C ASN B 121 -15.79 -17.90 -10.11
N ARG B 122 -16.61 -18.20 -9.11
CA ARG B 122 -16.13 -18.98 -8.00
C ARG B 122 -15.69 -20.33 -8.53
N ALA B 123 -16.54 -20.89 -9.39
CA ALA B 123 -16.25 -22.16 -10.03
C ALA B 123 -14.93 -22.09 -10.75
N LEU B 124 -14.73 -21.01 -11.50
CA LEU B 124 -13.52 -20.84 -12.25
C LEU B 124 -12.30 -20.87 -11.35
N ASN B 125 -12.34 -20.10 -10.28
CA ASN B 125 -11.18 -19.98 -9.42
C ASN B 125 -10.87 -21.29 -8.73
N HIS B 126 -11.91 -21.98 -8.31
CA HIS B 126 -11.73 -23.30 -7.72
C HIS B 126 -11.11 -24.25 -8.72
N ALA B 127 -11.63 -24.24 -9.94
CA ALA B 127 -11.14 -25.09 -11.01
C ALA B 127 -9.66 -24.89 -11.22
N LEU B 128 -9.27 -23.65 -11.49
CA LEU B 128 -7.88 -23.35 -11.72
C LEU B 128 -7.05 -23.80 -10.55
N PHE B 129 -7.57 -23.62 -9.34
CA PHE B 129 -6.88 -24.09 -8.15
C PHE B 129 -6.60 -25.59 -8.22
N LEU B 130 -7.62 -26.37 -8.52
CA LEU B 130 -7.48 -27.82 -8.60
C LEU B 130 -6.53 -28.24 -9.69
N ILE B 131 -6.52 -27.47 -10.77
CA ILE B 131 -5.66 -27.76 -11.89
C ILE B 131 -4.21 -27.53 -11.50
N ARG B 132 -3.93 -26.41 -10.86
CA ARG B 132 -2.57 -26.16 -10.40
C ARG B 132 -2.14 -27.14 -9.32
N LYS B 133 -3.07 -27.51 -8.45
CA LYS B 133 -2.78 -28.43 -7.37
C LYS B 133 -2.48 -29.82 -7.88
N ASN B 134 -3.26 -30.32 -8.83
CA ASN B 134 -3.14 -31.70 -9.24
C ASN B 134 -2.13 -31.92 -10.34
N ALA B 135 -1.49 -30.86 -10.79
CA ALA B 135 -0.47 -30.99 -11.82
C ALA B 135 0.59 -31.92 -11.33
N ILE B 136 0.87 -32.96 -12.11
CA ILE B 136 1.90 -33.92 -11.79
C ILE B 136 3.16 -33.54 -12.53
N LYS B 137 4.16 -33.05 -11.82
CA LYS B 137 5.36 -32.49 -12.46
C LYS B 137 6.40 -33.50 -12.85
N VAL B 138 7.21 -33.12 -13.82
CA VAL B 138 8.22 -33.99 -14.36
C VAL B 138 9.66 -33.55 -14.08
N GLY B 139 10.53 -34.53 -13.82
CA GLY B 139 11.92 -34.27 -13.57
C GLY B 139 12.76 -35.13 -14.50
N SER B 140 13.35 -34.52 -15.53
CA SER B 140 14.21 -35.17 -16.54
C SER B 140 14.30 -34.30 -17.78
N ILE B 141 13.46 -34.67 -18.75
CA ILE B 141 13.28 -34.14 -20.09
C ILE B 141 13.29 -35.42 -20.90
N THR B 142 13.60 -36.48 -20.20
CA THR B 142 13.71 -37.80 -20.78
C THR B 142 12.49 -38.57 -20.35
N ASP B 143 11.81 -38.03 -19.36
CA ASP B 143 10.62 -38.64 -18.82
C ASP B 143 9.66 -39.00 -19.94
N ASP B 144 9.14 -40.22 -19.89
CA ASP B 144 8.25 -40.69 -20.94
C ASP B 144 6.94 -39.93 -20.92
N ARG B 145 6.71 -39.18 -19.86
CA ARG B 145 5.48 -38.41 -19.79
C ARG B 145 5.59 -37.17 -20.65
N LEU B 146 6.80 -36.64 -20.78
CA LEU B 146 7.03 -35.54 -21.70
C LEU B 146 6.88 -35.92 -23.16
N LEU B 147 7.51 -37.03 -23.54
CA LEU B 147 7.39 -37.55 -24.89
C LEU B 147 5.95 -37.94 -25.15
N ALA B 148 5.28 -38.46 -24.13
CA ALA B 148 3.87 -38.78 -24.26
C ALA B 148 3.07 -37.52 -24.59
N ALA B 149 3.29 -36.46 -23.81
CA ALA B 149 2.62 -35.19 -24.06
C ALA B 149 2.84 -34.77 -25.49
N ALA B 150 4.07 -34.91 -25.96
CA ALA B 150 4.42 -34.53 -27.31
C ALA B 150 3.71 -35.38 -28.34
N LYS B 151 3.54 -36.66 -28.04
CA LYS B 151 2.90 -37.54 -28.98
C LYS B 151 1.44 -37.18 -29.10
N ILE B 152 0.79 -36.95 -27.97
CA ILE B 152 -0.62 -36.67 -27.99
C ILE B 152 -0.86 -35.37 -28.74
N ALA B 153 -0.02 -34.38 -28.47
CA ALA B 153 -0.17 -33.11 -29.14
C ALA B 153 0.17 -33.21 -30.63
N GLY B 154 1.07 -34.12 -30.97
CA GLY B 154 1.45 -34.35 -32.35
C GLY B 154 0.44 -35.20 -33.09
N ARG B 155 -0.69 -35.44 -32.45
CA ARG B 155 -1.80 -36.19 -33.01
C ARG B 155 -1.39 -37.62 -33.31
N GLY B 156 -0.45 -38.15 -32.55
CA GLY B 156 -0.08 -39.54 -32.69
C GLY B 156 1.24 -39.82 -33.39
N ASP B 157 1.91 -38.78 -33.86
CA ASP B 157 3.18 -38.96 -34.55
C ASP B 157 4.30 -39.16 -33.55
N GLU B 158 4.83 -40.37 -33.50
CA GLU B 158 5.85 -40.69 -32.50
C GLU B 158 7.22 -40.26 -32.93
N ARG B 159 7.43 -40.26 -34.24
CA ARG B 159 8.69 -39.84 -34.85
C ARG B 159 8.97 -38.41 -34.48
N VAL B 160 7.96 -37.56 -34.68
CA VAL B 160 8.06 -36.15 -34.39
C VAL B 160 8.27 -35.88 -32.91
N ALA B 161 7.55 -36.60 -32.06
CA ALA B 161 7.70 -36.45 -30.62
C ALA B 161 9.12 -36.75 -30.20
N ALA B 162 9.65 -37.84 -30.71
CA ALA B 162 11.03 -38.19 -30.39
C ALA B 162 11.97 -37.09 -30.85
N ILE B 163 11.72 -36.56 -32.04
CA ILE B 163 12.56 -35.49 -32.57
C ILE B 163 12.58 -34.27 -31.65
N LEU B 164 11.41 -33.85 -31.22
CA LEU B 164 11.31 -32.67 -30.38
C LEU B 164 11.90 -32.88 -29.01
N ARG B 165 11.69 -34.05 -28.42
CA ARG B 165 12.32 -34.32 -27.14
C ARG B 165 13.82 -34.19 -27.32
N ASP B 166 14.32 -34.86 -28.34
CA ASP B 166 15.75 -34.85 -28.60
C ASP B 166 16.34 -33.47 -28.83
N ALA B 167 15.58 -32.57 -29.43
CA ALA B 167 16.11 -31.24 -29.67
C ALA B 167 16.10 -30.43 -28.39
N ALA B 168 14.96 -30.45 -27.72
CA ALA B 168 14.83 -29.77 -26.43
C ALA B 168 15.96 -30.16 -25.50
N ALA B 169 16.36 -31.42 -25.58
CA ALA B 169 17.49 -31.90 -24.81
C ALA B 169 18.72 -31.07 -25.14
N MET B 170 18.96 -30.80 -26.42
CA MET B 170 20.11 -29.99 -26.79
C MET B 170 19.94 -28.57 -26.31
N LEU B 171 18.71 -28.17 -25.98
CA LEU B 171 18.52 -26.83 -25.45
C LEU B 171 18.38 -26.81 -23.92
N GLU B 172 17.17 -27.10 -23.46
CA GLU B 172 16.80 -27.05 -22.04
C GLU B 172 17.03 -25.67 -21.42
N ASP B 173 18.25 -25.14 -21.52
CA ASP B 173 18.53 -23.82 -20.95
C ASP B 173 17.61 -22.78 -21.55
N LYS B 174 17.33 -22.91 -22.84
CA LYS B 174 16.53 -21.92 -23.52
C LYS B 174 15.10 -22.05 -23.00
N LEU B 175 14.72 -23.24 -22.55
CA LEU B 175 13.37 -23.43 -22.03
C LEU B 175 13.17 -22.66 -20.75
N GLN B 176 14.27 -22.24 -20.13
CA GLN B 176 14.18 -21.59 -18.84
C GLN B 176 13.68 -20.18 -19.00
N ASP B 177 13.89 -19.61 -20.18
CA ASP B 177 13.39 -18.29 -20.49
C ASP B 177 11.94 -18.39 -20.95
N PRO B 178 11.04 -17.68 -20.25
CA PRO B 178 9.63 -17.69 -20.61
C PRO B 178 9.36 -17.16 -22.00
N GLY B 179 10.38 -16.70 -22.69
CA GLY B 179 10.17 -16.12 -24.01
C GLY B 179 10.61 -17.00 -25.16
N PHE B 180 11.09 -18.19 -24.86
CA PHE B 180 11.54 -19.09 -25.91
C PHE B 180 10.44 -20.03 -26.36
N LYS B 181 9.91 -19.79 -27.55
CA LYS B 181 8.93 -20.71 -28.11
C LYS B 181 9.68 -21.83 -28.79
N LEU B 182 9.55 -23.03 -28.25
CA LEU B 182 10.26 -24.19 -28.79
C LEU B 182 9.93 -24.40 -30.26
N ALA B 183 8.69 -24.13 -30.63
CA ALA B 183 8.24 -24.35 -31.99
C ALA B 183 9.00 -23.49 -33.00
N ASP B 184 9.72 -22.48 -32.52
CA ASP B 184 10.50 -21.66 -33.41
C ASP B 184 11.57 -22.49 -34.08
N LEU B 185 11.80 -23.68 -33.56
CA LEU B 185 12.83 -24.55 -34.10
C LEU B 185 12.37 -25.27 -35.34
N VAL B 186 11.08 -25.33 -35.56
CA VAL B 186 10.49 -26.04 -36.69
C VAL B 186 10.77 -25.28 -37.99
N LEU B 187 11.06 -26.00 -39.05
CA LEU B 187 11.28 -25.41 -40.34
C LEU B 187 10.65 -26.34 -41.34
N ALA B 188 9.76 -25.85 -42.18
CA ALA B 188 9.06 -26.75 -43.09
C ALA B 188 9.56 -26.61 -44.52
N LYS B 189 9.77 -27.73 -45.20
CA LYS B 189 10.31 -27.74 -46.56
C LYS B 189 9.68 -28.83 -47.41
N VAL B 190 9.11 -28.44 -48.54
CA VAL B 190 8.49 -29.40 -49.43
C VAL B 190 9.53 -30.29 -50.04
N GLY B 191 9.22 -31.58 -50.13
CA GLY B 191 10.12 -32.51 -50.75
C GLY B 191 11.26 -32.88 -49.85
N ALA B 192 11.21 -32.43 -48.61
CA ALA B 192 12.18 -32.81 -47.62
C ALA B 192 11.73 -34.06 -46.91
N ASP B 193 12.57 -34.56 -46.04
CA ASP B 193 12.21 -35.68 -45.19
C ASP B 193 12.25 -35.19 -43.77
N THR B 194 11.21 -35.48 -43.00
CA THR B 194 11.14 -35.00 -41.64
C THR B 194 12.24 -35.58 -40.79
N THR B 195 13.07 -34.72 -40.22
CA THR B 195 14.25 -35.15 -39.51
C THR B 195 14.83 -34.07 -38.60
N LEU B 196 15.67 -34.48 -37.66
CA LEU B 196 16.31 -33.58 -36.74
C LEU B 196 17.66 -33.19 -37.27
N ILE B 197 17.93 -31.90 -37.33
CA ILE B 197 19.21 -31.44 -37.80
C ILE B 197 19.98 -30.84 -36.67
N PRO B 198 21.16 -31.35 -36.38
CA PRO B 198 21.93 -30.83 -35.26
C PRO B 198 22.69 -29.59 -35.63
N GLY B 199 22.02 -28.69 -36.34
CA GLY B 199 22.63 -27.43 -36.74
C GLY B 199 21.56 -26.45 -37.12
N VAL B 200 21.92 -25.45 -37.89
CA VAL B 200 20.91 -24.48 -38.32
C VAL B 200 20.80 -24.49 -39.83
N VAL B 201 19.63 -24.13 -40.35
CA VAL B 201 19.42 -24.11 -41.77
C VAL B 201 19.22 -22.71 -42.33
N ILE B 202 19.91 -22.41 -43.42
CA ILE B 202 19.66 -21.19 -44.18
C ILE B 202 18.81 -21.56 -45.40
N ASN B 203 17.57 -21.11 -45.44
CA ASN B 203 16.64 -21.62 -46.43
C ASN B 203 16.75 -20.96 -47.78
N LYS B 204 17.97 -20.74 -48.27
CA LYS B 204 18.20 -19.99 -49.50
C LYS B 204 19.32 -20.61 -50.32
N SER B 205 19.35 -20.32 -51.61
CA SER B 205 20.48 -20.75 -52.45
C SER B 205 21.60 -19.74 -52.38
N PRO B 206 22.84 -20.22 -52.36
CA PRO B 206 24.02 -19.36 -52.33
C PRO B 206 24.11 -18.48 -53.55
N LEU B 207 24.98 -17.49 -53.50
CA LEU B 207 25.13 -16.54 -54.58
C LEU B 207 25.60 -17.23 -55.84
N TRP B 208 26.51 -18.17 -55.66
CA TRP B 208 27.01 -18.97 -56.77
C TRP B 208 26.92 -20.45 -56.47
N GLU B 209 26.19 -21.19 -57.30
CA GLU B 209 25.95 -22.62 -57.10
C GLU B 209 26.45 -23.43 -58.28
N GLU B 210 27.20 -24.47 -58.04
CA GLU B 210 27.58 -25.36 -59.12
C GLU B 210 27.07 -26.77 -58.88
N GLY B 211 25.99 -26.88 -58.10
CA GLY B 211 25.45 -28.16 -57.70
C GLY B 211 25.62 -28.35 -56.22
N SER B 212 25.12 -29.45 -55.66
CA SER B 212 25.24 -29.72 -54.23
C SER B 212 26.67 -29.59 -53.78
N GLN B 213 26.91 -29.21 -52.54
CA GLN B 213 28.27 -28.90 -52.14
C GLN B 213 28.54 -29.09 -50.64
N LYS B 214 29.67 -29.69 -50.28
CA LYS B 214 29.99 -29.87 -48.86
C LYS B 214 31.28 -29.20 -48.43
N LEU B 215 31.21 -28.46 -47.33
CA LEU B 215 32.34 -27.70 -46.82
C LEU B 215 32.77 -28.23 -45.48
N GLN B 216 34.07 -28.29 -45.24
CA GLN B 216 34.55 -28.75 -43.97
C GLN B 216 35.53 -27.76 -43.39
N GLU B 217 35.56 -27.68 -42.06
CA GLU B 217 36.39 -26.70 -41.36
C GLU B 217 36.08 -25.31 -41.88
N VAL B 218 34.84 -24.89 -41.71
CA VAL B 218 34.37 -23.63 -42.26
C VAL B 218 34.58 -22.48 -41.29
N ARG B 219 35.45 -21.55 -41.64
CA ARG B 219 35.55 -20.31 -40.89
C ARG B 219 34.64 -19.30 -41.55
N LEU B 220 33.64 -18.81 -40.83
CA LEU B 220 32.65 -17.97 -41.48
C LEU B 220 32.56 -16.57 -40.90
N LEU B 221 32.15 -15.65 -41.74
CA LEU B 221 31.96 -14.25 -41.37
C LEU B 221 30.51 -13.88 -41.57
N VAL B 222 29.89 -13.28 -40.57
CA VAL B 222 28.47 -12.95 -40.68
C VAL B 222 28.26 -11.45 -40.63
N LEU B 223 27.44 -10.93 -41.53
CA LEU B 223 27.22 -9.51 -41.62
C LEU B 223 25.77 -9.14 -41.55
N ASP B 224 25.43 -8.21 -40.66
CA ASP B 224 24.13 -7.59 -40.69
C ASP B 224 24.26 -6.34 -41.54
N ASP B 225 24.72 -6.55 -42.76
CA ASP B 225 24.98 -5.48 -43.70
C ASP B 225 25.11 -6.13 -45.06
N GLY B 226 25.70 -5.43 -46.00
CA GLY B 226 25.97 -6.02 -47.30
C GLY B 226 27.43 -5.76 -47.57
N LEU B 227 28.04 -6.55 -48.42
CA LEU B 227 29.46 -6.38 -48.64
C LEU B 227 29.70 -5.35 -49.71
N TYR B 228 29.63 -4.09 -49.32
CA TYR B 228 29.85 -2.95 -50.21
C TYR B 228 30.89 -2.05 -49.58
N PRO B 229 31.56 -1.23 -50.37
CA PRO B 229 32.48 -0.26 -49.79
C PRO B 229 31.70 0.82 -49.07
N GLU B 230 32.35 1.58 -48.21
CA GLU B 230 31.68 2.66 -47.54
C GLU B 230 31.31 3.71 -48.55
N GLU B 231 30.03 4.07 -48.55
CA GLU B 231 29.49 4.91 -49.60
C GLU B 231 29.75 6.41 -49.43
N VAL B 232 29.59 7.10 -50.54
CA VAL B 232 29.69 8.55 -50.58
C VAL B 232 28.44 9.07 -51.24
N GLU B 233 27.73 9.96 -50.55
CA GLU B 233 26.46 10.45 -51.05
C GLU B 233 26.63 10.98 -52.44
N GLU B 234 25.61 10.79 -53.26
CA GLU B 234 25.71 11.08 -54.69
C GLU B 234 26.04 12.54 -54.92
N GLU B 235 25.47 13.43 -54.11
CA GLU B 235 25.74 14.86 -54.26
C GLU B 235 27.22 15.11 -54.08
N ALA B 236 27.77 14.54 -53.01
CA ALA B 236 29.17 14.74 -52.64
C ALA B 236 30.17 14.37 -53.72
N LEU B 237 29.74 13.64 -54.72
CA LEU B 237 30.68 13.23 -55.74
C LEU B 237 31.02 14.37 -56.65
N ALA B 238 30.46 15.54 -56.41
CA ALA B 238 30.81 16.66 -57.26
C ALA B 238 31.92 17.47 -56.62
N SER B 239 32.67 16.87 -55.71
CA SER B 239 33.50 17.69 -54.85
C SER B 239 34.91 17.19 -54.62
N GLU B 240 35.56 16.64 -55.64
CA GLU B 240 36.97 16.29 -55.52
C GLU B 240 37.25 15.43 -54.30
N ALA B 241 37.33 16.10 -53.16
CA ALA B 241 37.51 15.46 -51.87
C ALA B 241 36.47 14.38 -51.70
N GLY B 242 35.25 14.68 -52.13
CA GLY B 242 34.21 13.67 -52.11
C GLY B 242 34.63 12.49 -52.94
N PHE B 243 35.02 12.77 -54.18
CA PHE B 243 35.41 11.73 -55.09
C PHE B 243 36.66 11.02 -54.59
N GLU B 244 37.63 11.78 -54.11
CA GLU B 244 38.83 11.20 -53.57
C GLU B 244 38.51 10.28 -52.40
N GLN B 245 37.41 10.55 -51.72
CA GLN B 245 37.02 9.70 -50.63
C GLN B 245 36.43 8.44 -51.21
N TYR B 246 35.68 8.58 -52.30
CA TYR B 246 35.19 7.41 -53.01
C TYR B 246 36.34 6.48 -53.40
N LEU B 247 37.35 7.03 -54.03
CA LEU B 247 38.51 6.26 -54.43
C LEU B 247 39.17 5.62 -53.23
N LYS B 248 39.38 6.43 -52.19
CA LYS B 248 40.10 5.95 -51.02
C LYS B 248 39.40 4.77 -50.43
N ASN B 249 38.09 4.84 -50.27
CA ASN B 249 37.45 3.72 -49.64
C ASN B 249 36.91 2.73 -50.65
N GLN B 250 37.38 2.84 -51.88
CA GLN B 250 37.29 1.70 -52.78
C GLN B 250 38.54 0.87 -52.59
N LYS B 251 39.64 1.58 -52.36
CA LYS B 251 40.93 0.97 -52.10
C LYS B 251 40.95 0.19 -50.79
N ILE B 252 40.50 0.83 -49.72
CA ILE B 252 40.54 0.17 -48.43
C ILE B 252 39.57 -0.99 -48.45
N PHE B 253 38.56 -0.91 -49.28
CA PHE B 253 37.64 -2.02 -49.45
C PHE B 253 38.32 -3.23 -50.06
N GLN B 254 39.02 -3.02 -51.17
CA GLN B 254 39.70 -4.18 -51.77
C GLN B 254 40.71 -4.76 -50.79
N GLU B 255 41.38 -3.89 -50.03
CA GLU B 255 42.32 -4.37 -49.02
C GLU B 255 41.62 -5.25 -47.98
N ASN B 256 40.43 -4.83 -47.58
CA ASN B 256 39.67 -5.59 -46.62
C ASN B 256 39.28 -6.95 -47.12
N LEU B 257 38.95 -7.05 -48.39
CA LEU B 257 38.63 -8.35 -48.94
C LEU B 257 39.87 -9.22 -48.83
N LYS B 258 41.03 -8.63 -49.12
CA LYS B 258 42.27 -9.39 -48.94
C LYS B 258 42.41 -9.90 -47.51
N LYS B 259 42.05 -9.07 -46.54
CA LYS B 259 42.03 -9.55 -45.16
C LYS B 259 41.16 -10.79 -45.06
N LEU B 260 40.00 -10.75 -45.70
CA LEU B 260 39.11 -11.90 -45.67
C LEU B 260 39.74 -13.14 -46.18
N LYS B 261 40.61 -13.03 -47.17
CA LYS B 261 41.19 -14.28 -47.65
C LYS B 261 42.29 -14.74 -46.72
N GLU B 262 43.01 -13.78 -46.17
CA GLU B 262 44.11 -14.08 -45.27
C GLU B 262 43.65 -14.81 -44.03
N LEU B 263 42.43 -14.53 -43.59
CA LEU B 263 41.89 -15.13 -42.38
C LEU B 263 41.38 -16.53 -42.64
N GLY B 264 41.32 -16.90 -43.91
CA GLY B 264 40.90 -18.22 -44.31
C GLY B 264 39.41 -18.39 -44.36
N VAL B 265 38.68 -17.30 -44.47
CA VAL B 265 37.23 -17.34 -44.55
C VAL B 265 36.77 -18.15 -45.74
N LYS B 266 35.84 -19.06 -45.53
CA LYS B 266 35.39 -19.93 -46.59
C LYS B 266 33.89 -19.83 -46.77
N LEU B 267 33.24 -19.04 -45.92
CA LEU B 267 31.81 -18.79 -46.04
C LEU B 267 31.43 -17.43 -45.50
N ILE B 268 30.53 -16.74 -46.19
CA ILE B 268 30.06 -15.44 -45.77
C ILE B 268 28.55 -15.40 -45.85
N LEU B 269 27.90 -15.01 -44.76
CA LEU B 269 26.45 -14.83 -44.78
C LEU B 269 26.10 -13.37 -44.57
N LEU B 270 25.17 -12.85 -45.36
CA LEU B 270 24.84 -11.43 -45.32
C LEU B 270 23.35 -11.24 -45.19
N THR B 271 22.91 -10.16 -44.55
CA THR B 271 21.49 -9.85 -44.52
C THR B 271 21.13 -8.88 -45.61
N ARG B 272 22.12 -8.37 -46.31
CA ARG B 272 21.86 -7.47 -47.42
C ARG B 272 22.52 -8.00 -48.69
N GLY B 273 23.04 -7.11 -49.52
CA GLY B 273 23.50 -7.51 -50.84
C GLY B 273 25.00 -7.67 -50.92
N ILE B 274 25.52 -7.77 -52.13
CA ILE B 274 26.97 -7.89 -52.30
C ILE B 274 27.45 -7.10 -53.50
N SER B 275 28.58 -6.44 -53.35
CA SER B 275 29.17 -5.65 -54.42
C SER B 275 29.58 -6.54 -55.56
N ASP B 276 29.71 -5.99 -56.75
CA ASP B 276 30.16 -6.78 -57.88
C ASP B 276 31.63 -7.16 -57.73
N ILE B 277 32.43 -6.22 -57.24
CA ILE B 277 33.84 -6.47 -56.96
C ILE B 277 34.02 -7.57 -55.95
N ALA B 278 33.21 -7.52 -54.92
CA ALA B 278 33.26 -8.53 -53.90
C ALA B 278 32.85 -9.86 -54.46
N GLU B 279 31.76 -9.89 -55.21
CA GLU B 279 31.28 -11.14 -55.80
C GLU B 279 32.39 -11.80 -56.59
N GLU B 280 33.13 -10.98 -57.34
CA GLU B 280 34.26 -11.50 -58.08
C GLU B 280 35.33 -12.05 -57.15
N PHE B 281 35.65 -11.29 -56.11
CA PHE B 281 36.66 -11.75 -55.16
C PHE B 281 36.31 -13.07 -54.54
N CYS B 282 35.04 -13.28 -54.21
CA CYS B 282 34.63 -14.52 -53.58
C CYS B 282 34.70 -15.66 -54.57
N TYR B 283 34.24 -15.42 -55.79
CA TYR B 283 34.34 -16.46 -56.78
C TYR B 283 35.77 -16.92 -56.98
N GLU B 284 36.70 -15.98 -57.12
CA GLU B 284 38.06 -16.38 -57.43
C GLU B 284 38.81 -17.00 -56.28
N ASN B 285 38.37 -16.71 -55.06
CA ASN B 285 39.03 -17.25 -53.88
C ASN B 285 38.22 -18.24 -53.09
N GLU B 286 37.43 -19.06 -53.79
CA GLU B 286 36.92 -20.29 -53.20
C GLU B 286 35.86 -20.00 -52.15
N ILE B 287 35.38 -18.76 -52.04
CA ILE B 287 34.48 -18.39 -50.95
C ILE B 287 32.99 -18.45 -51.25
N MET B 288 32.24 -19.21 -50.46
CA MET B 288 30.81 -19.31 -50.66
C MET B 288 30.10 -18.16 -49.99
N VAL B 289 29.04 -17.68 -50.60
CA VAL B 289 28.29 -16.53 -50.09
C VAL B 289 26.82 -16.83 -50.10
N ILE B 290 26.11 -16.43 -49.06
CA ILE B 290 24.66 -16.46 -49.08
C ILE B 290 24.19 -15.05 -48.76
N THR B 291 23.25 -14.51 -49.51
CA THR B 291 22.80 -13.15 -49.26
C THR B 291 21.40 -13.15 -48.69
N ARG B 292 20.96 -12.00 -48.20
CA ARG B 292 19.57 -11.83 -47.79
C ARG B 292 19.08 -12.88 -46.84
N ILE B 293 19.73 -13.04 -45.69
CA ILE B 293 19.25 -13.99 -44.71
C ILE B 293 18.27 -13.35 -43.74
N THR B 294 17.38 -14.14 -43.17
CA THR B 294 16.38 -13.65 -42.24
C THR B 294 17.03 -13.13 -40.99
N GLN B 295 16.33 -12.33 -40.22
CA GLN B 295 16.86 -11.89 -38.96
C GLN B 295 16.92 -13.09 -38.04
N LYS B 296 15.88 -13.89 -38.07
CA LYS B 296 15.83 -15.13 -37.30
C LYS B 296 17.04 -16.02 -37.60
N GLU B 297 17.28 -16.23 -38.90
CA GLU B 297 18.39 -17.04 -39.38
C GLU B 297 19.69 -16.47 -38.88
N LEU B 298 19.79 -15.15 -38.92
CA LEU B 298 20.97 -14.44 -38.46
C LEU B 298 21.25 -14.75 -37.02
N LYS B 299 20.23 -14.59 -36.17
CA LYS B 299 20.40 -14.82 -34.74
C LYS B 299 20.82 -16.23 -34.44
N ARG B 300 20.17 -17.18 -35.09
CA ARG B 300 20.47 -18.58 -34.81
C ARG B 300 21.87 -18.98 -35.26
N VAL B 301 22.25 -18.60 -36.46
CA VAL B 301 23.58 -18.95 -36.93
C VAL B 301 24.65 -18.23 -36.13
N LEU B 302 24.33 -17.05 -35.62
CA LEU B 302 25.28 -16.32 -34.82
C LEU B 302 25.52 -17.06 -33.54
N GLU B 303 24.45 -17.50 -32.91
CA GLU B 303 24.60 -18.22 -31.67
C GLU B 303 25.37 -19.50 -31.89
N PHE B 304 24.93 -20.28 -32.86
CA PHE B 304 25.50 -21.60 -33.13
C PHE B 304 26.97 -21.59 -33.54
N THR B 305 27.36 -20.68 -34.40
CA THR B 305 28.70 -20.70 -34.92
C THR B 305 29.66 -19.96 -34.03
N GLY B 306 29.11 -19.18 -33.12
CA GLY B 306 29.94 -18.38 -32.24
C GLY B 306 30.56 -17.18 -32.91
N ALA B 307 30.02 -16.82 -34.06
CA ALA B 307 30.46 -15.64 -34.78
C ALA B 307 29.86 -14.41 -34.17
N ARG B 308 30.47 -13.27 -34.43
CA ARG B 308 29.93 -11.98 -34.00
C ARG B 308 29.42 -11.22 -35.20
N ALA B 309 28.31 -10.51 -35.05
CA ALA B 309 27.71 -9.80 -36.17
C ALA B 309 28.54 -8.59 -36.53
N ALA B 310 28.83 -8.44 -37.83
CA ALA B 310 29.63 -7.32 -38.31
C ALA B 310 28.88 -6.48 -39.32
N LYS B 311 29.31 -5.23 -39.48
CA LYS B 311 28.85 -4.41 -40.58
C LYS B 311 30.07 -4.18 -41.46
N ARG B 312 29.89 -3.59 -42.64
CA ARG B 312 30.99 -3.42 -43.58
C ARG B 312 32.20 -2.73 -42.95
N THR B 313 31.94 -1.72 -42.13
CA THR B 313 33.00 -0.95 -41.50
C THR B 313 33.89 -1.80 -40.61
N SER B 314 33.33 -2.88 -40.10
CA SER B 314 34.07 -3.79 -39.25
C SER B 314 35.24 -4.40 -39.97
N LEU B 315 35.23 -4.41 -41.29
CA LEU B 315 36.33 -5.03 -42.00
C LEU B 315 37.53 -4.11 -42.01
N ASN B 316 37.42 -3.00 -41.30
CA ASN B 316 38.53 -2.10 -41.25
C ASN B 316 39.40 -2.39 -40.05
N LYS B 317 38.94 -3.27 -39.17
CA LYS B 317 39.76 -3.70 -38.06
C LYS B 317 41.02 -4.31 -38.61
N PRO B 318 42.11 -4.27 -37.85
CA PRO B 318 43.26 -5.04 -38.28
C PRO B 318 42.92 -6.50 -38.25
N VAL B 319 43.64 -7.29 -39.03
CA VAL B 319 43.32 -8.69 -39.19
C VAL B 319 43.28 -9.45 -37.88
N GLU B 320 44.13 -9.06 -36.95
CA GLU B 320 44.27 -9.77 -35.70
C GLU B 320 43.01 -9.60 -34.87
N GLU B 321 42.36 -8.44 -35.03
CA GLU B 321 41.13 -8.16 -34.31
C GLU B 321 39.92 -8.76 -34.99
N LEU B 322 40.03 -8.97 -36.29
CA LEU B 322 38.91 -9.54 -37.02
C LEU B 322 38.73 -11.02 -36.73
N GLN B 323 39.82 -11.77 -36.64
CA GLN B 323 39.78 -13.22 -36.41
C GLN B 323 38.90 -13.56 -35.24
N LYS B 324 38.59 -12.52 -34.46
CA LYS B 324 37.87 -12.66 -33.21
C LYS B 324 36.39 -12.59 -33.49
N MET B 325 36.02 -12.07 -34.65
CA MET B 325 34.61 -11.96 -35.00
C MET B 325 34.14 -13.10 -35.86
N LEU B 326 35.07 -13.95 -36.27
CA LEU B 326 34.71 -15.08 -37.11
C LEU B 326 34.00 -16.12 -36.31
N GLY B 327 33.32 -17.03 -37.00
CA GLY B 327 32.67 -18.14 -36.36
C GLY B 327 33.18 -19.39 -37.01
N TYR B 328 32.77 -20.54 -36.49
CA TYR B 328 33.26 -21.78 -37.02
C TYR B 328 32.19 -22.83 -37.11
N ALA B 329 32.18 -23.57 -38.20
CA ALA B 329 31.32 -24.73 -38.30
C ALA B 329 32.09 -25.90 -38.82
N ARG B 330 31.82 -27.08 -38.28
CA ARG B 330 32.54 -28.28 -38.69
C ARG B 330 32.25 -28.57 -40.12
N THR B 331 30.97 -28.68 -40.46
CA THR B 331 30.60 -28.88 -41.84
C THR B 331 29.47 -27.95 -42.26
N CYS B 332 29.32 -27.81 -43.56
CA CYS B 332 28.33 -26.91 -44.12
C CYS B 332 27.91 -27.39 -45.48
N PHE B 333 26.63 -27.64 -45.71
CA PHE B 333 26.26 -28.36 -46.92
C PHE B 333 25.12 -27.72 -47.67
N TYR B 334 25.33 -27.42 -48.95
CA TYR B 334 24.25 -26.89 -49.77
C TYR B 334 23.59 -28.00 -50.53
N ASP B 335 22.30 -28.18 -50.29
CA ASP B 335 21.53 -29.23 -50.94
C ASP B 335 20.91 -28.67 -52.20
N SER B 336 21.39 -29.13 -53.33
CA SER B 336 20.95 -28.60 -54.60
C SER B 336 19.53 -29.02 -54.92
N ARG B 337 19.03 -30.03 -54.22
CA ARG B 337 17.72 -30.56 -54.51
C ARG B 337 16.64 -29.80 -53.76
N LEU B 338 16.96 -29.37 -52.54
CA LEU B 338 15.99 -28.67 -51.71
C LEU B 338 16.27 -27.18 -51.71
N ASP B 339 17.40 -26.81 -52.29
CA ASP B 339 17.84 -25.43 -52.30
C ASP B 339 17.85 -24.79 -50.92
N PHE B 340 18.51 -25.40 -49.96
CA PHE B 340 18.94 -24.67 -48.77
C PHE B 340 20.32 -25.11 -48.35
N THR B 341 20.81 -24.50 -47.28
CA THR B 341 22.14 -24.76 -46.77
C THR B 341 22.10 -25.19 -45.32
N ILE B 342 22.92 -26.14 -44.94
CA ILE B 342 22.85 -26.68 -43.59
C ILE B 342 24.17 -26.56 -42.88
N ILE B 343 24.19 -25.83 -41.77
CA ILE B 343 25.40 -25.68 -41.01
C ILE B 343 25.37 -26.58 -39.81
N GLU B 344 26.36 -27.44 -39.69
CA GLU B 344 26.43 -28.35 -38.57
C GLU B 344 27.77 -28.32 -37.88
N GLY B 345 27.77 -28.62 -36.60
CA GLY B 345 28.99 -28.70 -35.85
C GLY B 345 29.56 -27.35 -35.56
N GLY B 346 28.71 -26.47 -35.04
CA GLY B 346 29.10 -25.10 -34.75
C GLY B 346 29.82 -24.96 -33.43
N ALA B 347 30.75 -24.03 -33.38
CA ALA B 347 31.58 -23.85 -32.21
C ALA B 347 30.93 -23.02 -31.11
N GLY B 348 29.65 -22.69 -31.27
CA GLY B 348 28.97 -21.88 -30.28
C GLY B 348 28.01 -22.76 -29.51
N LYS B 349 26.91 -22.19 -29.03
CA LYS B 349 25.91 -22.99 -28.35
C LYS B 349 25.43 -24.07 -29.26
N ALA B 350 24.81 -25.10 -28.72
CA ALA B 350 24.32 -26.16 -29.57
C ALA B 350 22.87 -25.91 -29.79
N THR B 351 22.36 -26.35 -30.92
CA THR B 351 20.97 -26.10 -31.25
C THR B 351 20.53 -27.12 -32.25
N ALA B 352 19.27 -27.00 -32.66
CA ALA B 352 18.71 -27.98 -33.55
C ALA B 352 17.72 -27.33 -34.46
N THR B 353 17.42 -28.01 -35.56
CA THR B 353 16.41 -27.58 -36.48
C THR B 353 15.50 -28.77 -36.69
N VAL B 354 14.24 -28.64 -36.33
CA VAL B 354 13.29 -29.70 -36.55
C VAL B 354 12.72 -29.57 -37.96
N LEU B 355 13.28 -30.32 -38.89
CA LEU B 355 12.91 -30.20 -40.29
C LEU B 355 11.67 -31.02 -40.57
N ILE B 356 10.64 -30.39 -41.11
CA ILE B 356 9.39 -31.06 -41.39
C ILE B 356 9.13 -31.17 -42.87
N GLY B 357 9.05 -32.38 -43.37
CA GLY B 357 8.96 -32.56 -44.81
C GLY B 357 7.72 -33.26 -45.27
N ALA B 358 7.32 -32.94 -46.48
CA ALA B 358 6.18 -33.55 -47.10
C ALA B 358 6.25 -33.29 -48.60
N ALA B 359 5.33 -33.89 -49.33
CA ALA B 359 5.34 -33.80 -50.78
C ALA B 359 4.79 -32.49 -51.31
N THR B 360 3.65 -32.06 -50.80
CA THR B 360 2.94 -30.90 -51.32
C THR B 360 2.80 -29.77 -50.31
N ASP B 361 2.48 -28.58 -50.78
CA ASP B 361 2.32 -27.43 -49.91
C ASP B 361 1.25 -27.66 -48.86
N GLU B 362 0.10 -28.16 -49.27
CA GLU B 362 -0.99 -28.38 -48.32
C GLU B 362 -0.57 -29.25 -47.16
N VAL B 363 0.00 -30.39 -47.48
CA VAL B 363 0.41 -31.37 -46.50
C VAL B 363 1.53 -30.89 -45.59
N VAL B 364 2.58 -30.30 -46.15
CA VAL B 364 3.67 -29.85 -45.31
C VAL B 364 3.19 -28.73 -44.42
N ASP B 365 2.20 -27.97 -44.88
CA ASP B 365 1.63 -26.92 -44.04
C ASP B 365 0.91 -27.51 -42.83
N GLU B 366 0.06 -28.49 -43.06
CA GLU B 366 -0.68 -29.09 -41.95
C GLU B 366 0.27 -29.81 -41.00
N GLN B 367 1.30 -30.43 -41.56
CA GLN B 367 2.31 -31.11 -40.78
C GLN B 367 3.15 -30.14 -39.96
N GLU B 368 3.38 -28.94 -40.48
CA GLU B 368 4.09 -27.94 -39.71
C GLU B 368 3.23 -27.51 -38.56
N ARG B 369 1.94 -27.30 -38.80
CA ARG B 369 1.02 -26.94 -37.73
C ARG B 369 1.01 -27.99 -36.62
N ILE B 370 0.94 -29.26 -37.01
CA ILE B 370 1.01 -30.36 -36.06
C ILE B 370 2.32 -30.35 -35.31
N ALA B 371 3.39 -30.10 -36.03
CA ALA B 371 4.68 -30.08 -35.42
C ALA B 371 4.72 -29.03 -34.34
N LYS B 372 4.34 -27.81 -34.68
CA LYS B 372 4.41 -26.70 -33.74
C LYS B 372 3.51 -26.93 -32.55
N ASP B 373 2.35 -27.54 -32.80
CA ASP B 373 1.48 -27.96 -31.71
C ASP B 373 2.24 -28.84 -30.75
N ALA B 374 2.92 -29.84 -31.29
CA ALA B 374 3.64 -30.79 -30.47
C ALA B 374 4.79 -30.13 -29.73
N ALA B 375 5.51 -29.24 -30.38
CA ALA B 375 6.62 -28.55 -29.75
C ALA B 375 6.14 -27.72 -28.57
N GLY B 376 5.14 -26.90 -28.81
CA GLY B 376 4.58 -26.09 -27.75
C GLY B 376 4.07 -26.93 -26.61
N SER B 377 3.40 -28.03 -26.88
CA SER B 377 2.88 -28.83 -25.80
C SER B 377 3.96 -29.54 -25.06
N PHE B 378 5.06 -29.87 -25.74
CA PHE B 378 6.19 -30.44 -25.04
C PHE B 378 6.72 -29.43 -24.06
N ALA B 379 7.08 -28.25 -24.57
CA ALA B 379 7.64 -27.21 -23.72
C ALA B 379 6.71 -26.91 -22.57
N ALA B 380 5.42 -26.87 -22.85
CA ALA B 380 4.42 -26.56 -21.84
C ALA B 380 4.40 -27.64 -20.79
N ALA B 381 4.58 -28.88 -21.20
CA ALA B 381 4.66 -29.98 -20.26
C ALA B 381 5.90 -29.87 -19.38
N TYR B 382 7.04 -29.66 -20.01
CA TYR B 382 8.31 -29.48 -19.31
C TYR B 382 8.27 -28.36 -18.29
N ARG B 383 7.49 -27.33 -18.59
CA ARG B 383 7.44 -26.17 -17.71
C ARG B 383 6.37 -26.31 -16.63
N SER B 384 5.28 -27.01 -16.91
CA SER B 384 4.14 -26.97 -16.00
C SER B 384 3.60 -28.31 -15.50
N GLY B 385 4.18 -29.42 -15.93
CA GLY B 385 3.71 -30.73 -15.50
C GLY B 385 2.63 -31.28 -16.41
N VAL B 386 2.06 -32.43 -16.06
CA VAL B 386 1.05 -33.05 -16.91
C VAL B 386 -0.24 -33.37 -16.18
N LEU B 387 -1.26 -33.78 -16.92
CA LEU B 387 -2.56 -34.16 -16.37
C LEU B 387 -3.18 -35.24 -17.24
N PRO B 388 -4.20 -35.95 -16.71
CA PRO B 388 -4.82 -37.01 -17.50
C PRO B 388 -5.66 -36.46 -18.63
N GLY B 389 -5.41 -36.91 -19.84
CA GLY B 389 -6.10 -36.35 -20.99
C GLY B 389 -7.43 -37.03 -21.22
N GLY B 390 -7.93 -36.93 -22.45
CA GLY B 390 -9.18 -37.56 -22.81
C GLY B 390 -10.33 -36.72 -22.30
N GLY B 391 -10.01 -35.62 -21.62
CA GLY B 391 -11.02 -34.75 -21.07
C GLY B 391 -11.49 -35.20 -19.70
N ALA B 392 -10.86 -36.24 -19.16
CA ALA B 392 -11.29 -36.83 -17.90
C ALA B 392 -11.16 -35.85 -16.76
N PHE B 393 -9.99 -35.22 -16.70
CA PHE B 393 -9.71 -34.30 -15.61
C PHE B 393 -10.77 -33.20 -15.58
N PHE B 394 -11.37 -32.91 -16.73
CA PHE B 394 -12.49 -32.00 -16.81
C PHE B 394 -13.67 -32.55 -16.05
N LEU B 395 -13.86 -33.87 -16.08
CA LEU B 395 -14.96 -34.50 -15.36
C LEU B 395 -14.71 -34.46 -13.87
N TYR B 396 -13.47 -34.69 -13.48
CA TYR B 396 -13.08 -34.53 -12.08
C TYR B 396 -13.44 -33.13 -11.65
N LEU B 397 -13.03 -32.16 -12.46
CA LEU B 397 -13.31 -30.77 -12.18
C LEU B 397 -14.78 -30.52 -12.15
N SER B 398 -15.54 -31.27 -12.92
CA SER B 398 -16.97 -31.06 -12.96
C SER B 398 -17.63 -31.45 -11.68
N ARG B 399 -17.32 -32.62 -11.15
CA ARG B 399 -17.93 -32.98 -9.88
C ARG B 399 -17.39 -32.10 -8.75
N GLU B 400 -16.12 -31.74 -8.82
CA GLU B 400 -15.55 -30.88 -7.79
C GLU B 400 -16.19 -29.51 -7.80
N VAL B 401 -16.57 -29.05 -8.98
CA VAL B 401 -17.19 -27.76 -9.12
C VAL B 401 -18.64 -27.84 -8.67
N GLU B 402 -19.31 -28.93 -9.01
CA GLU B 402 -20.67 -29.14 -8.54
C GLU B 402 -20.69 -29.26 -7.03
N SER B 403 -19.60 -29.74 -6.45
CA SER B 403 -19.41 -29.72 -5.01
C SER B 403 -19.71 -28.36 -4.41
N LEU B 404 -19.32 -27.31 -5.11
CA LEU B 404 -19.47 -25.96 -4.62
C LEU B 404 -20.88 -25.43 -4.71
N LYS B 405 -21.76 -26.20 -5.36
CA LYS B 405 -23.12 -25.76 -5.67
C LYS B 405 -23.74 -24.98 -4.50
N ASN B 406 -23.56 -25.48 -3.28
CA ASN B 406 -24.19 -24.91 -2.11
C ASN B 406 -23.29 -24.26 -1.05
N ARG B 407 -21.97 -24.41 -1.14
CA ARG B 407 -21.11 -23.86 -0.11
C ARG B 407 -21.33 -22.34 0.04
N LEU B 408 -21.92 -21.73 -0.98
CA LEU B 408 -22.63 -20.46 -0.81
C LEU B 408 -24.08 -20.73 -1.18
N PRO B 409 -25.02 -20.50 -0.24
CA PRO B 409 -26.39 -20.82 -0.68
C PRO B 409 -27.02 -19.59 -1.33
N GLY B 410 -28.02 -19.81 -2.16
CA GLY B 410 -28.55 -18.73 -2.98
C GLY B 410 -28.54 -19.14 -4.44
N MET B 411 -28.69 -18.17 -5.33
CA MET B 411 -28.86 -18.48 -6.74
C MET B 411 -27.57 -18.58 -7.52
N GLU B 412 -26.47 -18.19 -6.88
CA GLU B 412 -25.15 -18.42 -7.45
C GLU B 412 -24.98 -19.88 -7.77
N SER B 413 -25.70 -20.71 -7.05
CA SER B 413 -25.72 -22.13 -7.27
C SER B 413 -25.93 -22.42 -8.75
N TYR B 414 -26.95 -21.80 -9.35
CA TYR B 414 -27.22 -22.03 -10.76
C TYR B 414 -26.00 -21.76 -11.58
N GLY B 415 -25.37 -20.63 -11.32
CA GLY B 415 -24.17 -20.25 -12.03
C GLY B 415 -23.18 -21.37 -11.93
N VAL B 416 -22.89 -21.80 -10.71
CA VAL B 416 -21.92 -22.85 -10.50
C VAL B 416 -22.26 -24.06 -11.33
N MET B 417 -23.53 -24.46 -11.31
CA MET B 417 -23.95 -25.66 -12.00
C MET B 417 -23.60 -25.54 -13.46
N ALA B 418 -23.90 -24.38 -14.04
CA ALA B 418 -23.64 -24.16 -15.44
C ALA B 418 -22.19 -24.45 -15.71
N PHE B 419 -21.30 -23.92 -14.90
CA PHE B 419 -19.90 -24.14 -15.14
C PHE B 419 -19.62 -25.63 -15.11
N SER B 420 -20.11 -26.31 -14.09
CA SER B 420 -19.90 -27.75 -13.96
C SER B 420 -20.39 -28.42 -15.22
N GLU B 421 -21.60 -28.09 -15.62
CA GLU B 421 -22.21 -28.80 -16.73
C GLU B 421 -21.44 -28.55 -18.00
N ALA B 422 -20.85 -27.37 -18.12
CA ALA B 422 -20.15 -27.04 -19.34
C ALA B 422 -18.87 -27.84 -19.41
N LEU B 423 -18.28 -28.14 -18.26
CA LEU B 423 -17.05 -28.90 -18.24
C LEU B 423 -17.29 -30.32 -18.71
N LYS B 424 -18.56 -30.72 -18.81
CA LYS B 424 -18.83 -32.08 -19.21
C LYS B 424 -18.75 -32.19 -20.71
N VAL B 425 -18.81 -31.06 -21.40
CA VAL B 425 -19.02 -31.08 -22.86
C VAL B 425 -17.84 -31.52 -23.72
N PRO B 426 -16.61 -31.03 -23.45
CA PRO B 426 -15.52 -31.45 -24.33
C PRO B 426 -15.45 -32.95 -24.50
N PHE B 427 -15.43 -33.67 -23.40
CA PHE B 427 -15.40 -35.12 -23.48
C PHE B 427 -16.50 -35.67 -24.35
N ARG B 428 -17.72 -35.26 -24.05
CA ARG B 428 -18.88 -35.77 -24.75
C ARG B 428 -18.65 -35.64 -26.24
N VAL B 429 -18.17 -34.47 -26.65
CA VAL B 429 -17.95 -34.22 -28.06
C VAL B 429 -17.00 -35.24 -28.65
N MET B 430 -15.87 -35.44 -27.99
CA MET B 430 -14.88 -36.37 -28.50
C MET B 430 -15.48 -37.76 -28.62
N ALA B 431 -16.26 -38.16 -27.63
CA ALA B 431 -16.86 -39.48 -27.67
C ALA B 431 -17.81 -39.55 -28.84
N GLU B 432 -18.56 -38.48 -29.06
CA GLU B 432 -19.47 -38.45 -30.19
C GLU B 432 -18.64 -38.52 -31.45
N ASN B 433 -17.52 -37.83 -31.47
CA ASN B 433 -16.65 -37.88 -32.65
C ASN B 433 -16.08 -39.26 -32.91
N ALA B 434 -16.01 -40.07 -31.88
CA ALA B 434 -15.41 -41.39 -32.03
C ALA B 434 -16.47 -42.44 -32.31
N GLY B 435 -17.70 -41.97 -32.52
CA GLY B 435 -18.77 -42.83 -32.95
C GLY B 435 -19.51 -43.50 -31.83
N PHE B 436 -19.23 -43.08 -30.61
CA PHE B 436 -19.89 -43.63 -29.44
C PHE B 436 -21.10 -42.82 -29.05
N ASN B 437 -21.89 -43.37 -28.14
CA ASN B 437 -22.95 -42.63 -27.51
C ASN B 437 -22.35 -41.69 -26.50
N GLY B 438 -22.22 -40.42 -26.86
CA GLY B 438 -21.52 -39.46 -26.03
C GLY B 438 -22.01 -39.36 -24.60
N LEU B 439 -23.32 -39.25 -24.46
CA LEU B 439 -23.93 -39.10 -23.15
C LEU B 439 -23.72 -40.33 -22.28
N GLU B 440 -23.98 -41.50 -22.86
CA GLU B 440 -23.80 -42.73 -22.14
C GLU B 440 -22.40 -42.91 -21.59
N LYS B 441 -21.41 -42.76 -22.46
CA LYS B 441 -20.03 -42.93 -22.05
C LYS B 441 -19.67 -41.90 -21.01
N LEU B 442 -20.23 -40.71 -21.16
CA LEU B 442 -19.97 -39.66 -20.19
C LEU B 442 -20.41 -40.11 -18.81
N GLY B 443 -21.68 -40.47 -18.68
CA GLY B 443 -22.22 -40.88 -17.40
C GLY B 443 -21.50 -42.06 -16.80
N ASP B 444 -21.36 -43.12 -17.59
CA ASP B 444 -20.68 -44.30 -17.13
C ASP B 444 -19.32 -43.93 -16.56
N LEU B 445 -18.56 -43.15 -17.31
CA LEU B 445 -17.22 -42.80 -16.89
C LEU B 445 -17.25 -42.01 -15.61
N MET B 446 -18.25 -41.16 -15.42
CA MET B 446 -18.27 -40.40 -14.19
C MET B 446 -18.49 -41.29 -12.99
N THR B 447 -19.52 -42.13 -13.07
CA THR B 447 -19.77 -43.10 -12.01
C THR B 447 -18.53 -43.92 -11.70
N LEU B 448 -17.93 -44.48 -12.72
CA LEU B 448 -16.71 -45.26 -12.55
C LEU B 448 -15.58 -44.45 -11.90
N GLN B 449 -15.42 -43.21 -12.31
CA GLN B 449 -14.38 -42.36 -11.75
C GLN B 449 -14.56 -42.26 -10.25
N VAL B 450 -15.80 -42.13 -9.81
CA VAL B 450 -16.02 -42.03 -8.38
C VAL B 450 -15.78 -43.37 -7.70
N GLN B 451 -16.29 -44.44 -8.30
CA GLN B 451 -16.21 -45.75 -7.66
C GLN B 451 -14.80 -46.29 -7.48
N LYS B 452 -13.93 -46.14 -8.45
CA LYS B 452 -12.56 -46.60 -8.27
C LYS B 452 -11.69 -45.44 -7.84
N ASN B 453 -12.35 -44.32 -7.54
CA ASN B 453 -11.70 -43.13 -7.05
C ASN B 453 -10.56 -42.60 -7.88
N ASN B 454 -10.36 -43.16 -9.06
CA ASN B 454 -9.27 -42.72 -9.90
C ASN B 454 -9.75 -41.66 -10.86
N TYR B 455 -9.37 -40.42 -10.59
CA TYR B 455 -9.81 -39.31 -11.42
C TYR B 455 -8.97 -39.23 -12.68
N ALA B 456 -8.15 -40.24 -12.92
CA ALA B 456 -7.31 -40.28 -14.11
C ALA B 456 -7.81 -41.34 -15.07
N LEU B 457 -8.97 -41.89 -14.75
CA LEU B 457 -9.58 -42.87 -15.64
C LEU B 457 -10.24 -42.17 -16.80
N GLY B 458 -9.92 -42.63 -18.01
CA GLY B 458 -10.47 -42.05 -19.22
C GLY B 458 -10.88 -43.10 -20.23
N LEU B 459 -11.29 -42.65 -21.41
CA LEU B 459 -11.76 -43.56 -22.45
C LEU B 459 -10.77 -43.76 -23.57
N ASP B 460 -10.52 -45.01 -23.95
CA ASP B 460 -9.75 -45.31 -25.16
C ASP B 460 -10.66 -45.19 -26.37
N PHE B 461 -10.44 -44.18 -27.21
CA PHE B 461 -11.41 -43.87 -28.24
C PHE B 461 -11.47 -44.81 -29.44
N GLU B 462 -10.46 -45.66 -29.67
CA GLU B 462 -10.58 -46.66 -30.73
C GLU B 462 -11.11 -47.97 -30.18
N THR B 463 -10.58 -48.41 -29.07
CA THR B 463 -11.01 -49.71 -28.55
C THR B 463 -12.36 -49.59 -27.89
N GLY B 464 -12.62 -48.45 -27.24
CA GLY B 464 -13.92 -48.27 -26.61
C GLY B 464 -13.95 -48.69 -25.17
N GLU B 465 -12.81 -49.13 -24.66
CA GLU B 465 -12.73 -49.57 -23.29
C GLU B 465 -12.20 -48.47 -22.39
N PHE B 466 -12.65 -48.43 -21.15
CA PHE B 466 -12.11 -47.48 -20.18
C PHE B 466 -10.73 -47.90 -19.72
N ILE B 467 -9.79 -46.95 -19.69
CA ILE B 467 -8.41 -47.22 -19.27
C ILE B 467 -7.88 -46.16 -18.31
N ASP B 468 -6.70 -46.39 -17.75
CA ASP B 468 -6.01 -45.38 -16.95
C ASP B 468 -5.20 -44.48 -17.85
N MET B 469 -5.55 -43.21 -17.92
CA MET B 469 -4.99 -42.33 -18.94
C MET B 469 -3.50 -42.11 -18.82
N ILE B 470 -3.03 -41.80 -17.63
CA ILE B 470 -1.61 -41.56 -17.46
C ILE B 470 -0.87 -42.84 -17.76
N ALA B 471 -1.50 -43.96 -17.42
CA ALA B 471 -0.92 -45.25 -17.71
C ALA B 471 -0.90 -45.45 -19.20
N GLY B 472 -1.96 -45.02 -19.87
CA GLY B 472 -2.05 -45.18 -21.30
C GLY B 472 -1.16 -44.26 -22.13
N GLY B 473 -0.44 -43.37 -21.47
CA GLY B 473 0.46 -42.47 -22.18
C GLY B 473 -0.28 -41.32 -22.83
N VAL B 474 -1.47 -41.03 -22.33
CA VAL B 474 -2.29 -39.98 -22.89
C VAL B 474 -2.39 -38.81 -21.94
N VAL B 475 -1.48 -37.86 -22.08
CA VAL B 475 -1.40 -36.77 -21.12
C VAL B 475 -1.42 -35.39 -21.77
N ASP B 476 -2.00 -34.43 -21.05
CA ASP B 476 -2.04 -33.06 -21.52
C ASP B 476 -1.10 -32.22 -20.69
N PRO B 477 -0.53 -31.17 -21.29
CA PRO B 477 0.28 -30.30 -20.45
C PRO B 477 -0.65 -29.61 -19.47
N ALA B 478 -0.15 -29.26 -18.28
CA ALA B 478 -1.01 -28.68 -17.26
C ALA B 478 -1.44 -27.28 -17.66
N GLU B 479 -0.48 -26.50 -18.13
CA GLU B 479 -0.74 -25.13 -18.50
C GLU B 479 -1.70 -25.06 -19.66
N VAL B 480 -1.75 -26.08 -20.50
CA VAL B 480 -2.68 -26.05 -21.60
C VAL B 480 -4.09 -26.08 -21.06
N VAL B 481 -4.33 -26.88 -20.03
CA VAL B 481 -5.65 -26.96 -19.41
C VAL B 481 -5.95 -25.70 -18.61
N TYR B 482 -4.97 -25.23 -17.86
CA TYR B 482 -5.16 -24.03 -17.08
C TYR B 482 -5.58 -22.92 -18.00
N GLN B 483 -4.83 -22.76 -19.07
CA GLN B 483 -5.06 -21.71 -20.04
C GLN B 483 -6.35 -21.89 -20.78
N ALA B 484 -6.67 -23.11 -21.16
CA ALA B 484 -7.90 -23.35 -21.88
C ALA B 484 -9.11 -22.95 -21.06
N VAL B 485 -9.14 -23.41 -19.81
CA VAL B 485 -10.26 -23.14 -18.92
C VAL B 485 -10.36 -21.66 -18.61
N LYS B 486 -9.21 -21.06 -18.35
CA LYS B 486 -9.16 -19.65 -18.00
C LYS B 486 -9.64 -18.76 -19.12
N ASN B 487 -9.18 -19.03 -20.33
CA ASN B 487 -9.56 -18.21 -21.46
C ASN B 487 -11.01 -18.41 -21.88
N ALA B 488 -11.42 -19.68 -21.94
CA ALA B 488 -12.79 -19.99 -22.29
C ALA B 488 -13.72 -19.29 -21.33
N SER B 489 -13.34 -19.34 -20.06
CA SER B 489 -14.11 -18.67 -19.03
C SER B 489 -14.14 -17.15 -19.21
N GLU B 490 -12.99 -16.55 -19.51
CA GLU B 490 -12.94 -15.10 -19.64
C GLU B 490 -13.88 -14.64 -20.71
N VAL B 491 -13.86 -15.32 -21.84
CA VAL B 491 -14.73 -14.86 -22.91
C VAL B 491 -16.20 -15.16 -22.59
N ALA B 492 -16.52 -16.33 -22.05
CA ALA B 492 -17.93 -16.64 -21.80
C ALA B 492 -18.54 -15.68 -20.79
N ILE B 493 -17.84 -15.45 -19.70
CA ILE B 493 -18.31 -14.50 -18.70
C ILE B 493 -18.42 -13.13 -19.30
N SER B 494 -17.46 -12.77 -20.15
CA SER B 494 -17.50 -11.47 -20.77
C SER B 494 -18.71 -11.27 -21.65
N LEU B 495 -19.12 -12.33 -22.32
CA LEU B 495 -20.27 -12.25 -23.20
C LEU B 495 -21.58 -12.23 -22.44
N LEU B 496 -21.61 -12.94 -21.33
CA LEU B 496 -22.85 -13.02 -20.59
C LEU B 496 -23.24 -11.72 -19.92
N LYS B 497 -22.26 -10.86 -19.66
CA LYS B 497 -22.59 -9.58 -19.04
C LYS B 497 -23.19 -8.63 -20.06
N ILE B 498 -23.23 -9.05 -21.32
CA ILE B 498 -23.74 -8.22 -22.41
C ILE B 498 -25.26 -8.16 -22.50
N ASN B 499 -25.79 -6.95 -22.63
CA ASN B 499 -27.23 -6.74 -22.64
C ASN B 499 -27.75 -5.96 -23.85
N THR B 500 -26.85 -5.27 -24.54
CA THR B 500 -27.24 -4.40 -25.65
C THR B 500 -26.22 -4.40 -26.76
N ILE B 501 -26.66 -4.23 -28.02
CA ILE B 501 -25.75 -4.21 -29.15
C ILE B 501 -25.92 -3.04 -30.12
N ILE B 502 -24.84 -2.34 -30.45
CA ILE B 502 -24.89 -1.31 -31.52
C ILE B 502 -23.83 -1.44 -32.60
N ILE C 10 23.11 21.05 40.56
CA ILE C 10 22.43 21.82 39.52
C ILE C 10 23.36 22.16 38.35
N GLU C 11 23.86 21.14 37.67
CA GLU C 11 24.80 21.31 36.56
C GLU C 11 24.13 22.00 35.39
N GLU C 12 24.83 22.95 34.79
CA GLU C 12 24.27 23.77 33.72
C GLU C 12 25.25 23.92 32.58
N ARG C 13 24.79 24.56 31.51
CA ARG C 13 25.58 24.85 30.32
C ARG C 13 26.17 23.61 29.69
N TYR C 14 27.33 23.79 29.09
CA TYR C 14 27.99 22.70 28.37
C TYR C 14 28.40 21.60 29.33
N GLN C 15 28.58 21.91 30.62
CA GLN C 15 28.97 20.90 31.59
C GLN C 15 27.78 20.03 31.97
N ALA C 16 26.68 20.22 31.27
CA ALA C 16 25.58 19.27 31.31
C ALA C 16 25.77 18.31 30.16
N LEU C 17 26.06 18.89 29.01
CA LEU C 17 26.26 18.15 27.78
C LEU C 17 27.33 17.08 27.93
N PHE C 18 28.33 17.33 28.78
CA PHE C 18 29.32 16.32 29.11
C PHE C 18 28.70 15.19 29.93
N SER C 19 28.07 15.56 31.03
CA SER C 19 27.57 14.58 31.99
C SER C 19 26.61 13.63 31.30
N ASN C 20 25.88 14.19 30.36
CA ASN C 20 25.03 13.42 29.48
C ASN C 20 25.83 12.50 28.60
N ALA C 21 26.65 13.11 27.75
CA ALA C 21 27.33 12.39 26.68
C ALA C 21 28.08 11.23 27.25
N ALA C 22 28.88 11.51 28.27
CA ALA C 22 29.66 10.47 28.92
C ALA C 22 28.81 9.31 29.36
N ALA C 23 27.71 9.59 30.07
CA ALA C 23 26.87 8.51 30.58
C ALA C 23 26.42 7.63 29.45
N VAL C 24 26.11 8.26 28.33
CA VAL C 24 25.56 7.53 27.22
C VAL C 24 26.62 6.60 26.71
N LYS C 25 27.84 7.10 26.59
CA LYS C 25 28.86 6.28 25.99
C LYS C 25 29.04 5.03 26.84
N ALA C 26 29.05 5.21 28.16
CA ALA C 26 29.28 4.08 29.03
C ALA C 26 28.33 2.97 28.72
N LEU C 27 27.08 3.33 28.47
CA LEU C 27 26.06 2.34 28.15
C LEU C 27 26.32 1.68 26.81
N THR C 28 26.46 2.49 25.77
CA THR C 28 26.51 1.95 24.44
C THR C 28 27.72 1.05 24.20
N GLN C 29 28.89 1.47 24.67
CA GLN C 29 30.09 0.65 24.57
C GLN C 29 29.77 -0.77 24.98
N VAL C 30 29.07 -0.91 26.10
CA VAL C 30 28.81 -2.24 26.64
C VAL C 30 28.08 -3.14 25.69
N VAL C 31 27.07 -2.63 24.99
CA VAL C 31 26.31 -3.49 24.11
C VAL C 31 26.95 -3.58 22.76
N ALA C 32 27.95 -2.75 22.50
CA ALA C 32 28.51 -2.73 21.18
C ALA C 32 29.11 -4.07 20.85
N ASN C 33 29.52 -4.81 21.87
CA ASN C 33 30.14 -6.11 21.67
C ASN C 33 29.19 -7.22 21.31
N SER C 34 27.90 -6.91 21.28
CA SER C 34 26.92 -7.91 21.00
C SER C 34 26.39 -7.73 19.59
N LEU C 35 26.77 -6.61 19.00
CA LEU C 35 26.21 -6.22 17.72
C LEU C 35 26.85 -6.99 16.61
N GLY C 36 26.02 -7.64 15.81
CA GLY C 36 26.52 -8.35 14.66
C GLY C 36 26.49 -9.84 14.88
N PRO C 37 26.90 -10.60 13.87
CA PRO C 37 26.92 -12.06 13.86
C PRO C 37 28.14 -12.57 14.57
N LYS C 38 29.09 -11.69 14.82
CA LYS C 38 30.29 -12.08 15.52
C LYS C 38 30.33 -11.44 16.90
N GLY C 39 29.20 -10.89 17.32
CA GLY C 39 29.06 -10.29 18.63
C GLY C 39 29.02 -11.33 19.72
N LEU C 40 29.45 -10.96 20.92
CA LEU C 40 29.58 -11.89 22.04
C LEU C 40 28.51 -11.65 23.10
N ASP C 41 28.36 -12.58 24.03
CA ASP C 41 27.28 -12.50 25.00
C ASP C 41 27.66 -11.78 26.28
N ALA C 42 26.67 -11.52 27.12
CA ALA C 42 26.86 -10.81 28.36
C ALA C 42 26.10 -11.49 29.48
N MET C 43 26.65 -11.41 30.68
CA MET C 43 26.11 -12.06 31.87
C MET C 43 25.62 -11.09 32.94
N LEU C 44 24.40 -11.28 33.41
CA LEU C 44 23.82 -10.39 34.39
C LEU C 44 23.35 -11.06 35.66
N VAL C 45 23.51 -10.37 36.78
CA VAL C 45 23.08 -10.88 38.08
C VAL C 45 22.04 -9.99 38.75
N ASP C 46 21.04 -10.63 39.36
CA ASP C 46 19.97 -9.93 40.04
C ASP C 46 20.46 -9.48 41.41
N ARG C 47 19.78 -8.48 41.97
CA ARG C 47 20.13 -7.97 43.28
C ARG C 47 20.08 -9.07 44.35
N PHE C 48 19.18 -10.03 44.14
CA PHE C 48 18.97 -11.10 45.12
C PHE C 48 18.84 -12.48 44.49
N GLY C 49 19.89 -12.90 43.79
CA GLY C 49 19.98 -14.27 43.29
C GLY C 49 19.15 -14.63 42.07
N GLU C 50 19.60 -14.17 40.90
CA GLU C 50 19.15 -14.68 39.62
C GLU C 50 20.27 -14.43 38.61
N VAL C 51 20.21 -15.07 37.44
CA VAL C 51 21.30 -14.98 36.48
C VAL C 51 20.80 -15.06 35.04
N VAL C 52 21.26 -14.16 34.19
CA VAL C 52 20.85 -14.18 32.80
C VAL C 52 22.05 -14.12 31.88
N VAL C 53 21.96 -14.72 30.70
CA VAL C 53 23.01 -14.62 29.70
C VAL C 53 22.45 -14.32 28.32
N THR C 54 22.88 -13.24 27.68
CA THR C 54 22.27 -12.89 26.40
C THR C 54 23.14 -12.08 25.44
N ASN C 55 22.74 -12.09 24.16
CA ASN C 55 23.36 -11.29 23.11
C ASN C 55 22.37 -10.21 22.70
N ASP C 56 21.17 -10.35 23.23
CA ASP C 56 20.08 -9.46 22.92
C ASP C 56 20.44 -8.10 23.50
N GLY C 57 20.11 -7.03 22.80
CA GLY C 57 20.53 -5.71 23.23
C GLY C 57 19.64 -5.10 24.28
N VAL C 58 18.36 -4.97 23.96
CA VAL C 58 17.40 -4.35 24.86
C VAL C 58 17.34 -5.11 26.18
N THR C 59 17.71 -6.38 26.15
CA THR C 59 17.70 -7.19 27.36
C THR C 59 18.81 -6.71 28.27
N ILE C 60 20.02 -6.70 27.76
CA ILE C 60 21.17 -6.16 28.48
C ILE C 60 20.89 -4.77 28.99
N LEU C 61 20.32 -3.93 28.15
CA LEU C 61 20.06 -2.56 28.53
C LEU C 61 19.04 -2.45 29.63
N THR C 62 18.12 -3.39 29.69
CA THR C 62 17.12 -3.34 30.75
C THR C 62 17.65 -3.89 32.05
N LEU C 63 18.35 -5.01 31.99
CA LEU C 63 18.77 -5.67 33.21
C LEU C 63 19.92 -4.94 33.86
N MET C 64 20.69 -4.19 33.07
CA MET C 64 21.60 -3.26 33.67
C MET C 64 20.71 -2.31 34.39
N ASP C 65 20.94 -2.04 35.66
CA ASP C 65 20.15 -0.99 36.25
C ASP C 65 20.95 0.25 35.96
N ALA C 66 20.48 1.04 35.01
CA ALA C 66 21.20 2.22 34.62
C ALA C 66 20.55 3.37 35.34
N GLN C 67 21.32 4.03 36.20
CA GLN C 67 20.75 4.97 37.13
C GLN C 67 20.84 6.40 36.64
N HIS C 68 21.81 6.71 35.81
CA HIS C 68 21.90 8.06 35.26
C HIS C 68 20.69 8.36 34.39
N PRO C 69 20.18 9.60 34.44
CA PRO C 69 18.99 9.95 33.66
C PRO C 69 19.13 9.75 32.16
N ALA C 70 20.28 10.12 31.63
CA ALA C 70 20.54 10.02 30.20
C ALA C 70 20.50 8.58 29.76
N ALA C 71 21.21 7.74 30.49
CA ALA C 71 21.22 6.33 30.20
C ALA C 71 19.82 5.76 30.24
N ARG C 72 19.04 6.18 31.24
CA ARG C 72 17.68 5.69 31.40
C ARG C 72 16.85 6.04 30.19
N MET C 73 17.08 7.22 29.66
CA MET C 73 16.39 7.63 28.44
C MET C 73 16.76 6.75 27.27
N VAL C 74 18.05 6.45 27.13
CA VAL C 74 18.44 5.59 26.03
C VAL C 74 17.83 4.21 26.15
N VAL C 75 17.87 3.66 27.35
CA VAL C 75 17.26 2.37 27.58
C VAL C 75 15.81 2.40 27.16
N ASN C 76 15.09 3.44 27.58
CA ASN C 76 13.71 3.59 27.16
C ASN C 76 13.55 3.64 25.65
N MET C 77 14.50 4.26 24.98
CA MET C 77 14.46 4.26 23.54
C MET C 77 14.49 2.84 23.06
N ALA C 78 15.36 2.04 23.66
CA ALA C 78 15.49 0.67 23.24
C ALA C 78 14.17 -0.05 23.44
N ARG C 79 13.57 0.14 24.60
CA ARG C 79 12.31 -0.50 24.92
C ARG C 79 11.32 -0.17 23.81
N ALA C 80 11.35 1.08 23.38
CA ALA C 80 10.47 1.53 22.31
C ALA C 80 10.71 0.78 21.03
N GLN C 81 11.98 0.68 20.64
CA GLN C 81 12.34 -0.05 19.44
C GLN C 81 11.87 -1.49 19.49
N GLU C 82 12.03 -2.13 20.64
CA GLU C 82 11.59 -3.49 20.81
C GLU C 82 10.09 -3.59 20.66
N ARG C 83 9.40 -2.62 21.22
CA ARG C 83 7.95 -2.62 21.18
C ARG C 83 7.44 -2.54 19.76
N GLU C 84 8.07 -1.68 18.97
CA GLU C 84 7.62 -1.42 17.61
C GLU C 84 7.85 -2.55 16.64
N VAL C 85 9.03 -3.16 16.67
CA VAL C 85 9.36 -4.14 15.65
C VAL C 85 9.88 -5.45 16.19
N GLY C 86 10.62 -5.41 17.28
CA GLY C 86 11.06 -6.63 17.93
C GLY C 86 12.50 -7.02 17.69
N ASP C 87 13.15 -6.37 16.73
CA ASP C 87 14.57 -6.58 16.42
C ASP C 87 15.27 -5.22 16.34
N GLY C 88 16.58 -5.23 16.19
CA GLY C 88 17.32 -4.02 15.88
C GLY C 88 17.60 -3.08 17.03
N THR C 89 17.58 -3.61 18.24
CA THR C 89 17.80 -2.83 19.44
C THR C 89 19.24 -2.35 19.61
N THR C 90 20.19 -3.26 19.47
CA THR C 90 21.57 -2.88 19.63
C THR C 90 21.98 -1.86 18.58
N THR C 91 21.47 -2.00 17.37
CA THR C 91 21.78 -1.04 16.33
C THR C 91 21.34 0.34 16.75
N ALA C 92 20.13 0.42 17.28
CA ALA C 92 19.57 1.68 17.69
C ALA C 92 20.38 2.29 18.82
N ALA C 93 20.88 1.44 19.70
CA ALA C 93 21.68 1.93 20.81
C ALA C 93 23.00 2.53 20.34
N VAL C 94 23.72 1.73 19.55
CA VAL C 94 25.00 2.15 19.05
C VAL C 94 24.85 3.40 18.21
N LEU C 95 23.82 3.42 17.40
CA LEU C 95 23.54 4.56 16.54
C LEU C 95 23.32 5.81 17.35
N ALA C 96 22.47 5.70 18.37
CA ALA C 96 22.19 6.80 19.28
C ALA C 96 23.47 7.34 19.86
N GLY C 97 24.30 6.44 20.36
CA GLY C 97 25.57 6.83 20.94
C GLY C 97 26.43 7.60 19.98
N ALA C 98 26.54 7.06 18.77
CA ALA C 98 27.30 7.71 17.71
C ALA C 98 26.80 9.12 17.44
N LEU C 99 25.50 9.27 17.23
CA LEU C 99 24.87 10.55 17.01
C LEU C 99 25.20 11.53 18.10
N VAL C 100 25.08 11.11 19.35
CA VAL C 100 25.32 12.01 20.45
C VAL C 100 26.76 12.46 20.48
N SER C 101 27.70 11.53 20.45
CA SER C 101 29.09 11.90 20.52
C SER C 101 29.49 12.82 19.39
N GLU C 102 29.02 12.53 18.19
CA GLU C 102 29.30 13.40 17.06
C GLU C 102 28.76 14.81 17.29
N GLY C 103 27.51 14.90 17.71
CA GLY C 103 26.90 16.19 17.95
C GLY C 103 27.66 17.01 18.95
N VAL C 104 28.06 16.36 20.02
CA VAL C 104 28.87 17.02 21.02
C VAL C 104 30.16 17.53 20.42
N ASN C 105 30.83 16.71 19.64
CA ASN C 105 32.05 17.17 19.00
C ASN C 105 31.83 18.44 18.25
N GLN C 106 30.79 18.48 17.44
CA GLN C 106 30.54 19.67 16.67
C GLN C 106 30.24 20.87 17.58
N ILE C 107 29.47 20.63 18.61
CA ILE C 107 29.09 21.72 19.50
C ILE C 107 30.30 22.32 20.22
N LEU C 108 31.27 21.48 20.52
CA LEU C 108 32.46 21.92 21.21
C LEU C 108 33.36 22.72 20.30
N LYS C 109 33.27 22.45 19.01
CA LYS C 109 34.06 23.22 18.06
C LYS C 109 33.42 24.57 17.77
N GLY C 110 32.30 24.85 18.44
CA GLY C 110 31.69 26.18 18.36
C GLY C 110 30.41 26.28 17.58
N VAL C 111 29.89 25.14 17.15
CA VAL C 111 28.63 25.13 16.43
C VAL C 111 27.45 25.32 17.39
N PRO C 112 26.59 26.30 17.10
CA PRO C 112 25.39 26.55 17.90
C PRO C 112 24.54 25.30 17.98
N VAL C 113 24.08 24.96 19.18
CA VAL C 113 23.30 23.76 19.37
C VAL C 113 22.11 23.71 18.46
N SER C 114 21.36 24.80 18.46
CA SER C 114 20.21 24.97 17.59
C SER C 114 20.50 24.55 16.15
N LYS C 115 21.65 24.95 15.63
CA LYS C 115 22.02 24.68 14.25
C LYS C 115 22.31 23.21 14.05
N VAL C 116 23.02 22.63 15.01
CA VAL C 116 23.29 21.20 14.98
C VAL C 116 21.98 20.45 14.85
N LEU C 117 21.04 20.79 15.71
CA LEU C 117 19.76 20.08 15.71
C LEU C 117 19.02 20.27 14.41
N ALA C 118 19.12 21.45 13.83
CA ALA C 118 18.46 21.68 12.55
C ALA C 118 19.02 20.72 11.51
N GLY C 119 20.35 20.69 11.41
CA GLY C 119 21.00 19.81 10.47
C GLY C 119 20.61 18.37 10.70
N MET C 120 20.62 17.94 11.96
CA MET C 120 20.29 16.56 12.28
C MET C 120 18.86 16.18 11.95
N ASN C 121 17.91 17.08 12.17
CA ASN C 121 16.54 16.75 11.81
C ASN C 121 16.38 16.63 10.30
N ARG C 122 17.00 17.55 9.58
CA ARG C 122 16.92 17.48 8.14
C ARG C 122 17.53 16.17 7.64
N ALA C 123 18.68 15.85 8.19
CA ALA C 123 19.36 14.62 7.89
C ALA C 123 18.46 13.43 8.16
N LEU C 124 17.83 13.43 9.32
CA LEU C 124 16.96 12.33 9.71
C LEU C 124 15.87 12.12 8.69
N ASN C 125 15.24 13.20 8.26
CA ASN C 125 14.13 13.05 7.34
C ASN C 125 14.56 12.54 5.99
N HIS C 126 15.69 13.02 5.51
CA HIS C 126 16.20 12.48 4.26
C HIS C 126 16.45 10.99 4.42
N ALA C 127 17.04 10.62 5.55
CA ALA C 127 17.31 9.22 5.84
C ALA C 127 16.07 8.37 5.77
N LEU C 128 15.08 8.70 6.57
CA LEU C 128 13.83 7.94 6.58
C LEU C 128 13.20 7.89 5.21
N PHE C 129 13.29 9.01 4.52
CA PHE C 129 12.77 9.08 3.17
C PHE C 129 13.41 7.98 2.35
N LEU C 130 14.73 7.93 2.34
CA LEU C 130 15.45 6.94 1.55
C LEU C 130 15.16 5.52 1.97
N ILE C 131 14.93 5.33 3.26
CA ILE C 131 14.62 4.00 3.75
C ILE C 131 13.30 3.54 3.21
N ARG C 132 12.28 4.36 3.29
CA ARG C 132 11.00 3.93 2.75
C ARG C 132 11.09 3.76 1.25
N LYS C 133 11.84 4.64 0.60
CA LYS C 133 11.92 4.64 -0.85
C LYS C 133 12.55 3.39 -1.37
N ASN C 134 13.62 2.96 -0.74
CA ASN C 134 14.41 1.84 -1.25
C ASN C 134 13.95 0.47 -0.76
N ALA C 135 12.89 0.45 0.04
CA ALA C 135 12.33 -0.80 0.56
C ALA C 135 11.95 -1.76 -0.54
N ILE C 136 12.42 -2.99 -0.45
CA ILE C 136 12.12 -4.03 -1.41
C ILE C 136 10.96 -4.89 -0.99
N LYS C 137 9.82 -4.82 -1.66
CA LYS C 137 8.67 -5.57 -1.20
C LYS C 137 8.78 -7.03 -1.58
N VAL C 138 8.08 -7.85 -0.84
CA VAL C 138 8.08 -9.29 -1.01
C VAL C 138 6.71 -9.73 -1.51
N GLY C 139 6.65 -10.78 -2.33
CA GLY C 139 5.39 -11.08 -2.98
C GLY C 139 4.58 -12.21 -2.39
N SER C 140 5.22 -13.20 -1.81
CA SER C 140 4.44 -14.28 -1.27
C SER C 140 5.07 -14.63 0.04
N ILE C 141 4.31 -15.34 0.88
CA ILE C 141 4.78 -15.65 2.20
C ILE C 141 5.84 -16.70 2.11
N THR C 142 6.14 -17.12 0.90
CA THR C 142 7.07 -18.18 0.67
C THR C 142 8.41 -17.64 0.25
N ASP C 143 8.41 -16.39 -0.19
CA ASP C 143 9.58 -15.78 -0.75
C ASP C 143 10.77 -16.03 0.15
N ASP C 144 11.85 -16.49 -0.44
CA ASP C 144 13.03 -16.84 0.33
C ASP C 144 13.72 -15.65 0.96
N ARG C 145 13.28 -14.46 0.63
CA ARG C 145 13.85 -13.26 1.20
C ARG C 145 13.29 -13.02 2.59
N LEU C 146 12.07 -13.51 2.80
CA LEU C 146 11.43 -13.53 4.11
C LEU C 146 12.13 -14.51 5.04
N LEU C 147 12.40 -15.71 4.53
CA LEU C 147 13.15 -16.70 5.26
C LEU C 147 14.55 -16.21 5.50
N ALA C 148 15.09 -15.49 4.54
CA ALA C 148 16.40 -14.90 4.72
C ALA C 148 16.36 -13.94 5.88
N ALA C 149 15.34 -13.08 5.89
CA ALA C 149 15.17 -12.12 6.96
C ALA C 149 15.15 -12.79 8.32
N ALA C 150 14.34 -13.84 8.44
CA ALA C 150 14.20 -14.60 9.69
C ALA C 150 15.46 -15.36 10.09
N LYS C 151 16.18 -15.87 9.10
CA LYS C 151 17.40 -16.59 9.38
C LYS C 151 18.39 -15.61 9.95
N ILE C 152 18.47 -14.42 9.36
CA ILE C 152 19.42 -13.43 9.81
C ILE C 152 19.11 -12.97 11.21
N ALA C 153 17.84 -12.68 11.48
CA ALA C 153 17.48 -12.23 12.81
C ALA C 153 17.65 -13.32 13.82
N GLY C 154 17.51 -14.56 13.38
CA GLY C 154 17.64 -15.70 14.25
C GLY C 154 19.08 -16.04 14.55
N ARG C 155 20.00 -15.17 14.17
CA ARG C 155 21.41 -15.33 14.45
C ARG C 155 21.97 -16.58 13.80
N GLY C 156 21.41 -16.94 12.65
CA GLY C 156 21.94 -18.04 11.87
C GLY C 156 21.17 -19.33 11.97
N ASP C 157 20.14 -19.37 12.82
CA ASP C 157 19.38 -20.60 12.95
C ASP C 157 18.41 -20.72 11.81
N GLU C 158 18.66 -21.66 10.91
CA GLU C 158 17.80 -21.84 9.76
C GLU C 158 16.65 -22.75 10.10
N ARG C 159 16.86 -23.63 11.08
CA ARG C 159 15.80 -24.51 11.52
C ARG C 159 14.62 -23.67 12.02
N VAL C 160 14.91 -22.71 12.88
CA VAL C 160 13.88 -21.84 13.42
C VAL C 160 13.23 -21.01 12.32
N ALA C 161 14.03 -20.52 11.37
CA ALA C 161 13.52 -19.73 10.27
C ALA C 161 12.54 -20.51 9.45
N ALA C 162 12.89 -21.74 9.12
CA ALA C 162 12.00 -22.58 8.35
C ALA C 162 10.72 -22.80 9.11
N ILE C 163 10.83 -23.04 10.41
CA ILE C 163 9.65 -23.25 11.24
C ILE C 163 8.74 -22.04 11.19
N LEU C 164 9.31 -20.87 11.33
CA LEU C 164 8.55 -19.63 11.34
C LEU C 164 7.91 -19.31 10.00
N ARG C 165 8.63 -19.52 8.91
CA ARG C 165 8.01 -19.35 7.62
C ARG C 165 6.83 -20.28 7.53
N ASP C 166 7.06 -21.54 7.88
CA ASP C 166 6.04 -22.57 7.79
C ASP C 166 4.79 -22.25 8.59
N ALA C 167 4.96 -21.62 9.75
CA ALA C 167 3.82 -21.27 10.58
C ALA C 167 3.11 -20.01 10.08
N ALA C 168 3.89 -18.97 9.81
CA ALA C 168 3.37 -17.72 9.30
C ALA C 168 2.52 -17.97 8.10
N ALA C 169 2.95 -18.91 7.27
CA ALA C 169 2.17 -19.35 6.14
C ALA C 169 0.82 -19.85 6.59
N MET C 170 0.76 -20.62 7.67
CA MET C 170 -0.53 -21.10 8.15
C MET C 170 -1.35 -19.97 8.66
N LEU C 171 -0.74 -18.82 8.90
CA LEU C 171 -1.56 -17.70 9.32
C LEU C 171 -1.88 -16.79 8.14
N GLU C 172 -0.96 -15.91 7.77
CA GLU C 172 -1.19 -14.94 6.70
C GLU C 172 -2.41 -14.05 6.99
N ASP C 173 -3.54 -14.67 7.31
CA ASP C 173 -4.75 -13.93 7.64
C ASP C 173 -4.45 -12.97 8.76
N LYS C 174 -3.67 -13.46 9.71
CA LYS C 174 -3.36 -12.73 10.92
C LYS C 174 -2.35 -11.60 10.74
N LEU C 175 -1.44 -11.77 9.80
CA LEU C 175 -0.37 -10.82 9.61
C LEU C 175 -0.88 -9.49 9.14
N GLN C 176 -2.11 -9.47 8.66
CA GLN C 176 -2.67 -8.26 8.07
C GLN C 176 -3.04 -7.29 9.16
N ASP C 177 -3.25 -7.82 10.36
CA ASP C 177 -3.53 -7.03 11.55
C ASP C 177 -2.28 -6.49 12.20
N PRO C 178 -2.15 -5.16 12.32
CA PRO C 178 -0.99 -4.51 12.92
C PRO C 178 -0.83 -4.83 14.39
N GLY C 179 -1.77 -5.56 14.97
CA GLY C 179 -1.70 -5.87 16.38
C GLY C 179 -1.32 -7.31 16.66
N PHE C 180 -1.08 -8.06 15.60
CA PHE C 180 -0.72 -9.45 15.74
C PHE C 180 0.78 -9.59 15.82
N LYS C 181 1.27 -9.90 17.01
CA LYS C 181 2.69 -10.16 17.15
C LYS C 181 2.95 -11.62 16.84
N LEU C 182 3.67 -11.89 15.77
CA LEU C 182 3.94 -13.26 15.37
C LEU C 182 4.65 -13.98 16.49
N ALA C 183 5.52 -13.27 17.20
CA ALA C 183 6.33 -13.87 18.25
C ALA C 183 5.49 -14.44 19.38
N ASP C 184 4.23 -14.08 19.44
CA ASP C 184 3.32 -14.62 20.43
C ASP C 184 3.14 -16.11 20.26
N LEU C 185 3.57 -16.63 19.12
CA LEU C 185 3.39 -18.04 18.83
C LEU C 185 4.46 -18.89 19.49
N VAL C 186 5.53 -18.27 19.93
CA VAL C 186 6.63 -18.98 20.55
C VAL C 186 6.30 -19.47 21.95
N LEU C 187 6.77 -20.67 22.27
CA LEU C 187 6.65 -21.22 23.61
C LEU C 187 7.89 -21.98 24.01
N ALA C 188 8.45 -21.65 25.16
CA ALA C 188 9.67 -22.29 25.58
C ALA C 188 9.37 -23.31 26.64
N LYS C 189 10.00 -24.48 26.54
CA LYS C 189 9.79 -25.55 27.49
C LYS C 189 11.12 -26.21 27.66
N VAL C 190 11.58 -26.28 28.91
CA VAL C 190 12.85 -26.93 29.21
C VAL C 190 12.75 -28.42 28.93
N GLY C 191 13.77 -28.96 28.30
CA GLY C 191 13.82 -30.38 28.04
C GLY C 191 12.92 -30.80 26.89
N ALA C 192 12.35 -29.82 26.21
CA ALA C 192 11.58 -30.09 25.01
C ALA C 192 12.51 -30.06 23.83
N ASP C 193 12.00 -30.41 22.66
CA ASP C 193 12.78 -30.34 21.44
C ASP C 193 12.15 -29.35 20.50
N THR C 194 12.95 -28.46 19.93
CA THR C 194 12.44 -27.40 19.09
C THR C 194 11.70 -27.91 17.86
N THR C 195 10.44 -27.54 17.72
CA THR C 195 9.63 -28.10 16.64
C THR C 195 8.40 -27.27 16.35
N LEU C 196 7.79 -27.49 15.19
CA LEU C 196 6.55 -26.81 14.84
C LEU C 196 5.36 -27.66 15.20
N ILE C 197 4.45 -27.12 16.00
CA ILE C 197 3.27 -27.87 16.37
C ILE C 197 2.05 -27.26 15.74
N PRO C 198 1.37 -28.01 14.90
CA PRO C 198 0.21 -27.45 14.20
C PRO C 198 -1.04 -27.43 15.04
N GLY C 199 -0.92 -27.00 16.29
CA GLY C 199 -2.05 -26.90 17.19
C GLY C 199 -1.72 -25.95 18.32
N VAL C 200 -2.42 -26.07 19.44
CA VAL C 200 -2.14 -25.20 20.59
C VAL C 200 -1.72 -25.99 21.80
N VAL C 201 -0.93 -25.41 22.68
CA VAL C 201 -0.53 -26.12 23.89
C VAL C 201 -1.06 -25.50 25.18
N ILE C 202 -1.52 -26.35 26.08
CA ILE C 202 -1.84 -25.93 27.44
C ILE C 202 -0.69 -26.31 28.35
N ASN C 203 0.02 -25.33 28.87
CA ASN C 203 1.28 -25.60 29.52
C ASN C 203 1.08 -26.05 30.95
N LYS C 204 0.11 -26.94 31.14
CA LYS C 204 -0.35 -27.35 32.46
C LYS C 204 -0.63 -28.85 32.46
N SER C 205 -0.61 -29.48 33.63
CA SER C 205 -1.02 -30.87 33.72
C SER C 205 -2.52 -30.93 33.95
N PRO C 206 -3.19 -31.92 33.36
CA PRO C 206 -4.63 -32.08 33.56
C PRO C 206 -4.90 -32.31 35.01
N LEU C 207 -6.14 -32.17 35.43
CA LEU C 207 -6.45 -32.31 36.84
C LEU C 207 -6.17 -33.72 37.32
N TRP C 208 -6.47 -34.69 36.48
CA TRP C 208 -6.22 -36.08 36.82
C TRP C 208 -5.39 -36.75 35.74
N GLU C 209 -4.22 -37.24 36.16
CA GLU C 209 -3.26 -37.84 35.26
C GLU C 209 -2.91 -39.25 35.70
N GLU C 210 -2.93 -40.20 34.78
CA GLU C 210 -2.47 -41.55 35.07
C GLU C 210 -1.29 -41.88 34.20
N GLY C 211 -0.60 -40.85 33.75
CA GLY C 211 0.52 -41.00 32.85
C GLY C 211 0.14 -40.39 31.54
N SER C 212 1.05 -40.35 30.58
CA SER C 212 0.77 -39.78 29.28
C SER C 212 -0.49 -40.37 28.71
N GLN C 213 -1.22 -39.59 27.94
CA GLN C 213 -2.55 -40.02 27.49
C GLN C 213 -2.93 -39.38 26.17
N LYS C 214 -3.45 -40.16 25.23
CA LYS C 214 -3.83 -39.53 23.98
C LYS C 214 -5.30 -39.72 23.70
N LEU C 215 -5.94 -38.63 23.33
CA LEU C 215 -7.36 -38.58 23.11
C LEU C 215 -7.62 -38.32 21.65
N GLN C 216 -8.60 -38.99 21.09
CA GLN C 216 -8.98 -38.82 19.69
C GLN C 216 -10.45 -38.56 19.69
N GLU C 217 -10.95 -37.89 18.67
CA GLU C 217 -12.37 -37.54 18.63
C GLU C 217 -12.69 -36.69 19.84
N VAL C 218 -12.01 -35.58 20.00
CA VAL C 218 -12.23 -34.81 21.21
C VAL C 218 -13.28 -33.76 21.03
N ARG C 219 -14.44 -33.92 21.67
CA ARG C 219 -15.41 -32.83 21.76
C ARG C 219 -15.15 -32.10 23.06
N LEU C 220 -14.82 -30.82 23.00
CA LEU C 220 -14.39 -30.15 24.22
C LEU C 220 -15.25 -28.97 24.60
N LEU C 221 -15.29 -28.69 25.89
CA LEU C 221 -16.04 -27.58 26.47
C LEU C 221 -15.09 -26.63 27.15
N VAL C 222 -15.18 -25.35 26.84
CA VAL C 222 -14.25 -24.37 27.38
C VAL C 222 -14.97 -23.34 28.22
N LEU C 223 -14.43 -23.02 29.38
CA LEU C 223 -15.10 -22.13 30.31
C LEU C 223 -14.22 -20.97 30.76
N ASP C 224 -14.74 -19.76 30.65
CA ASP C 224 -14.13 -18.60 31.31
C ASP C 224 -14.79 -18.52 32.66
N ASP C 225 -14.65 -19.59 33.42
CA ASP C 225 -15.30 -19.72 34.70
C ASP C 225 -14.67 -20.88 35.45
N GLY C 226 -15.36 -21.36 36.46
CA GLY C 226 -14.97 -22.56 37.16
C GLY C 226 -16.21 -23.40 37.15
N LEU C 227 -16.07 -24.70 37.28
CA LEU C 227 -17.22 -25.59 37.22
C LEU C 227 -17.85 -25.76 38.58
N TYR C 228 -18.67 -24.81 39.00
CA TYR C 228 -19.30 -24.90 40.31
C TYR C 228 -20.79 -24.73 40.15
N PRO C 229 -21.55 -25.16 41.15
CA PRO C 229 -22.98 -24.85 41.06
C PRO C 229 -23.15 -23.36 41.22
N GLU C 230 -24.31 -22.84 40.84
CA GLU C 230 -24.56 -21.42 40.99
C GLU C 230 -24.64 -21.03 42.45
N GLU C 231 -23.89 -20.00 42.82
CA GLU C 231 -23.71 -19.68 44.22
C GLU C 231 -24.92 -18.99 44.82
N VAL C 232 -25.01 -19.07 46.14
CA VAL C 232 -26.00 -18.36 46.92
C VAL C 232 -25.24 -17.66 48.03
N GLU C 233 -25.39 -16.35 48.15
CA GLU C 233 -24.60 -15.59 49.12
C GLU C 233 -24.70 -16.23 50.50
N GLU C 234 -23.62 -16.17 51.26
CA GLU C 234 -23.54 -16.90 52.50
C GLU C 234 -24.64 -16.47 53.46
N GLU C 235 -24.90 -15.18 53.51
CA GLU C 235 -25.92 -14.63 54.40
C GLU C 235 -27.27 -15.23 54.07
N ALA C 236 -27.56 -15.30 52.78
CA ALA C 236 -28.87 -15.72 52.29
C ALA C 236 -29.29 -17.08 52.81
N LEU C 237 -28.34 -17.81 53.35
CA LEU C 237 -28.63 -19.15 53.84
C LEU C 237 -29.39 -19.16 55.15
N ALA C 238 -29.70 -18.00 55.70
CA ALA C 238 -30.44 -18.00 56.93
C ALA C 238 -31.91 -17.85 56.64
N SER C 239 -32.30 -18.15 55.41
CA SER C 239 -33.58 -17.69 54.95
C SER C 239 -34.46 -18.64 54.17
N GLU C 240 -34.48 -19.92 54.51
CA GLU C 240 -35.41 -20.87 53.90
C GLU C 240 -35.43 -20.82 52.38
N ALA C 241 -36.07 -19.79 51.82
CA ALA C 241 -36.09 -19.62 50.37
C ALA C 241 -34.68 -19.64 49.82
N GLY C 242 -33.78 -18.98 50.54
CA GLY C 242 -32.38 -18.97 50.18
C GLY C 242 -31.84 -20.38 50.14
N PHE C 243 -32.08 -21.11 51.22
CA PHE C 243 -31.59 -22.46 51.29
C PHE C 243 -32.29 -23.36 50.30
N GLU C 244 -33.59 -23.23 50.17
CA GLU C 244 -34.31 -24.05 49.21
C GLU C 244 -33.78 -23.83 47.82
N GLN C 245 -33.23 -22.65 47.57
CA GLN C 245 -32.63 -22.42 46.28
C GLN C 245 -31.27 -23.05 46.21
N TYR C 246 -30.54 -23.03 47.31
CA TYR C 246 -29.28 -23.76 47.36
C TYR C 246 -29.55 -25.18 46.90
N LEU C 247 -30.55 -25.80 47.47
CA LEU C 247 -30.95 -27.16 47.09
C LEU C 247 -31.32 -27.24 45.63
N LYS C 248 -32.14 -26.30 45.19
CA LYS C 248 -32.64 -26.33 43.83
C LYS C 248 -31.50 -26.35 42.83
N ASN C 249 -30.57 -25.42 42.98
CA ASN C 249 -29.53 -25.34 41.99
C ASN C 249 -28.26 -26.07 42.39
N GLN C 250 -28.36 -26.92 43.40
CA GLN C 250 -27.38 -27.99 43.56
C GLN C 250 -27.90 -29.17 42.77
N LYS C 251 -29.22 -29.29 42.71
CA LYS C 251 -29.86 -30.27 41.84
C LYS C 251 -29.66 -30.00 40.36
N ILE C 252 -29.89 -28.77 39.93
CA ILE C 252 -29.77 -28.51 38.51
C ILE C 252 -28.34 -28.65 38.05
N PHE C 253 -27.39 -28.50 38.94
CA PHE C 253 -26.00 -28.68 38.58
C PHE C 253 -25.77 -30.11 38.15
N GLN C 254 -26.25 -31.03 38.98
CA GLN C 254 -26.12 -32.44 38.67
C GLN C 254 -26.81 -32.77 37.37
N GLU C 255 -27.95 -32.13 37.13
CA GLU C 255 -28.65 -32.32 35.86
C GLU C 255 -27.77 -31.92 34.67
N ASN C 256 -27.10 -30.79 34.84
CA ASN C 256 -26.21 -30.28 33.82
C ASN C 256 -25.04 -31.19 33.55
N LEU C 257 -24.50 -31.78 34.60
CA LEU C 257 -23.39 -32.70 34.39
C LEU C 257 -23.84 -33.87 33.53
N LYS C 258 -25.02 -34.41 33.85
CA LYS C 258 -25.54 -35.47 33.02
C LYS C 258 -25.62 -34.99 31.58
N LYS C 259 -26.04 -33.73 31.39
CA LYS C 259 -26.03 -33.14 30.06
C LYS C 259 -24.65 -33.27 29.42
N LEU C 260 -23.60 -32.97 30.18
CA LEU C 260 -22.26 -33.07 29.61
C LEU C 260 -21.98 -34.45 29.11
N LYS C 261 -22.45 -35.47 29.81
CA LYS C 261 -22.11 -36.80 29.35
C LYS C 261 -22.96 -37.16 28.15
N GLU C 262 -24.19 -36.69 28.14
CA GLU C 262 -25.07 -36.96 27.02
C GLU C 262 -24.49 -36.35 25.76
N LEU C 263 -23.76 -35.26 25.89
CA LEU C 263 -23.17 -34.62 24.73
C LEU C 263 -21.86 -35.26 24.28
N GLY C 264 -21.31 -36.15 25.09
CA GLY C 264 -20.10 -36.83 24.67
C GLY C 264 -18.82 -36.04 24.86
N VAL C 265 -18.86 -35.07 25.76
CA VAL C 265 -17.69 -34.26 26.06
C VAL C 265 -16.57 -35.13 26.60
N LYS C 266 -15.35 -34.96 26.10
CA LYS C 266 -14.25 -35.80 26.56
C LYS C 266 -13.10 -34.97 27.09
N LEU C 267 -13.24 -33.65 27.02
CA LEU C 267 -12.25 -32.72 27.57
C LEU C 267 -12.90 -31.41 27.98
N ILE C 268 -12.49 -30.87 29.12
CA ILE C 268 -13.02 -29.60 29.62
C ILE C 268 -11.92 -28.67 30.02
N LEU C 269 -11.92 -27.44 29.53
CA LEU C 269 -10.92 -26.49 29.97
C LEU C 269 -11.51 -25.31 30.74
N LEU C 270 -10.88 -24.96 31.85
CA LEU C 270 -11.39 -23.95 32.75
C LEU C 270 -10.37 -22.88 33.07
N THR C 271 -10.82 -21.64 33.28
CA THR C 271 -9.90 -20.61 33.70
C THR C 271 -9.91 -20.51 35.20
N ARG C 272 -10.84 -21.23 35.80
CA ARG C 272 -10.89 -21.31 37.25
C ARG C 272 -10.82 -22.73 37.74
N GLY C 273 -11.55 -23.02 38.79
CA GLY C 273 -11.44 -24.30 39.45
C GLY C 273 -12.56 -25.25 39.12
N ILE C 274 -12.66 -26.30 39.91
CA ILE C 274 -13.70 -27.28 39.73
C ILE C 274 -14.26 -27.80 41.04
N SER C 275 -15.57 -27.99 41.09
CA SER C 275 -16.26 -28.57 42.24
C SER C 275 -15.84 -30.00 42.47
N ASP C 276 -16.00 -30.49 43.68
CA ASP C 276 -15.69 -31.89 43.94
C ASP C 276 -16.68 -32.79 43.23
N ILE C 277 -17.94 -32.39 43.20
CA ILE C 277 -18.97 -33.17 42.49
C ILE C 277 -18.59 -33.34 41.04
N ALA C 278 -18.16 -32.25 40.44
CA ALA C 278 -17.73 -32.28 39.07
C ALA C 278 -16.47 -33.10 38.93
N GLU C 279 -15.51 -32.92 39.83
CA GLU C 279 -14.27 -33.67 39.73
C GLU C 279 -14.53 -35.19 39.73
N GLU C 280 -15.44 -35.64 40.59
CA GLU C 280 -15.83 -37.04 40.58
C GLU C 280 -16.55 -37.42 39.30
N PHE C 281 -17.48 -36.58 38.87
CA PHE C 281 -18.21 -36.89 37.65
C PHE C 281 -17.27 -37.08 36.50
N CYS C 282 -16.23 -36.26 36.46
CA CYS C 282 -15.26 -36.32 35.39
C CYS C 282 -14.39 -37.56 35.51
N TYR C 283 -14.01 -37.90 36.73
CA TYR C 283 -13.26 -39.13 36.93
C TYR C 283 -14.03 -40.32 36.42
N GLU C 284 -15.31 -40.40 36.79
CA GLU C 284 -16.12 -41.58 36.49
C GLU C 284 -16.51 -41.71 35.04
N ASN C 285 -16.56 -40.61 34.32
CA ASN C 285 -16.93 -40.69 32.92
C ASN C 285 -15.79 -40.35 31.99
N GLU C 286 -14.58 -40.62 32.47
CA GLU C 286 -13.42 -40.75 31.64
C GLU C 286 -13.09 -39.40 30.97
N ILE C 287 -13.60 -38.33 31.55
CA ILE C 287 -13.47 -36.98 31.00
C ILE C 287 -12.23 -36.25 31.50
N MET C 288 -11.36 -35.82 30.60
CA MET C 288 -10.16 -35.14 31.02
C MET C 288 -10.46 -33.69 31.27
N VAL C 289 -9.87 -33.12 32.31
CA VAL C 289 -10.15 -31.72 32.63
C VAL C 289 -8.84 -31.05 32.97
N ILE C 290 -8.67 -29.82 32.51
CA ILE C 290 -7.54 -28.99 32.90
C ILE C 290 -8.03 -27.71 33.51
N THR C 291 -7.44 -27.31 34.62
CA THR C 291 -7.89 -26.11 35.30
C THR C 291 -6.90 -24.98 35.12
N ARG C 292 -7.33 -23.78 35.45
CA ARG C 292 -6.45 -22.62 35.51
C ARG C 292 -5.66 -22.41 34.25
N ILE C 293 -6.33 -22.23 33.13
CA ILE C 293 -5.63 -21.92 31.88
C ILE C 293 -5.46 -20.41 31.69
N THR C 294 -4.42 -20.03 30.97
CA THR C 294 -4.09 -18.63 30.76
C THR C 294 -5.20 -17.98 29.99
N GLN C 295 -5.27 -16.67 29.99
CA GLN C 295 -6.21 -16.02 29.13
C GLN C 295 -5.73 -16.26 27.72
N LYS C 296 -4.42 -16.16 27.52
CA LYS C 296 -3.82 -16.43 26.22
C LYS C 296 -4.24 -17.78 25.71
N GLU C 297 -4.02 -18.79 26.54
CA GLU C 297 -4.36 -20.16 26.22
C GLU C 297 -5.84 -20.25 25.90
N LEU C 298 -6.67 -19.56 26.67
CA LEU C 298 -8.11 -19.57 26.46
C LEU C 298 -8.49 -19.07 25.09
N LYS C 299 -8.00 -17.89 24.75
CA LYS C 299 -8.33 -17.27 23.48
C LYS C 299 -7.87 -18.13 22.33
N ARG C 300 -6.67 -18.67 22.45
CA ARG C 300 -6.12 -19.49 21.39
C ARG C 300 -6.89 -20.79 21.16
N VAL C 301 -7.16 -21.52 22.23
CA VAL C 301 -7.88 -22.76 22.08
C VAL C 301 -9.30 -22.52 21.63
N LEU C 302 -9.86 -21.39 22.00
CA LEU C 302 -11.21 -21.07 21.55
C LEU C 302 -11.20 -20.87 20.06
N GLU C 303 -10.25 -20.09 19.56
CA GLU C 303 -10.19 -19.85 18.13
C GLU C 303 -9.96 -21.13 17.36
N PHE C 304 -8.98 -21.89 17.80
CA PHE C 304 -8.57 -23.12 17.14
C PHE C 304 -9.64 -24.19 17.10
N THR C 305 -10.32 -24.42 18.21
CA THR C 305 -11.27 -25.52 18.27
C THR C 305 -12.65 -25.15 17.81
N GLY C 306 -12.88 -23.86 17.68
CA GLY C 306 -14.19 -23.39 17.29
C GLY C 306 -15.20 -23.48 18.42
N ALA C 307 -14.71 -23.59 19.64
CA ALA C 307 -15.56 -23.61 20.81
C ALA C 307 -15.99 -22.21 21.19
N ARG C 308 -17.10 -22.12 21.90
CA ARG C 308 -17.54 -20.83 22.42
C ARG C 308 -17.37 -20.85 23.92
N ALA C 309 -16.94 -19.73 24.49
CA ALA C 309 -16.66 -19.63 25.90
C ALA C 309 -17.93 -19.68 26.70
N ALA C 310 -17.95 -20.49 27.75
CA ALA C 310 -19.16 -20.60 28.55
C ALA C 310 -18.90 -20.18 29.98
N LYS C 311 -19.95 -19.79 30.66
CA LYS C 311 -19.87 -19.60 32.09
C LYS C 311 -20.70 -20.73 32.62
N ARG C 312 -20.68 -20.95 33.93
CA ARG C 312 -21.39 -22.06 34.52
C ARG C 312 -22.86 -22.06 34.10
N THR C 313 -23.44 -20.86 34.05
CA THR C 313 -24.84 -20.69 33.73
C THR C 313 -25.18 -21.20 32.34
N SER C 314 -24.20 -21.19 31.45
CA SER C 314 -24.40 -21.66 30.08
C SER C 314 -24.76 -23.12 30.06
N LEU C 315 -24.50 -23.82 31.15
CA LEU C 315 -24.80 -25.24 31.19
C LEU C 315 -26.27 -25.46 31.46
N ASN C 316 -27.03 -24.38 31.50
CA ASN C 316 -28.45 -24.50 31.72
C ASN C 316 -29.19 -24.52 30.42
N LYS C 317 -28.49 -24.25 29.32
CA LYS C 317 -29.14 -24.30 28.03
C LYS C 317 -29.71 -25.67 27.83
N PRO C 318 -30.74 -25.78 27.00
CA PRO C 318 -31.13 -27.15 26.71
C PRO C 318 -29.95 -27.80 26.01
N VAL C 319 -29.86 -29.10 26.10
CA VAL C 319 -28.70 -29.83 25.62
C VAL C 319 -28.42 -29.52 24.16
N GLU C 320 -29.48 -29.27 23.41
CA GLU C 320 -29.37 -29.02 22.00
C GLU C 320 -28.67 -27.69 21.74
N GLU C 321 -28.80 -26.74 22.65
CA GLU C 321 -28.16 -25.44 22.49
C GLU C 321 -26.73 -25.50 22.91
N LEU C 322 -26.45 -26.42 23.79
CA LEU C 322 -25.12 -26.53 24.31
C LEU C 322 -24.28 -27.15 23.21
N GLN C 323 -24.85 -28.10 22.46
CA GLN C 323 -24.08 -28.74 21.37
C GLN C 323 -23.42 -27.75 20.43
N LYS C 324 -23.80 -26.48 20.53
CA LYS C 324 -23.30 -25.46 19.63
C LYS C 324 -22.06 -24.75 20.13
N MET C 325 -21.84 -24.74 21.44
CA MET C 325 -20.67 -24.03 21.96
C MET C 325 -19.49 -24.94 22.24
N LEU C 326 -19.66 -26.22 22.00
CA LEU C 326 -18.55 -27.14 22.13
C LEU C 326 -17.60 -26.88 20.99
N GLY C 327 -16.40 -27.42 21.09
CA GLY C 327 -15.45 -27.33 20.02
C GLY C 327 -15.01 -28.73 19.69
N TYR C 328 -14.16 -28.89 18.68
CA TYR C 328 -13.69 -30.21 18.30
C TYR C 328 -12.21 -30.17 18.01
N ALA C 329 -11.51 -31.21 18.45
CA ALA C 329 -10.13 -31.42 18.06
C ALA C 329 -9.95 -32.87 17.64
N ARG C 330 -9.14 -33.09 16.61
CA ARG C 330 -8.93 -34.44 16.11
C ARG C 330 -8.24 -35.25 17.18
N THR C 331 -7.12 -34.72 17.64
CA THR C 331 -6.40 -35.38 18.71
C THR C 331 -5.99 -34.38 19.78
N CYS C 332 -5.70 -34.91 20.95
CA CYS C 332 -5.34 -34.11 22.10
C CYS C 332 -4.47 -34.98 22.97
N PHE C 333 -3.26 -34.56 23.30
CA PHE C 333 -2.31 -35.46 23.91
C PHE C 333 -1.64 -34.88 25.12
N TYR C 334 -1.72 -35.55 26.24
CA TYR C 334 -1.02 -35.11 27.44
C TYR C 334 0.30 -35.81 27.59
N ASP C 335 1.36 -35.02 27.62
CA ASP C 335 2.74 -35.50 27.75
C ASP C 335 3.20 -35.47 29.20
N SER C 336 3.37 -36.64 29.79
CA SER C 336 3.72 -36.75 31.19
C SER C 336 5.14 -36.30 31.48
N ARG C 337 5.95 -36.20 30.44
CA ARG C 337 7.36 -35.88 30.61
C ARG C 337 7.59 -34.40 30.67
N LEU C 338 6.81 -33.66 29.89
CA LEU C 338 6.99 -32.23 29.83
C LEU C 338 5.93 -31.52 30.64
N ASP C 339 4.96 -32.28 31.12
CA ASP C 339 3.84 -31.71 31.83
C ASP C 339 3.14 -30.62 31.05
N PHE C 340 2.76 -30.90 29.80
CA PHE C 340 1.72 -30.11 29.15
C PHE C 340 0.81 -30.92 28.25
N THR C 341 -0.15 -30.23 27.65
CA THR C 341 -1.13 -30.87 26.80
C THR C 341 -1.10 -30.26 25.41
N ILE C 342 -1.23 -31.07 24.38
CA ILE C 342 -1.14 -30.56 23.02
C ILE C 342 -2.39 -30.89 22.23
N ILE C 343 -3.10 -29.87 21.80
CA ILE C 343 -4.31 -30.09 21.02
C ILE C 343 -4.07 -29.85 19.55
N GLU C 344 -4.38 -30.86 18.75
CA GLU C 344 -4.21 -30.76 17.31
C GLU C 344 -5.43 -31.16 16.51
N GLY C 345 -5.52 -30.61 15.30
CA GLY C 345 -6.58 -30.98 14.40
C GLY C 345 -7.88 -30.39 14.86
N GLY C 346 -7.87 -29.08 15.09
CA GLY C 346 -9.02 -28.36 15.56
C GLY C 346 -9.99 -27.97 14.47
N ALA C 347 -11.27 -27.92 14.82
CA ALA C 347 -12.34 -27.64 13.87
C ALA C 347 -12.54 -26.16 13.59
N GLY C 348 -11.67 -25.31 14.12
CA GLY C 348 -11.77 -23.90 13.89
C GLY C 348 -10.68 -23.45 12.97
N LYS C 349 -10.26 -22.20 13.11
CA LYS C 349 -9.14 -21.68 12.31
C LYS C 349 -7.90 -22.49 12.58
N ALA C 350 -6.91 -22.42 11.72
CA ALA C 350 -5.69 -23.19 11.97
C ALA C 350 -4.68 -22.26 12.52
N THR C 351 -3.75 -22.81 13.28
CA THR C 351 -2.73 -22.01 13.92
C THR C 351 -1.54 -22.86 14.20
N ALA C 352 -0.52 -22.29 14.84
CA ALA C 352 0.68 -23.04 15.09
C ALA C 352 1.32 -22.60 16.38
N THR C 353 2.18 -23.45 16.90
CA THR C 353 2.97 -23.13 18.06
C THR C 353 4.43 -23.46 17.77
N VAL C 354 5.28 -22.46 17.86
CA VAL C 354 6.69 -22.64 17.68
C VAL C 354 7.34 -23.06 18.99
N LEU C 355 7.56 -24.36 19.16
CA LEU C 355 8.08 -24.84 20.42
C LEU C 355 9.57 -24.72 20.44
N ILE C 356 10.11 -24.02 21.42
CA ILE C 356 11.53 -23.83 21.55
C ILE C 356 12.09 -24.58 22.74
N GLY C 357 12.97 -25.53 22.50
CA GLY C 357 13.40 -26.38 23.57
C GLY C 357 14.88 -26.27 23.84
N ALA C 358 15.23 -26.52 25.09
CA ALA C 358 16.62 -26.53 25.50
C ALA C 358 16.75 -27.27 26.82
N ALA C 359 17.99 -27.47 27.24
CA ALA C 359 18.30 -28.27 28.41
C ALA C 359 18.08 -27.53 29.72
N THR C 360 18.53 -26.28 29.80
CA THR C 360 18.49 -25.51 31.03
C THR C 360 17.64 -24.27 30.91
N ASP C 361 17.28 -23.69 32.04
CA ASP C 361 16.48 -22.49 32.05
C ASP C 361 17.16 -21.37 31.31
N GLU C 362 18.43 -21.14 31.59
CA GLU C 362 19.16 -20.05 30.95
C GLU C 362 19.14 -20.13 29.43
N VAL C 363 19.53 -21.29 28.92
CA VAL C 363 19.61 -21.51 27.50
C VAL C 363 18.25 -21.44 26.82
N VAL C 364 17.22 -22.06 27.37
CA VAL C 364 15.93 -21.99 26.72
C VAL C 364 15.42 -20.58 26.76
N ASP C 365 15.82 -19.80 27.75
CA ASP C 365 15.43 -18.40 27.80
C ASP C 365 16.04 -17.66 26.62
N GLU C 366 17.34 -17.85 26.42
CA GLU C 366 18.02 -17.17 25.31
C GLU C 366 17.54 -17.66 23.95
N GLN C 367 17.26 -18.94 23.80
CA GLN C 367 16.77 -19.47 22.55
C GLN C 367 15.38 -18.94 22.29
N GLU C 368 14.61 -18.71 23.34
CA GLU C 368 13.31 -18.09 23.15
C GLU C 368 13.48 -16.67 22.69
N ARG C 369 14.40 -15.94 23.30
CA ARG C 369 14.63 -14.56 22.88
C ARG C 369 15.01 -14.48 21.42
N ILE C 370 15.93 -15.33 21.01
CA ILE C 370 16.33 -15.42 19.63
C ILE C 370 15.18 -15.78 18.72
N ALA C 371 14.36 -16.73 19.15
CA ALA C 371 13.23 -17.14 18.36
C ALA C 371 12.31 -15.96 18.11
N LYS C 372 11.94 -15.25 19.15
CA LYS C 372 11.03 -14.12 19.00
C LYS C 372 11.64 -13.04 18.13
N ASP C 373 12.94 -12.82 18.25
CA ASP C 373 13.62 -11.90 17.35
C ASP C 373 13.35 -12.30 15.92
N ALA C 374 13.54 -13.58 15.63
CA ALA C 374 13.36 -14.06 14.27
C ALA C 374 11.92 -13.91 13.79
N ALA C 375 10.96 -14.23 14.64
CA ALA C 375 9.57 -14.11 14.26
C ALA C 375 9.20 -12.68 13.93
N GLY C 376 9.56 -11.78 14.82
CA GLY C 376 9.29 -10.38 14.61
C GLY C 376 9.91 -9.85 13.34
N SER C 377 11.12 -10.28 13.03
CA SER C 377 11.76 -9.82 11.82
C SER C 377 11.12 -10.43 10.57
N PHE C 378 10.58 -11.63 10.69
CA PHE C 378 9.85 -12.20 9.57
C PHE C 378 8.63 -11.38 9.28
N ALA C 379 7.77 -11.23 10.27
CA ALA C 379 6.55 -10.45 10.06
C ALA C 379 6.87 -9.06 9.55
N ALA C 380 7.90 -8.43 10.10
CA ALA C 380 8.27 -7.09 9.66
C ALA C 380 8.74 -7.06 8.21
N ALA C 381 9.46 -8.09 7.78
CA ALA C 381 9.85 -8.17 6.39
C ALA C 381 8.62 -8.31 5.52
N TYR C 382 7.73 -9.25 5.87
CA TYR C 382 6.51 -9.45 5.11
C TYR C 382 5.67 -8.21 4.98
N ARG C 383 5.67 -7.37 6.00
CA ARG C 383 4.82 -6.21 5.98
C ARG C 383 5.44 -5.00 5.36
N SER C 384 6.76 -4.86 5.45
CA SER C 384 7.39 -3.62 5.06
C SER C 384 8.52 -3.75 4.05
N GLY C 385 8.81 -4.97 3.62
CA GLY C 385 9.85 -5.21 2.65
C GLY C 385 11.20 -5.41 3.30
N VAL C 386 12.25 -5.58 2.49
CA VAL C 386 13.58 -5.81 3.05
C VAL C 386 14.62 -4.84 2.49
N LEU C 387 15.82 -4.86 3.05
CA LEU C 387 16.92 -4.01 2.64
C LEU C 387 18.20 -4.76 2.86
N PRO C 388 19.30 -4.34 2.24
CA PRO C 388 20.56 -5.06 2.40
C PRO C 388 21.23 -4.81 3.75
N GLY C 389 21.56 -5.87 4.46
CA GLY C 389 22.10 -5.75 5.80
C GLY C 389 23.60 -5.59 5.89
N GLY C 390 24.18 -5.98 7.01
CA GLY C 390 25.61 -5.93 7.17
C GLY C 390 26.09 -4.54 7.46
N GLY C 391 25.15 -3.60 7.54
CA GLY C 391 25.45 -2.20 7.76
C GLY C 391 25.72 -1.43 6.48
N ALA C 392 25.58 -2.10 5.34
CA ALA C 392 25.90 -1.50 4.06
C ALA C 392 24.97 -0.35 3.73
N PHE C 393 23.68 -0.63 3.83
CA PHE C 393 22.69 0.36 3.48
C PHE C 393 22.88 1.62 4.30
N PHE C 394 23.38 1.48 5.51
CA PHE C 394 23.72 2.62 6.35
C PHE C 394 24.83 3.44 5.74
N LEU C 395 25.77 2.80 5.09
CA LEU C 395 26.83 3.53 4.46
C LEU C 395 26.27 4.31 3.29
N TYR C 396 25.37 3.67 2.55
CA TYR C 396 24.68 4.37 1.48
C TYR C 396 24.01 5.61 2.04
N LEU C 397 23.31 5.46 3.15
CA LEU C 397 22.63 6.58 3.79
C LEU C 397 23.62 7.62 4.24
N SER C 398 24.83 7.21 4.58
CA SER C 398 25.82 8.15 5.00
C SER C 398 26.23 9.05 3.86
N ARG C 399 26.51 8.45 2.71
CA ARG C 399 26.90 9.22 1.54
C ARG C 399 25.76 10.10 1.03
N GLU C 400 24.56 9.57 1.09
CA GLU C 400 23.40 10.32 0.66
C GLU C 400 23.11 11.49 1.57
N VAL C 401 23.37 11.34 2.86
CA VAL C 401 23.09 12.40 3.81
C VAL C 401 24.18 13.46 3.69
N GLU C 402 25.41 13.02 3.50
CA GLU C 402 26.50 13.96 3.25
C GLU C 402 26.23 14.77 2.00
N SER C 403 25.54 14.17 1.04
CA SER C 403 25.05 14.92 -0.11
C SER C 403 24.36 16.22 0.25
N LEU C 404 23.54 16.22 1.28
CA LEU C 404 22.81 17.43 1.59
C LEU C 404 23.69 18.47 2.26
N LYS C 405 24.89 18.08 2.69
CA LYS C 405 25.75 18.92 3.52
C LYS C 405 25.73 20.41 3.18
N ASN C 406 25.82 20.75 1.89
CA ASN C 406 25.89 22.16 1.48
C ASN C 406 24.63 22.62 0.73
N ARG C 407 23.74 21.67 0.42
CA ARG C 407 22.46 21.99 -0.20
C ARG C 407 21.73 22.97 0.75
N LEU C 408 22.28 23.03 1.94
CA LEU C 408 21.92 24.00 2.91
C LEU C 408 23.09 24.93 3.12
N PRO C 409 22.90 26.21 2.93
CA PRO C 409 24.13 26.93 3.22
C PRO C 409 24.08 27.35 4.69
N GLY C 410 25.23 27.45 5.33
CA GLY C 410 25.23 27.79 6.73
C GLY C 410 25.92 26.76 7.61
N MET C 411 25.67 26.86 8.92
CA MET C 411 26.33 26.00 9.90
C MET C 411 25.55 24.73 10.16
N GLU C 412 24.31 24.67 9.66
CA GLU C 412 23.56 23.43 9.70
C GLU C 412 24.36 22.29 9.07
N SER C 413 25.25 22.63 8.15
CA SER C 413 26.08 21.64 7.50
C SER C 413 26.71 20.75 8.55
N TYR C 414 27.28 21.36 9.59
CA TYR C 414 27.93 20.57 10.63
C TYR C 414 26.99 19.52 11.19
N GLY C 415 25.78 19.94 11.50
CA GLY C 415 24.79 19.02 12.01
C GLY C 415 24.66 17.85 11.08
N VAL C 416 24.40 18.14 9.82
CA VAL C 416 24.24 17.09 8.83
C VAL C 416 25.46 16.19 8.79
N MET C 417 26.65 16.80 8.82
CA MET C 417 27.86 16.02 8.73
C MET C 417 27.89 15.02 9.86
N ALA C 418 27.55 15.49 11.06
CA ALA C 418 27.55 14.66 12.24
C ALA C 418 26.66 13.46 12.01
N PHE C 419 25.47 13.70 11.47
CA PHE C 419 24.54 12.62 11.26
C PHE C 419 25.20 11.61 10.38
N SER C 420 25.76 12.10 9.28
CA SER C 420 26.40 11.23 8.31
C SER C 420 27.45 10.36 8.98
N GLU C 421 28.34 10.98 9.76
CA GLU C 421 29.46 10.24 10.29
C GLU C 421 28.98 9.16 11.21
N ALA C 422 27.85 9.42 11.84
CA ALA C 422 27.35 8.50 12.83
C ALA C 422 26.82 7.24 12.18
N LEU C 423 26.28 7.37 10.97
CA LEU C 423 25.74 6.21 10.31
C LEU C 423 26.85 5.26 9.92
N LYS C 424 28.10 5.71 10.04
CA LYS C 424 29.20 4.85 9.66
C LYS C 424 29.49 3.86 10.76
N VAL C 425 29.01 4.14 11.95
CA VAL C 425 29.49 3.43 13.12
C VAL C 425 29.07 1.99 13.27
N PRO C 426 27.80 1.66 13.04
CA PRO C 426 27.48 0.24 13.21
C PRO C 426 28.35 -0.70 12.40
N PHE C 427 28.53 -0.46 11.11
CA PHE C 427 29.34 -1.35 10.30
C PHE C 427 30.69 -1.52 10.95
N ARG C 428 31.34 -0.40 11.23
CA ARG C 428 32.66 -0.44 11.82
C ARG C 428 32.66 -1.29 13.07
N VAL C 429 31.68 -1.09 13.93
CA VAL C 429 31.64 -1.85 15.16
C VAL C 429 31.58 -3.32 14.82
N MET C 430 30.67 -3.69 13.93
CA MET C 430 30.51 -5.08 13.59
C MET C 430 31.79 -5.59 13.00
N ALA C 431 32.43 -4.78 12.16
CA ALA C 431 33.66 -5.21 11.55
C ALA C 431 34.70 -5.42 12.61
N GLU C 432 34.78 -4.53 13.59
CA GLU C 432 35.75 -4.70 14.64
C GLU C 432 35.42 -5.95 15.40
N ASN C 433 34.14 -6.18 15.62
CA ASN C 433 33.71 -7.36 16.33
C ASN C 433 34.11 -8.63 15.62
N ALA C 434 34.38 -8.54 14.34
CA ALA C 434 34.74 -9.74 13.61
C ALA C 434 36.25 -9.90 13.50
N GLY C 435 36.97 -8.99 14.15
CA GLY C 435 38.42 -9.08 14.23
C GLY C 435 39.13 -8.42 13.07
N PHE C 436 38.38 -7.68 12.28
CA PHE C 436 38.95 -6.97 11.16
C PHE C 436 39.33 -5.58 11.61
N ASN C 437 40.09 -4.88 10.79
CA ASN C 437 40.33 -3.49 11.04
C ASN C 437 39.08 -2.73 10.67
N GLY C 438 38.28 -2.34 11.66
CA GLY C 438 37.01 -1.72 11.40
C GLY C 438 37.12 -0.55 10.46
N LEU C 439 38.07 0.33 10.74
CA LEU C 439 38.26 1.53 9.94
C LEU C 439 38.67 1.26 8.49
N GLU C 440 39.66 0.40 8.31
CA GLU C 440 40.11 0.03 6.98
C GLU C 440 38.99 -0.55 6.16
N LYS C 441 38.30 -1.53 6.73
CA LYS C 441 37.24 -2.18 6.01
C LYS C 441 36.15 -1.18 5.70
N LEU C 442 35.90 -0.26 6.62
CA LEU C 442 34.89 0.75 6.38
C LEU C 442 35.24 1.56 5.15
N GLY C 443 36.43 2.13 5.14
CA GLY C 443 36.84 2.98 4.04
C GLY C 443 36.79 2.26 2.71
N ASP C 444 37.40 1.08 2.66
CA ASP C 444 37.39 0.28 1.46
C ASP C 444 35.97 0.03 0.96
N LEU C 445 35.09 -0.40 1.86
CA LEU C 445 33.73 -0.74 1.46
C LEU C 445 33.01 0.46 0.92
N MET C 446 33.26 1.62 1.48
CA MET C 446 32.58 2.79 0.97
C MET C 446 33.04 3.16 -0.42
N THR C 447 34.36 3.18 -0.59
CA THR C 447 34.92 3.41 -1.90
C THR C 447 34.29 2.49 -2.94
N LEU C 448 34.31 1.21 -2.66
CA LEU C 448 33.71 0.23 -3.54
C LEU C 448 32.24 0.44 -3.77
N GLN C 449 31.49 0.78 -2.75
CA GLN C 449 30.07 1.00 -2.94
C GLN C 449 29.85 2.07 -3.95
N VAL C 450 30.65 3.12 -3.87
CA VAL C 450 30.47 4.21 -4.82
C VAL C 450 30.91 3.79 -6.22
N GLN C 451 32.00 3.07 -6.33
CA GLN C 451 32.58 2.71 -7.64
C GLN C 451 31.66 1.89 -8.52
N LYS C 452 30.96 0.91 -7.93
CA LYS C 452 30.05 0.09 -8.69
C LYS C 452 28.64 0.59 -8.49
N ASN C 453 28.54 1.70 -7.79
CA ASN C 453 27.28 2.34 -7.44
C ASN C 453 26.28 1.39 -6.76
N ASN C 454 26.76 0.24 -6.31
CA ASN C 454 25.92 -0.75 -5.67
C ASN C 454 25.87 -0.61 -4.17
N TYR C 455 24.75 -0.15 -3.64
CA TYR C 455 24.63 0.06 -2.21
C TYR C 455 24.34 -1.23 -1.46
N ALA C 456 24.40 -2.37 -2.12
CA ALA C 456 24.12 -3.61 -1.42
C ALA C 456 25.39 -4.39 -1.21
N LEU C 457 26.51 -3.79 -1.51
CA LEU C 457 27.78 -4.44 -1.25
C LEU C 457 28.13 -4.26 0.20
N GLY C 458 28.43 -5.38 0.86
CA GLY C 458 28.76 -5.37 2.28
C GLY C 458 29.93 -6.27 2.56
N LEU C 459 30.27 -6.46 3.83
CA LEU C 459 31.39 -7.33 4.16
C LEU C 459 30.93 -8.66 4.67
N ASP C 460 31.48 -9.74 4.10
CA ASP C 460 31.25 -11.07 4.64
C ASP C 460 32.15 -11.27 5.84
N PHE C 461 31.54 -11.31 7.01
CA PHE C 461 32.32 -11.27 8.24
C PHE C 461 33.04 -12.57 8.55
N GLU C 462 32.72 -13.62 7.81
CA GLU C 462 33.43 -14.87 8.02
C GLU C 462 34.64 -14.93 7.11
N THR C 463 34.42 -14.61 5.84
CA THR C 463 35.49 -14.68 4.84
C THR C 463 36.38 -13.44 4.79
N GLY C 464 35.80 -12.26 5.00
CA GLY C 464 36.57 -11.04 4.91
C GLY C 464 36.47 -10.41 3.53
N GLU C 465 35.67 -11.02 2.66
CA GLU C 465 35.50 -10.54 1.31
C GLU C 465 34.26 -9.70 1.18
N PHE C 466 34.31 -8.69 0.33
CA PHE C 466 33.13 -7.89 0.05
C PHE C 466 32.21 -8.67 -0.86
N ILE C 467 30.93 -8.70 -0.53
CA ILE C 467 29.98 -9.45 -1.35
C ILE C 467 28.71 -8.68 -1.59
N ASP C 468 27.85 -9.24 -2.43
CA ASP C 468 26.54 -8.69 -2.63
C ASP C 468 25.66 -9.23 -1.52
N MET C 469 25.22 -8.36 -0.64
CA MET C 469 24.54 -8.79 0.57
C MET C 469 23.22 -9.46 0.30
N ILE C 470 22.40 -8.88 -0.57
CA ILE C 470 21.10 -9.47 -0.83
C ILE C 470 21.27 -10.86 -1.41
N ALA C 471 22.29 -11.02 -2.24
CA ALA C 471 22.61 -12.31 -2.83
C ALA C 471 23.11 -13.28 -1.76
N GLY C 472 23.86 -12.74 -0.81
CA GLY C 472 24.45 -13.55 0.23
C GLY C 472 23.42 -14.05 1.22
N GLY C 473 22.16 -13.66 1.01
CA GLY C 473 21.08 -14.12 1.85
C GLY C 473 21.00 -13.41 3.18
N VAL C 474 21.61 -12.23 3.22
CA VAL C 474 21.69 -11.42 4.41
C VAL C 474 20.86 -10.15 4.29
N VAL C 475 19.60 -10.22 4.68
CA VAL C 475 18.73 -9.06 4.50
C VAL C 475 18.07 -8.67 5.80
N ASP C 476 17.86 -7.37 5.98
CA ASP C 476 17.24 -6.84 7.19
C ASP C 476 15.87 -6.33 6.84
N PRO C 477 14.91 -6.45 7.74
CA PRO C 477 13.60 -5.90 7.44
C PRO C 477 13.65 -4.40 7.30
N ALA C 478 12.75 -3.82 6.51
CA ALA C 478 12.77 -2.38 6.25
C ALA C 478 12.35 -1.56 7.44
N GLU C 479 11.25 -1.95 8.06
CA GLU C 479 10.68 -1.22 9.18
C GLU C 479 11.63 -1.29 10.37
N VAL C 480 12.45 -2.32 10.45
CA VAL C 480 13.43 -2.39 11.52
C VAL C 480 14.45 -1.27 11.39
N VAL C 481 14.91 -1.00 10.17
CA VAL C 481 15.86 0.06 9.92
C VAL C 481 15.21 1.41 10.08
N TYR C 482 14.01 1.54 9.54
CA TYR C 482 13.28 2.78 9.65
C TYR C 482 13.13 3.12 11.12
N GLN C 483 12.67 2.16 11.91
CA GLN C 483 12.46 2.41 13.33
C GLN C 483 13.77 2.66 14.06
N ALA C 484 14.80 1.90 13.76
CA ALA C 484 16.06 2.07 14.45
C ALA C 484 16.59 3.47 14.27
N VAL C 485 16.62 3.93 13.02
CA VAL C 485 17.14 5.26 12.76
C VAL C 485 16.25 6.32 13.38
N LYS C 486 14.94 6.17 13.20
CA LYS C 486 13.99 7.15 13.69
C LYS C 486 14.10 7.30 15.20
N ASN C 487 14.19 6.18 15.89
CA ASN C 487 14.25 6.19 17.34
C ASN C 487 15.57 6.68 17.89
N ALA C 488 16.68 6.18 17.36
CA ALA C 488 17.98 6.61 17.82
C ALA C 488 18.13 8.09 17.62
N SER C 489 17.66 8.58 16.48
CA SER C 489 17.72 10.01 16.23
C SER C 489 16.86 10.77 17.20
N GLU C 490 15.64 10.29 17.43
CA GLU C 490 14.72 11.02 18.29
C GLU C 490 15.31 11.19 19.68
N VAL C 491 15.91 10.14 20.21
CA VAL C 491 16.51 10.24 21.54
C VAL C 491 17.80 11.09 21.54
N ALA C 492 18.65 10.93 20.54
CA ALA C 492 19.89 11.70 20.53
C ALA C 492 19.62 13.19 20.42
N ILE C 493 18.71 13.55 19.53
CA ILE C 493 18.30 14.93 19.38
C ILE C 493 17.67 15.42 20.66
N SER C 494 16.88 14.57 21.30
CA SER C 494 16.28 15.00 22.55
C SER C 494 17.32 15.29 23.61
N LEU C 495 18.40 14.53 23.63
CA LEU C 495 19.44 14.79 24.63
C LEU C 495 20.30 15.99 24.33
N LEU C 496 20.56 16.24 23.05
CA LEU C 496 21.45 17.32 22.69
C LEU C 496 20.82 18.69 22.93
N LYS C 497 19.49 18.74 22.97
CA LYS C 497 18.80 19.99 23.23
C LYS C 497 18.80 20.30 24.73
N ILE C 498 19.28 19.36 25.53
CA ILE C 498 19.31 19.52 26.98
C ILE C 498 20.49 20.35 27.42
N ASN C 499 20.23 21.37 28.23
CA ASN C 499 21.26 22.33 28.59
C ASN C 499 21.47 22.47 30.07
N THR C 500 20.51 22.02 30.84
CA THR C 500 20.59 22.18 32.28
C THR C 500 20.02 20.95 32.95
N ILE C 501 20.59 20.57 34.08
CA ILE C 501 20.16 19.39 34.80
C ILE C 501 19.92 19.68 36.28
N ILE C 502 18.76 19.29 36.77
CA ILE C 502 18.44 19.36 38.19
C ILE C 502 17.96 18.02 38.72
N ILE D 10 14.44 36.08 60.60
CA ILE D 10 13.84 37.42 60.65
C ILE D 10 14.68 38.46 59.92
N GLU D 11 14.89 38.26 58.62
CA GLU D 11 15.64 39.20 57.78
C GLU D 11 14.83 40.48 57.56
N GLU D 12 15.47 41.64 57.65
CA GLU D 12 14.75 42.91 57.53
C GLU D 12 15.47 43.96 56.69
N ARG D 13 14.79 45.08 56.45
CA ARG D 13 15.36 46.23 55.73
C ARG D 13 15.88 45.86 54.33
N TYR D 14 16.98 46.49 53.91
CA TYR D 14 17.47 46.24 52.56
C TYR D 14 17.86 44.79 52.39
N GLN D 15 18.33 44.14 53.44
CA GLN D 15 18.76 42.76 53.32
C GLN D 15 17.60 41.80 53.39
N ALA D 16 16.39 42.34 53.28
CA ALA D 16 15.25 41.52 52.95
C ALA D 16 15.15 41.56 51.46
N LEU D 17 15.20 42.77 50.92
CA LEU D 17 15.13 42.99 49.49
C LEU D 17 16.21 42.25 48.74
N PHE D 18 17.38 42.07 49.35
CA PHE D 18 18.41 41.27 48.72
C PHE D 18 17.95 39.83 48.71
N SER D 19 17.63 39.30 49.87
CA SER D 19 17.36 37.86 50.01
C SER D 19 16.25 37.46 49.06
N ASN D 20 15.32 38.38 48.85
CA ASN D 20 14.30 38.20 47.83
C ASN D 20 14.86 38.22 46.43
N ALA D 21 15.38 39.37 46.04
CA ALA D 21 15.76 39.62 44.65
C ALA D 21 16.72 38.56 44.13
N ALA D 22 17.77 38.30 44.90
CA ALA D 22 18.73 37.29 44.52
C ALA D 22 18.02 35.98 44.24
N ALA D 23 17.19 35.58 45.19
CA ALA D 23 16.49 34.32 45.10
C ALA D 23 15.71 34.22 43.81
N VAL D 24 15.20 35.35 43.36
CA VAL D 24 14.42 35.37 42.14
C VAL D 24 15.27 35.26 40.89
N LYS D 25 16.39 36.00 40.82
CA LYS D 25 17.14 36.00 39.57
C LYS D 25 17.61 34.58 39.30
N ALA D 26 18.06 33.92 40.35
CA ALA D 26 18.53 32.55 40.28
C ALA D 26 17.50 31.68 39.57
N LEU D 27 16.24 31.95 39.84
CA LEU D 27 15.15 31.24 39.21
C LEU D 27 15.07 31.58 37.72
N THR D 28 15.00 32.87 37.41
CA THR D 28 14.77 33.30 36.04
C THR D 28 15.91 32.87 35.12
N GLN D 29 17.15 33.02 35.58
CA GLN D 29 18.32 32.55 34.83
C GLN D 29 18.03 31.15 34.30
N VAL D 30 17.48 30.30 35.15
CA VAL D 30 17.25 28.91 34.78
C VAL D 30 16.36 28.77 33.57
N VAL D 31 15.26 29.50 33.53
CA VAL D 31 14.36 29.32 32.42
C VAL D 31 14.78 30.21 31.27
N ALA D 32 15.75 31.08 31.50
CA ALA D 32 16.10 32.03 30.46
C ALA D 32 16.62 31.31 29.23
N ASN D 33 17.23 30.15 29.44
CA ASN D 33 17.77 29.42 28.31
C ASN D 33 16.72 28.71 27.48
N SER D 34 15.47 28.76 27.88
CA SER D 34 14.44 28.03 27.15
C SER D 34 13.56 28.96 26.36
N LEU D 35 13.76 30.25 26.58
CA LEU D 35 12.93 31.26 25.97
C LEU D 35 13.28 31.49 24.53
N GLY D 36 12.28 31.41 23.67
CA GLY D 36 12.52 31.75 22.29
C GLY D 36 12.55 30.50 21.46
N PRO D 37 12.72 30.66 20.16
CA PRO D 37 12.69 29.57 19.20
C PRO D 37 14.02 28.86 19.21
N LYS D 38 15.02 29.50 19.78
CA LYS D 38 16.33 28.90 19.85
C LYS D 38 16.63 28.51 21.28
N GLY D 39 15.58 28.52 22.09
CA GLY D 39 15.72 28.16 23.49
C GLY D 39 16.04 26.70 23.62
N LEU D 40 16.72 26.35 24.70
CA LEU D 40 17.17 24.99 24.92
C LEU D 40 16.35 24.32 26.01
N ASP D 41 16.49 23.02 26.12
CA ASP D 41 15.67 22.22 27.02
C ASP D 41 16.37 22.01 28.34
N ALA D 42 15.64 21.44 29.27
CA ALA D 42 16.17 21.21 30.60
C ALA D 42 15.77 19.84 31.10
N MET D 43 16.63 19.29 31.92
CA MET D 43 16.45 17.95 32.44
C MET D 43 16.21 17.96 33.92
N LEU D 44 15.14 17.31 34.36
CA LEU D 44 14.80 17.31 35.76
C LEU D 44 14.68 15.89 36.30
N VAL D 45 15.16 15.65 37.50
CA VAL D 45 15.09 14.32 38.10
C VAL D 45 14.35 14.30 39.43
N ASP D 46 13.57 13.25 39.64
CA ASP D 46 12.74 13.11 40.83
C ASP D 46 13.55 12.69 42.04
N ARG D 47 12.98 12.93 43.22
CA ARG D 47 13.63 12.60 44.48
C ARG D 47 13.96 11.11 44.56
N PHE D 48 13.16 10.29 43.87
CA PHE D 48 13.35 8.85 43.89
C PHE D 48 13.19 8.22 42.51
N GLY D 49 14.00 8.70 41.57
CA GLY D 49 14.12 8.06 40.27
C GLY D 49 12.98 8.27 39.28
N GLU D 50 12.91 9.47 38.71
CA GLU D 50 12.08 9.72 37.54
C GLU D 50 12.71 10.89 36.79
N VAL D 51 12.31 11.13 35.55
CA VAL D 51 12.99 12.12 34.71
C VAL D 51 12.09 12.81 33.69
N VAL D 52 12.21 14.13 33.59
CA VAL D 52 11.44 14.89 32.61
C VAL D 52 12.38 15.77 31.78
N VAL D 53 12.02 16.05 30.54
CA VAL D 53 12.82 16.95 29.71
C VAL D 53 11.93 17.96 29.04
N THR D 54 12.20 19.26 29.21
CA THR D 54 11.28 20.23 28.61
C THR D 54 11.81 21.63 28.26
N ASN D 55 11.05 22.36 27.44
CA ASN D 55 11.35 23.75 27.05
C ASN D 55 10.30 24.61 27.70
N ASP D 56 9.31 23.91 28.27
CA ASP D 56 8.15 24.53 28.86
C ASP D 56 8.55 25.29 30.10
N GLY D 57 7.94 26.45 30.32
CA GLY D 57 8.33 27.31 31.41
C GLY D 57 7.72 26.89 32.73
N VAL D 58 6.40 26.83 32.76
CA VAL D 58 5.67 26.50 33.97
C VAL D 58 6.08 25.12 34.46
N THR D 59 6.52 24.28 33.54
CA THR D 59 6.92 22.92 33.88
C THR D 59 8.25 22.90 34.63
N ILE D 60 9.28 23.48 34.02
CA ILE D 60 10.56 23.62 34.67
C ILE D 60 10.37 24.26 36.03
N LEU D 61 9.58 25.32 36.07
CA LEU D 61 9.36 26.06 37.31
C LEU D 61 8.63 25.26 38.37
N THR D 62 7.77 24.34 37.96
CA THR D 62 7.03 23.55 38.92
C THR D 62 7.91 22.46 39.50
N LEU D 63 8.69 21.83 38.64
CA LEU D 63 9.47 20.64 39.00
C LEU D 63 10.74 20.93 39.80
N MET D 64 11.24 22.14 39.71
CA MET D 64 12.32 22.57 40.56
C MET D 64 11.94 22.52 42.01
N ASP D 65 12.83 22.05 42.86
CA ASP D 65 12.54 22.17 44.27
C ASP D 65 12.92 23.59 44.59
N ALA D 66 11.92 24.45 44.71
CA ALA D 66 12.15 25.85 44.94
C ALA D 66 11.95 26.17 46.39
N GLN D 67 13.01 26.59 47.08
CA GLN D 67 12.91 26.68 48.53
C GLN D 67 12.61 28.08 49.05
N HIS D 68 13.14 29.10 48.39
CA HIS D 68 12.93 30.46 48.83
C HIS D 68 11.49 30.88 48.60
N PRO D 69 10.93 31.64 49.54
CA PRO D 69 9.53 32.06 49.44
C PRO D 69 9.25 32.86 48.21
N ALA D 70 10.19 33.73 47.85
CA ALA D 70 10.04 34.60 46.69
C ALA D 70 9.95 33.79 45.42
N ALA D 71 10.86 32.84 45.29
CA ALA D 71 10.87 31.94 44.16
C ALA D 71 9.54 31.20 44.09
N ARG D 72 9.06 30.72 45.24
CA ARG D 72 7.81 29.97 45.27
C ARG D 72 6.68 30.84 44.75
N MET D 73 6.74 32.11 45.09
CA MET D 73 5.74 33.03 44.62
C MET D 73 5.77 33.17 43.11
N VAL D 74 6.98 33.30 42.56
CA VAL D 74 7.11 33.45 41.12
C VAL D 74 6.56 32.23 40.40
N VAL D 75 6.86 31.06 40.94
CA VAL D 75 6.33 29.82 40.40
C VAL D 75 4.82 29.89 40.36
N ASN D 76 4.23 30.25 41.49
CA ASN D 76 2.77 30.36 41.56
C ASN D 76 2.23 31.28 40.48
N MET D 77 2.95 32.37 40.23
CA MET D 77 2.56 33.28 39.18
C MET D 77 2.56 32.56 37.84
N ALA D 78 3.58 31.75 37.60
CA ALA D 78 3.64 31.05 36.33
C ALA D 78 2.45 30.16 36.20
N ARG D 79 2.17 29.38 37.24
CA ARG D 79 1.05 28.48 37.16
C ARG D 79 -0.21 29.25 36.82
N ALA D 80 -0.36 30.43 37.41
CA ALA D 80 -1.52 31.25 37.13
C ALA D 80 -1.58 31.58 35.66
N GLN D 81 -0.45 31.99 35.11
CA GLN D 81 -0.36 32.32 33.70
C GLN D 81 -0.80 31.14 32.84
N GLU D 82 -0.37 29.95 33.22
CA GLU D 82 -0.76 28.75 32.49
C GLU D 82 -2.27 28.56 32.58
N ARG D 83 -2.82 28.84 33.75
CA ARG D 83 -4.23 28.67 33.96
C ARG D 83 -5.06 29.58 33.07
N GLU D 84 -4.62 30.82 32.94
CA GLU D 84 -5.39 31.82 32.23
C GLU D 84 -5.43 31.58 30.72
N VAL D 85 -4.27 31.34 30.11
CA VAL D 85 -4.15 31.24 28.66
C VAL D 85 -3.37 30.03 28.15
N GLY D 86 -2.39 29.57 28.90
CA GLY D 86 -1.74 28.32 28.56
C GLY D 86 -0.40 28.41 27.89
N ASP D 87 -0.03 29.61 27.44
CA ASP D 87 1.25 29.85 26.82
C ASP D 87 1.92 31.01 27.51
N GLY D 88 3.15 31.30 27.15
CA GLY D 88 3.76 32.53 27.61
C GLY D 88 4.25 32.49 29.04
N THR D 89 4.50 31.31 29.56
CA THR D 89 4.92 31.21 30.94
C THR D 89 6.35 31.69 31.17
N THR D 90 7.30 31.17 30.40
CA THR D 90 8.69 31.54 30.60
C THR D 90 8.88 33.03 30.33
N THR D 91 8.14 33.57 29.38
CA THR D 91 8.20 34.99 29.10
C THR D 91 7.82 35.79 30.34
N ALA D 92 6.76 35.37 31.00
CA ALA D 92 6.27 36.05 32.19
C ALA D 92 7.29 35.97 33.31
N ALA D 93 7.97 34.84 33.41
CA ALA D 93 8.98 34.70 34.45
C ALA D 93 10.13 35.65 34.22
N VAL D 94 10.68 35.62 33.02
CA VAL D 94 11.83 36.46 32.70
C VAL D 94 11.47 37.92 32.89
N LEU D 95 10.29 38.30 32.44
CA LEU D 95 9.81 39.65 32.60
C LEU D 95 9.69 40.06 34.06
N ALA D 96 9.06 39.23 34.85
CA ALA D 96 8.94 39.49 36.27
C ALA D 96 10.30 39.73 36.87
N GLY D 97 11.26 38.87 36.55
CA GLY D 97 12.61 39.02 37.05
C GLY D 97 13.23 40.36 36.68
N ALA D 98 13.08 40.75 35.41
CA ALA D 98 13.58 42.04 34.96
C ALA D 98 13.00 43.16 35.79
N LEU D 99 11.68 43.16 35.91
CA LEU D 99 10.95 44.14 36.69
C LEU D 99 11.50 44.26 38.10
N VAL D 100 11.70 43.12 38.74
CA VAL D 100 12.18 43.10 40.10
C VAL D 100 13.55 43.69 40.23
N SER D 101 14.49 43.19 39.42
CA SER D 101 15.85 43.67 39.54
C SER D 101 15.94 45.18 39.31
N GLU D 102 15.23 45.65 38.30
CA GLU D 102 15.23 47.09 38.03
C GLU D 102 14.69 47.88 39.23
N GLY D 103 13.56 47.42 39.74
CA GLY D 103 12.94 48.08 40.88
C GLY D 103 13.87 48.16 42.07
N VAL D 104 14.56 47.06 42.35
CA VAL D 104 15.52 47.08 43.43
C VAL D 104 16.57 48.13 43.19
N ASN D 105 17.10 48.18 41.97
CA ASN D 105 18.13 49.19 41.67
C ASN D 105 17.68 50.59 42.03
N GLN D 106 16.49 50.92 41.55
CA GLN D 106 15.98 52.24 41.82
C GLN D 106 15.88 52.46 43.33
N ILE D 107 15.42 51.46 44.06
CA ILE D 107 15.28 51.61 45.50
C ILE D 107 16.60 51.83 46.22
N LEU D 108 17.66 51.20 45.70
CA LEU D 108 18.98 51.34 46.30
C LEU D 108 19.59 52.70 46.01
N LYS D 109 19.22 53.32 44.90
CA LYS D 109 19.74 54.64 44.66
C LYS D 109 19.04 55.70 45.50
N GLY D 110 18.09 55.28 46.33
CA GLY D 110 17.44 56.17 47.26
C GLY D 110 16.04 56.56 46.86
N VAL D 111 15.53 55.95 45.82
CA VAL D 111 14.18 56.22 45.40
C VAL D 111 13.23 55.57 46.38
N PRO D 112 12.27 56.35 46.90
CA PRO D 112 11.27 55.81 47.80
C PRO D 112 10.55 54.63 47.20
N VAL D 113 10.39 53.56 47.96
CA VAL D 113 9.72 52.37 47.47
C VAL D 113 8.41 52.77 46.89
N SER D 114 7.66 53.53 47.67
CA SER D 114 6.38 54.08 47.28
C SER D 114 6.37 54.65 45.87
N LYS D 115 7.38 55.45 45.54
CA LYS D 115 7.40 56.12 44.27
C LYS D 115 7.69 55.12 43.16
N VAL D 116 8.61 54.21 43.40
CA VAL D 116 8.86 53.15 42.43
C VAL D 116 7.58 52.39 42.13
N LEU D 117 6.88 51.96 43.16
CA LEU D 117 5.66 51.20 42.95
C LEU D 117 4.60 52.00 42.23
N ALA D 118 4.52 53.31 42.52
CA ALA D 118 3.55 54.15 41.86
C ALA D 118 3.84 54.19 40.37
N GLY D 119 5.10 54.48 40.05
CA GLY D 119 5.54 54.56 38.67
C GLY D 119 5.26 53.26 37.96
N MET D 120 5.58 52.15 38.61
CA MET D 120 5.34 50.86 38.00
C MET D 120 3.86 50.61 37.75
N ASN D 121 2.99 51.04 38.66
CA ASN D 121 1.56 50.82 38.42
C ASN D 121 1.07 51.60 37.23
N ARG D 122 1.50 52.86 37.15
CA ARG D 122 1.07 53.72 36.07
C ARG D 122 1.54 53.11 34.74
N ALA D 123 2.80 52.67 34.73
CA ALA D 123 3.36 52.01 33.56
C ALA D 123 2.53 50.81 33.17
N LEU D 124 2.23 49.97 34.16
CA LEU D 124 1.49 48.74 33.95
C LEU D 124 0.17 49.02 33.26
N ASN D 125 -0.57 49.97 33.80
CA ASN D 125 -1.88 50.24 33.25
C ASN D 125 -1.80 50.80 31.84
N HIS D 126 -0.84 51.67 31.60
CA HIS D 126 -0.68 52.18 30.25
C HIS D 126 -0.39 51.03 29.28
N ALA D 127 0.50 50.14 29.71
CA ALA D 127 0.86 48.97 28.91
C ALA D 127 -0.34 48.14 28.53
N LEU D 128 -1.10 47.72 29.54
CA LEU D 128 -2.27 46.90 29.27
C LEU D 128 -3.20 47.62 28.31
N PHE D 129 -3.34 48.93 28.50
CA PHE D 129 -4.16 49.73 27.59
C PHE D 129 -3.68 49.55 26.15
N LEU D 130 -2.38 49.71 25.92
CA LEU D 130 -1.83 49.60 24.57
C LEU D 130 -2.00 48.21 23.97
N ILE D 131 -1.92 47.21 24.83
CA ILE D 131 -2.08 45.85 24.35
C ILE D 131 -3.50 45.67 23.86
N ARG D 132 -4.46 46.10 24.66
CA ARG D 132 -5.85 45.95 24.25
C ARG D 132 -6.16 46.78 23.00
N LYS D 133 -5.59 47.97 22.91
CA LYS D 133 -5.83 48.85 21.77
C LYS D 133 -5.29 48.31 20.47
N ASN D 134 -4.09 47.75 20.50
CA ASN D 134 -3.41 47.33 19.27
C ASN D 134 -3.69 45.89 18.83
N ALA D 135 -4.52 45.19 19.57
CA ALA D 135 -4.88 43.82 19.23
C ALA D 135 -5.46 43.76 17.85
N ILE D 136 -4.94 42.87 17.02
CA ILE D 136 -5.45 42.68 15.67
C ILE D 136 -6.43 41.52 15.67
N LYS D 137 -7.71 41.84 15.48
CA LYS D 137 -8.75 40.85 15.61
C LYS D 137 -8.82 40.00 14.37
N VAL D 138 -9.37 38.80 14.50
CA VAL D 138 -9.42 37.87 13.38
C VAL D 138 -10.83 37.72 12.86
N GLY D 139 -10.96 37.58 11.55
CA GLY D 139 -12.28 37.58 10.93
C GLY D 139 -12.97 36.23 10.92
N SER D 140 -12.21 35.17 10.69
CA SER D 140 -12.79 33.84 10.63
C SER D 140 -11.85 32.83 11.21
N ILE D 141 -12.35 31.63 11.43
CA ILE D 141 -11.56 30.59 12.07
C ILE D 141 -10.55 30.05 11.08
N THR D 142 -10.57 30.60 9.87
CA THR D 142 -9.77 30.04 8.79
C THR D 142 -8.49 30.81 8.60
N ASP D 143 -8.48 32.02 9.11
CA ASP D 143 -7.40 32.98 8.93
C ASP D 143 -6.00 32.43 9.10
N ASP D 144 -5.08 32.85 8.23
CA ASP D 144 -3.69 32.39 8.31
C ASP D 144 -3.01 32.90 9.55
N ARG D 145 -3.60 33.89 10.21
CA ARG D 145 -2.99 34.46 11.39
C ARG D 145 -3.25 33.62 12.63
N LEU D 146 -4.38 32.95 12.63
CA LEU D 146 -4.68 32.00 13.69
C LEU D 146 -3.73 30.82 13.58
N LEU D 147 -3.57 30.31 12.37
CA LEU D 147 -2.66 29.21 12.14
C LEU D 147 -1.24 29.65 12.45
N ALA D 148 -0.94 30.91 12.17
CA ALA D 148 0.37 31.43 12.51
C ALA D 148 0.58 31.36 14.01
N ALA D 149 -0.41 31.82 14.78
CA ALA D 149 -0.34 31.77 16.24
C ALA D 149 -0.09 30.38 16.77
N ALA D 150 -0.85 29.44 16.22
CA ALA D 150 -0.73 28.04 16.64
C ALA D 150 0.61 27.47 16.29
N LYS D 151 1.13 27.88 15.14
CA LYS D 151 2.41 27.40 14.68
C LYS D 151 3.51 27.91 15.58
N ILE D 152 3.44 29.17 15.92
CA ILE D 152 4.48 29.78 16.73
C ILE D 152 4.50 29.18 18.10
N ALA D 153 3.33 29.02 18.69
CA ALA D 153 3.28 28.43 20.02
C ALA D 153 3.65 26.95 19.93
N GLY D 154 3.39 26.33 18.79
CA GLY D 154 3.70 24.94 18.59
C GLY D 154 5.18 24.70 18.33
N ARG D 155 5.96 25.75 18.52
CA ARG D 155 7.40 25.70 18.38
C ARG D 155 7.80 25.38 16.97
N GLY D 156 6.97 25.78 16.01
CA GLY D 156 7.33 25.65 14.62
C GLY D 156 6.67 24.50 13.91
N ASP D 157 5.91 23.71 14.65
CA ASP D 157 5.24 22.53 14.10
C ASP D 157 4.01 22.93 13.32
N GLU D 158 4.08 22.80 12.01
CA GLU D 158 3.01 23.23 11.13
C GLU D 158 1.96 22.15 10.94
N ARG D 159 2.36 20.89 11.08
CA ARG D 159 1.44 19.78 10.96
C ARG D 159 0.36 19.93 12.02
N VAL D 160 0.83 20.13 13.24
CA VAL D 160 -0.02 20.28 14.38
C VAL D 160 -0.89 21.53 14.25
N ALA D 161 -0.31 22.62 13.77
CA ALA D 161 -1.07 23.84 13.60
C ALA D 161 -2.26 23.59 12.69
N ALA D 162 -2.01 22.90 11.58
CA ALA D 162 -3.11 22.59 10.69
C ALA D 162 -4.15 21.73 11.39
N ILE D 163 -3.70 20.77 12.18
CA ILE D 163 -4.66 19.93 12.90
C ILE D 163 -5.57 20.72 13.83
N LEU D 164 -5.00 21.60 14.63
CA LEU D 164 -5.76 22.37 15.59
C LEU D 164 -6.72 23.32 14.90
N ARG D 165 -6.27 23.95 13.83
CA ARG D 165 -7.18 24.79 13.07
C ARG D 165 -8.35 23.95 12.60
N ASP D 166 -8.03 22.82 12.00
CA ASP D 166 -9.05 21.94 11.44
C ASP D 166 -10.07 21.45 12.45
N ALA D 167 -9.64 21.19 13.67
CA ALA D 167 -10.55 20.69 14.71
C ALA D 167 -11.41 21.81 15.28
N ALA D 168 -10.74 22.91 15.65
CA ALA D 168 -11.42 24.08 16.14
C ALA D 168 -12.52 24.46 15.19
N ALA D 169 -12.25 24.27 13.90
CA ALA D 169 -13.26 24.50 12.88
C ALA D 169 -14.50 23.65 13.14
N MET D 170 -14.32 22.39 13.50
CA MET D 170 -15.49 21.56 13.79
C MET D 170 -16.14 22.04 15.05
N LEU D 171 -15.44 22.85 15.82
CA LEU D 171 -16.08 23.40 17.02
C LEU D 171 -16.57 24.83 16.83
N GLU D 172 -15.66 25.80 16.91
CA GLU D 172 -15.96 27.22 16.80
C GLU D 172 -16.96 27.72 17.84
N ASP D 173 -18.16 27.17 17.86
CA ASP D 173 -19.17 27.56 18.85
C ASP D 173 -18.68 27.25 20.27
N LYS D 174 -17.95 26.17 20.42
CA LYS D 174 -17.48 25.75 21.72
C LYS D 174 -16.46 26.74 22.25
N LEU D 175 -15.77 27.42 21.36
CA LEU D 175 -14.75 28.36 21.76
C LEU D 175 -15.32 29.55 22.50
N GLN D 176 -16.62 29.75 22.38
CA GLN D 176 -17.30 30.89 22.99
C GLN D 176 -17.55 30.74 24.48
N ASP D 177 -17.54 29.51 24.98
CA ASP D 177 -17.68 29.31 26.42
C ASP D 177 -16.32 29.53 27.05
N PRO D 178 -16.22 30.51 27.95
CA PRO D 178 -14.94 30.88 28.59
C PRO D 178 -14.31 29.75 29.38
N GLY D 179 -15.00 28.64 29.49
CA GLY D 179 -14.50 27.53 30.25
C GLY D 179 -14.01 26.41 29.37
N PHE D 180 -14.06 26.61 28.06
CA PHE D 180 -13.65 25.56 27.16
C PHE D 180 -12.17 25.69 26.88
N LYS D 181 -11.41 24.78 27.45
CA LYS D 181 -9.99 24.73 27.18
C LYS D 181 -9.83 23.92 25.91
N LEU D 182 -9.37 24.55 24.84
CA LEU D 182 -9.20 23.82 23.59
C LEU D 182 -8.25 22.65 23.81
N ALA D 183 -7.22 22.85 24.60
CA ALA D 183 -6.23 21.83 24.79
C ALA D 183 -6.82 20.57 25.40
N ASP D 184 -8.02 20.65 25.93
CA ASP D 184 -8.66 19.47 26.49
C ASP D 184 -8.93 18.41 25.45
N LEU D 185 -8.81 18.77 24.18
CA LEU D 185 -9.06 17.81 23.11
C LEU D 185 -7.90 16.88 22.86
N VAL D 186 -6.72 17.27 23.33
CA VAL D 186 -5.49 16.55 23.07
C VAL D 186 -5.42 15.21 23.78
N LEU D 187 -4.87 14.20 23.11
CA LEU D 187 -4.71 12.89 23.69
C LEU D 187 -3.39 12.32 23.22
N ALA D 188 -2.55 11.86 24.12
CA ALA D 188 -1.23 11.37 23.76
C ALA D 188 -1.12 9.86 23.89
N LYS D 189 -0.46 9.21 22.94
CA LYS D 189 -0.32 7.75 22.92
C LYS D 189 1.06 7.38 22.40
N VAL D 190 1.82 6.59 23.15
CA VAL D 190 3.11 6.19 22.66
C VAL D 190 2.92 5.26 21.49
N GLY D 191 3.72 5.44 20.46
CA GLY D 191 3.66 4.56 19.30
C GLY D 191 2.52 4.86 18.35
N ALA D 192 1.81 5.94 18.61
CA ALA D 192 0.80 6.41 17.70
C ALA D 192 1.46 7.38 16.75
N ASP D 193 0.73 7.81 15.73
CA ASP D 193 1.20 8.83 14.82
C ASP D 193 0.27 10.03 14.91
N THR D 194 0.84 11.22 14.99
CA THR D 194 0.06 12.44 15.23
C THR D 194 -1.00 12.72 14.18
N THR D 195 -2.25 12.86 14.59
CA THR D 195 -3.35 12.94 13.64
C THR D 195 -4.61 13.58 14.18
N LEU D 196 -5.48 14.01 13.28
CA LEU D 196 -6.76 14.57 13.65
C LEU D 196 -7.83 13.50 13.58
N ILE D 197 -8.57 13.27 14.65
CA ILE D 197 -9.61 12.28 14.57
C ILE D 197 -10.98 12.90 14.70
N PRO D 198 -11.84 12.72 13.71
CA PRO D 198 -13.17 13.31 13.77
C PRO D 198 -14.11 12.50 14.61
N GLY D 199 -13.65 12.05 15.76
CA GLY D 199 -14.49 11.27 16.65
C GLY D 199 -13.91 11.32 18.02
N VAL D 200 -14.27 10.36 18.87
CA VAL D 200 -13.72 10.35 20.22
C VAL D 200 -12.93 9.08 20.51
N VAL D 201 -11.98 9.16 21.41
CA VAL D 201 -11.20 7.99 21.76
C VAL D 201 -11.46 7.51 23.19
N ILE D 202 -11.70 6.21 23.34
CA ILE D 202 -11.74 5.56 24.63
C ILE D 202 -10.41 4.88 24.81
N ASN D 203 -9.59 5.37 25.74
CA ASN D 203 -8.21 4.93 25.79
C ASN D 203 -7.97 3.64 26.54
N LYS D 204 -8.84 2.66 26.33
CA LYS D 204 -8.85 1.42 27.08
C LYS D 204 -9.17 0.30 26.13
N SER D 205 -8.82 -0.94 26.47
CA SER D 205 -9.22 -2.11 25.70
C SER D 205 -10.59 -2.62 26.13
N PRO D 206 -11.35 -3.17 25.19
CA PRO D 206 -12.65 -3.73 25.51
C PRO D 206 -12.51 -4.87 26.49
N LEU D 207 -13.62 -5.29 27.07
CA LEU D 207 -13.61 -6.36 28.04
C LEU D 207 -13.17 -7.66 27.42
N TRP D 208 -13.65 -7.89 26.20
CA TRP D 208 -13.30 -9.07 25.45
C TRP D 208 -12.73 -8.67 24.09
N GLU D 209 -11.50 -9.07 23.84
CA GLU D 209 -10.78 -8.71 22.63
C GLU D 209 -10.34 -9.96 21.91
N GLU D 210 -10.56 -10.01 20.61
CA GLU D 210 -10.03 -11.10 19.82
C GLU D 210 -9.07 -10.58 18.76
N GLY D 211 -8.50 -9.40 19.00
CA GLY D 211 -7.66 -8.73 18.03
C GLY D 211 -8.36 -7.47 17.60
N SER D 212 -7.71 -6.68 16.74
CA SER D 212 -8.31 -5.45 16.26
C SER D 212 -9.68 -5.71 15.69
N GLN D 213 -10.59 -4.76 15.78
CA GLN D 213 -11.97 -5.03 15.37
C GLN D 213 -12.71 -3.79 14.91
N LYS D 214 -13.45 -3.91 13.82
CA LYS D 214 -14.21 -2.78 13.33
C LYS D 214 -15.70 -3.10 13.36
N LEU D 215 -16.46 -2.15 13.89
CA LEU D 215 -17.90 -2.24 14.06
C LEU D 215 -18.55 -1.22 13.19
N GLN D 216 -19.67 -1.59 12.58
CA GLN D 216 -20.39 -0.69 11.71
C GLN D 216 -21.83 -0.60 12.17
N GLU D 217 -22.44 0.56 11.98
CA GLU D 217 -23.79 0.81 12.44
C GLU D 217 -23.90 0.50 13.90
N VAL D 218 -23.13 1.20 14.70
CA VAL D 218 -23.07 0.89 16.10
C VAL D 218 -24.16 1.64 16.82
N ARG D 219 -25.16 0.95 17.34
CA ARG D 219 -26.12 1.55 18.24
C ARG D 219 -25.62 1.33 19.64
N LEU D 220 -25.32 2.37 20.39
CA LEU D 220 -24.66 2.15 21.67
C LEU D 220 -25.40 2.64 22.89
N LEU D 221 -25.14 1.98 23.99
CA LEU D 221 -25.73 2.29 25.27
C LEU D 221 -24.66 2.71 26.25
N VAL D 222 -24.84 3.85 26.89
CA VAL D 222 -23.82 4.39 27.77
C VAL D 222 -24.34 4.49 29.19
N LEU D 223 -23.54 4.05 30.15
CA LEU D 223 -23.96 4.00 31.54
C LEU D 223 -23.03 4.69 32.51
N ASP D 224 -23.58 5.55 33.36
CA ASP D 224 -22.85 6.04 34.52
C ASP D 224 -23.18 5.13 35.69
N ASP D 225 -22.87 3.85 35.51
CA ASP D 225 -23.20 2.80 36.44
C ASP D 225 -22.41 1.57 36.07
N GLY D 226 -22.84 0.42 36.53
CA GLY D 226 -22.27 -0.84 36.11
C GLY D 226 -23.42 -1.73 35.71
N LEU D 227 -23.18 -2.76 34.92
CA LEU D 227 -24.28 -3.62 34.51
C LEU D 227 -24.52 -4.73 35.51
N TYR D 228 -25.19 -4.43 36.61
CA TYR D 228 -25.47 -5.42 37.65
C TYR D 228 -26.96 -5.44 37.96
N PRO D 229 -27.46 -6.52 38.55
CA PRO D 229 -28.86 -6.45 38.94
C PRO D 229 -29.00 -5.42 40.03
N GLU D 230 -30.22 -4.97 40.31
CA GLU D 230 -30.41 -4.02 41.39
C GLU D 230 -30.08 -4.73 42.69
N GLU D 231 -29.20 -4.13 43.47
CA GLU D 231 -28.60 -4.85 44.57
C GLU D 231 -29.55 -4.97 45.71
N VAL D 232 -29.28 -5.92 46.59
CA VAL D 232 -30.05 -6.09 47.81
C VAL D 232 -29.06 -6.16 48.93
N GLU D 233 -29.24 -5.33 49.94
CA GLU D 233 -28.27 -5.25 51.04
C GLU D 233 -28.07 -6.64 51.63
N GLU D 234 -26.85 -6.93 52.05
CA GLU D 234 -26.50 -8.29 52.45
C GLU D 234 -27.33 -8.77 53.62
N GLU D 235 -27.58 -7.89 54.57
CA GLU D 235 -28.32 -8.27 55.76
C GLU D 235 -29.71 -8.75 55.36
N ALA D 236 -30.33 -8.00 54.48
CA ALA D 236 -31.71 -8.25 54.07
C ALA D 236 -31.92 -9.64 53.51
N LEU D 237 -30.85 -10.33 53.21
CA LEU D 237 -30.95 -11.64 52.61
C LEU D 237 -31.37 -12.69 53.61
N ALA D 238 -31.54 -12.30 54.86
CA ALA D 238 -31.95 -13.28 55.86
C ALA D 238 -33.45 -13.27 56.08
N SER D 239 -34.20 -12.71 55.14
CA SER D 239 -35.57 -12.34 55.47
C SER D 239 -36.60 -12.66 54.43
N GLU D 240 -36.46 -13.77 53.75
CA GLU D 240 -37.52 -14.26 52.87
C GLU D 240 -37.93 -13.25 51.82
N ALA D 241 -38.66 -12.22 52.25
CA ALA D 241 -39.03 -11.14 51.37
C ALA D 241 -37.80 -10.57 50.73
N GLY D 242 -36.75 -10.44 51.54
CA GLY D 242 -35.47 -9.97 51.07
C GLY D 242 -34.95 -10.87 49.97
N PHE D 243 -34.91 -12.15 50.23
CA PHE D 243 -34.36 -13.03 49.24
C PHE D 243 -35.25 -13.02 48.01
N GLU D 244 -36.56 -13.07 48.22
CA GLU D 244 -37.49 -13.04 47.09
C GLU D 244 -37.30 -11.81 46.22
N GLN D 245 -36.81 -10.73 46.82
CA GLN D 245 -36.53 -9.55 46.05
C GLN D 245 -35.25 -9.75 45.27
N TYR D 246 -34.26 -10.38 45.90
CA TYR D 246 -33.02 -10.73 45.20
C TYR D 246 -33.35 -11.50 43.93
N LEU D 247 -34.15 -12.54 44.11
CA LEU D 247 -34.55 -13.38 43.00
C LEU D 247 -35.31 -12.60 41.95
N LYS D 248 -36.30 -11.85 42.38
CA LYS D 248 -37.15 -11.16 41.44
C LYS D 248 -36.35 -10.22 40.59
N ASN D 249 -35.47 -9.42 41.18
CA ASN D 249 -34.82 -8.50 40.29
C ASN D 249 -33.46 -8.99 39.83
N GLN D 250 -33.19 -10.28 39.99
CA GLN D 250 -32.20 -10.87 39.14
C GLN D 250 -32.88 -11.42 37.91
N LYS D 251 -34.13 -11.81 38.05
CA LYS D 251 -34.93 -12.19 36.90
C LYS D 251 -35.15 -10.98 35.97
N ILE D 252 -35.58 -9.86 36.54
CA ILE D 252 -35.87 -8.73 35.67
C ILE D 252 -34.62 -8.26 34.99
N PHE D 253 -33.47 -8.53 35.58
CA PHE D 253 -32.21 -8.14 34.96
C PHE D 253 -32.03 -8.87 33.65
N GLN D 254 -32.20 -10.18 33.66
CA GLN D 254 -32.06 -10.95 32.44
C GLN D 254 -33.08 -10.44 31.42
N GLU D 255 -34.26 -10.05 31.90
CA GLU D 255 -35.26 -9.50 30.98
C GLU D 255 -34.73 -8.24 30.30
N ASN D 256 -34.05 -7.42 31.08
CA ASN D 256 -33.46 -6.20 30.56
C ASN D 256 -32.39 -6.47 29.53
N LEU D 257 -31.59 -7.50 29.74
CA LEU D 257 -30.58 -7.84 28.75
C LEU D 257 -31.24 -8.25 27.43
N LYS D 258 -32.32 -9.02 27.53
CA LYS D 258 -33.06 -9.35 26.32
C LYS D 258 -33.47 -8.08 25.62
N LYS D 259 -33.91 -7.11 26.41
CA LYS D 259 -34.24 -5.80 25.86
C LYS D 259 -33.08 -5.28 25.05
N LEU D 260 -31.88 -5.40 25.60
CA LEU D 260 -30.71 -4.94 24.87
C LEU D 260 -30.53 -5.61 23.51
N LYS D 261 -30.79 -6.91 23.38
CA LYS D 261 -30.56 -7.53 22.06
C LYS D 261 -31.67 -7.21 21.09
N GLU D 262 -32.87 -7.11 21.60
CA GLU D 262 -34.02 -6.77 20.77
C GLU D 262 -33.81 -5.42 20.11
N LEU D 263 -33.06 -4.56 20.80
CA LEU D 263 -32.78 -3.21 20.33
C LEU D 263 -31.61 -3.09 19.37
N GLY D 264 -30.86 -4.16 19.21
CA GLY D 264 -29.79 -4.17 18.25
C GLY D 264 -28.57 -3.44 18.75
N VAL D 265 -28.50 -3.25 20.06
CA VAL D 265 -27.36 -2.64 20.69
C VAL D 265 -26.15 -3.50 20.46
N LYS D 266 -25.05 -2.92 20.05
CA LYS D 266 -23.88 -3.72 19.74
C LYS D 266 -22.66 -3.22 20.48
N LEU D 267 -22.82 -2.15 21.25
CA LEU D 267 -21.72 -1.60 22.03
C LEU D 267 -22.24 -0.98 23.31
N ILE D 268 -21.53 -1.22 24.40
CA ILE D 268 -21.88 -0.69 25.70
C ILE D 268 -20.67 -0.08 26.35
N LEU D 269 -20.79 1.16 26.79
CA LEU D 269 -19.70 1.77 27.54
C LEU D 269 -20.15 2.06 28.96
N LEU D 270 -19.32 1.71 29.94
CA LEU D 270 -19.69 1.79 31.35
C LEU D 270 -18.66 2.54 32.15
N THR D 271 -19.08 3.19 33.24
CA THR D 271 -18.12 3.81 34.12
C THR D 271 -17.80 2.89 35.28
N ARG D 272 -18.52 1.79 35.41
CA ARG D 272 -18.19 0.84 36.45
C ARG D 272 -17.99 -0.56 35.85
N GLY D 273 -18.43 -1.58 36.57
CA GLY D 273 -18.12 -2.94 36.17
C GLY D 273 -19.26 -3.67 35.52
N ILE D 274 -19.12 -4.98 35.40
CA ILE D 274 -20.15 -5.79 34.76
C ILE D 274 -20.34 -7.15 35.43
N SER D 275 -21.60 -7.57 35.47
CA SER D 275 -21.98 -8.83 36.07
C SER D 275 -21.35 -9.97 35.30
N ASP D 276 -21.23 -11.12 35.93
CA ASP D 276 -20.74 -12.26 35.20
C ASP D 276 -21.79 -12.67 34.19
N ILE D 277 -23.06 -12.64 34.59
CA ILE D 277 -24.15 -12.96 33.68
C ILE D 277 -24.21 -12.03 32.49
N ALA D 278 -24.05 -10.75 32.74
CA ALA D 278 -24.07 -9.79 31.66
C ALA D 278 -22.90 -10.03 30.73
N GLU D 279 -21.72 -10.23 31.29
CA GLU D 279 -20.52 -10.48 30.49
C GLU D 279 -20.76 -11.67 29.57
N GLU D 280 -21.40 -12.72 30.08
CA GLU D 280 -21.76 -13.82 29.20
C GLU D 280 -22.75 -13.43 28.14
N PHE D 281 -23.78 -12.69 28.53
CA PHE D 281 -24.80 -12.28 27.58
C PHE D 281 -24.19 -11.55 26.43
N CYS D 282 -23.21 -10.70 26.72
CA CYS D 282 -22.57 -9.92 25.69
C CYS D 282 -21.70 -10.76 24.81
N TYR D 283 -20.96 -11.68 25.41
CA TYR D 283 -20.15 -12.57 24.59
C TYR D 283 -21.01 -13.32 23.61
N GLU D 284 -22.13 -13.86 24.05
CA GLU D 284 -22.92 -14.69 23.17
C GLU D 284 -23.59 -13.89 22.08
N ASN D 285 -23.88 -12.63 22.33
CA ASN D 285 -24.57 -11.85 21.32
C ASN D 285 -23.67 -10.78 20.74
N GLU D 286 -22.37 -11.02 20.74
CA GLU D 286 -21.47 -10.26 19.89
C GLU D 286 -21.41 -8.79 20.25
N ILE D 287 -21.82 -8.47 21.48
CA ILE D 287 -21.90 -7.09 21.94
C ILE D 287 -20.58 -6.67 22.56
N MET D 288 -19.96 -5.63 22.04
CA MET D 288 -18.67 -5.19 22.57
C MET D 288 -18.90 -4.33 23.77
N VAL D 289 -18.06 -4.48 24.78
CA VAL D 289 -18.23 -3.76 26.04
C VAL D 289 -16.92 -3.17 26.50
N ILE D 290 -16.97 -1.93 26.98
CA ILE D 290 -15.83 -1.31 27.63
C ILE D 290 -16.24 -0.87 29.01
N THR D 291 -15.43 -1.17 30.01
CA THR D 291 -15.76 -0.83 31.38
C THR D 291 -14.87 0.29 31.87
N ARG D 292 -15.22 0.89 32.99
CA ARG D 292 -14.36 1.86 33.65
C ARG D 292 -13.90 2.95 32.72
N ILE D 293 -14.83 3.69 32.13
CA ILE D 293 -14.44 4.82 31.31
C ILE D 293 -14.36 6.08 32.16
N THR D 294 -13.52 7.01 31.78
CA THR D 294 -13.38 8.21 32.58
C THR D 294 -14.59 9.10 32.45
N GLN D 295 -14.72 10.07 33.35
CA GLN D 295 -15.79 11.04 33.26
C GLN D 295 -15.65 11.88 32.03
N LYS D 296 -14.42 12.29 31.74
CA LYS D 296 -14.12 13.07 30.55
C LYS D 296 -14.65 12.33 29.33
N GLU D 297 -14.23 11.07 29.24
CA GLU D 297 -14.61 10.19 28.16
C GLU D 297 -16.11 10.04 28.07
N LEU D 298 -16.75 9.89 29.22
CA LEU D 298 -18.19 9.76 29.27
C LEU D 298 -18.86 10.96 28.66
N LYS D 299 -18.48 12.15 29.11
CA LYS D 299 -19.11 13.35 28.63
C LYS D 299 -18.94 13.48 27.14
N ARG D 300 -17.74 13.18 26.68
CA ARG D 300 -17.44 13.33 25.27
C ARG D 300 -18.22 12.37 24.39
N VAL D 301 -18.21 11.09 24.73
CA VAL D 301 -18.94 10.13 23.92
C VAL D 301 -20.45 10.36 24.00
N LEU D 302 -20.90 10.91 25.11
CA LEU D 302 -22.31 11.22 25.23
C LEU D 302 -22.68 12.32 24.26
N GLU D 303 -21.87 13.37 24.21
CA GLU D 303 -22.14 14.46 23.29
C GLU D 303 -22.11 14.00 21.86
N PHE D 304 -21.05 13.29 21.51
CA PHE D 304 -20.81 12.85 20.16
C PHE D 304 -21.87 11.90 19.63
N THR D 305 -22.25 10.92 20.42
CA THR D 305 -23.16 9.91 19.92
C THR D 305 -24.61 10.26 20.12
N GLY D 306 -24.89 11.27 20.92
CA GLY D 306 -26.25 11.65 21.19
C GLY D 306 -26.98 10.72 22.12
N ALA D 307 -26.20 9.91 22.84
CA ALA D 307 -26.77 9.01 23.81
C ALA D 307 -27.13 9.78 25.07
N ARG D 308 -28.05 9.22 25.86
CA ARG D 308 -28.35 9.80 27.15
C ARG D 308 -27.80 8.87 28.22
N ALA D 309 -27.20 9.42 29.26
CA ALA D 309 -26.56 8.60 30.28
C ALA D 309 -27.61 7.90 31.13
N ALA D 310 -27.42 6.60 31.33
CA ALA D 310 -28.35 5.79 32.07
C ALA D 310 -27.73 5.13 33.28
N LYS D 311 -28.59 4.73 34.21
CA LYS D 311 -28.17 3.87 35.29
C LYS D 311 -28.83 2.52 35.07
N ARG D 312 -28.46 1.51 35.84
CA ARG D 312 -29.01 0.18 35.66
C ARG D 312 -30.54 0.21 35.67
N THR D 313 -31.11 1.03 36.54
CA THR D 313 -32.55 1.13 36.68
C THR D 313 -33.23 1.60 35.39
N SER D 314 -32.50 2.35 34.58
CA SER D 314 -33.01 2.86 33.32
C SER D 314 -33.33 1.73 32.37
N LEU D 315 -32.80 0.55 32.62
CA LEU D 315 -33.07 -0.56 31.76
C LEU D 315 -34.41 -1.20 32.09
N ASN D 316 -35.15 -0.61 33.01
CA ASN D 316 -36.44 -1.15 33.36
C ASN D 316 -37.53 -0.49 32.55
N LYS D 317 -37.17 0.56 31.82
CA LYS D 317 -38.12 1.23 30.95
C LYS D 317 -38.66 0.26 29.94
N PRO D 318 -39.85 0.52 29.40
CA PRO D 318 -40.23 -0.31 28.29
C PRO D 318 -39.24 -0.07 27.17
N VAL D 319 -39.09 -1.07 26.33
CA VAL D 319 -38.07 -1.07 25.31
C VAL D 319 -38.16 0.16 24.38
N GLU D 320 -39.38 0.65 24.18
CA GLU D 320 -39.63 1.76 23.28
C GLU D 320 -39.07 3.05 23.85
N GLU D 321 -39.05 3.16 25.17
CA GLU D 321 -38.56 4.37 25.80
C GLU D 321 -37.05 4.32 25.86
N LEU D 322 -36.51 3.11 25.85
CA LEU D 322 -35.08 2.88 25.87
C LEU D 322 -34.43 3.22 24.54
N GLN D 323 -35.10 2.91 23.42
CA GLN D 323 -34.51 3.26 22.12
C GLN D 323 -34.10 4.73 22.03
N LYS D 324 -34.56 5.54 22.98
CA LYS D 324 -34.32 6.97 22.95
C LYS D 324 -33.05 7.36 23.66
N MET D 325 -32.55 6.48 24.53
CA MET D 325 -31.39 6.82 25.31
C MET D 325 -30.13 6.35 24.62
N LEU D 326 -30.31 5.62 23.55
CA LEU D 326 -29.18 5.11 22.80
C LEU D 326 -28.53 6.19 22.02
N GLY D 327 -27.33 5.90 21.54
CA GLY D 327 -26.59 6.78 20.67
C GLY D 327 -26.22 6.00 19.44
N TYR D 328 -25.59 6.67 18.48
CA TYR D 328 -25.18 6.00 17.26
C TYR D 328 -23.83 6.44 16.82
N ALA D 329 -23.05 5.50 16.35
CA ALA D 329 -21.82 5.83 15.73
C ALA D 329 -21.75 5.06 14.45
N ARG D 330 -21.26 5.69 13.42
CA ARG D 330 -21.19 5.04 12.14
C ARG D 330 -20.23 3.89 12.26
N THR D 331 -19.02 4.16 12.69
CA THR D 331 -18.10 3.07 12.88
C THR D 331 -17.41 3.19 14.23
N CYS D 332 -16.86 2.08 14.68
CA CYS D 332 -16.24 2.01 15.98
C CYS D 332 -15.13 1.01 15.90
N PHE D 333 -13.91 1.40 16.21
CA PHE D 333 -12.78 0.56 15.88
C PHE D 333 -11.80 0.38 17.01
N TYR D 334 -11.53 -0.87 17.36
CA TYR D 334 -10.55 -1.19 18.38
C TYR D 334 -9.20 -1.53 17.80
N ASP D 335 -8.20 -0.74 18.16
CA ASP D 335 -6.84 -0.91 17.65
C ASP D 335 -6.05 -1.79 18.59
N SER D 336 -5.72 -2.99 18.16
CA SER D 336 -5.02 -3.93 19.02
C SER D 336 -3.60 -3.52 19.33
N ARG D 337 -3.04 -2.63 18.53
CA ARG D 337 -1.64 -2.27 18.68
C ARG D 337 -1.48 -1.16 19.67
N LEU D 338 -2.45 -0.26 19.69
CA LEU D 338 -2.38 0.92 20.53
C LEU D 338 -3.26 0.76 21.76
N ASP D 339 -4.05 -0.30 21.75
CA ASP D 339 -4.99 -0.62 22.82
C ASP D 339 -5.88 0.53 23.22
N PHE D 340 -6.57 1.12 22.24
CA PHE D 340 -7.75 1.95 22.50
C PHE D 340 -8.83 1.73 21.47
N THR D 341 -9.93 2.45 21.64
CA THR D 341 -11.08 2.38 20.77
C THR D 341 -11.39 3.74 20.22
N ILE D 342 -11.78 3.80 18.95
CA ILE D 342 -12.05 5.05 18.27
C ILE D 342 -13.47 5.05 17.73
N ILE D 343 -14.26 6.01 18.17
CA ILE D 343 -15.62 6.13 17.72
C ILE D 343 -15.75 7.21 16.68
N GLU D 344 -16.25 6.88 15.50
CA GLU D 344 -16.42 7.89 14.46
C GLU D 344 -17.82 7.89 13.87
N GLY D 345 -18.21 9.07 13.42
CA GLY D 345 -19.49 9.28 12.77
C GLY D 345 -20.68 9.29 13.70
N GLY D 346 -20.61 10.09 14.75
CA GLY D 346 -21.65 10.09 15.75
C GLY D 346 -22.84 10.92 15.34
N ALA D 347 -24.02 10.49 15.78
CA ALA D 347 -25.29 11.09 15.42
C ALA D 347 -25.58 12.33 16.24
N GLY D 348 -24.61 12.77 17.02
CA GLY D 348 -24.76 13.96 17.83
C GLY D 348 -23.94 15.09 17.28
N LYS D 349 -23.52 15.99 18.16
CA LYS D 349 -22.65 17.09 17.77
C LYS D 349 -21.36 16.52 17.26
N ALA D 350 -20.61 17.30 16.51
CA ALA D 350 -19.37 16.80 15.98
C ALA D 350 -18.27 17.28 16.87
N THR D 351 -17.18 16.54 16.90
CA THR D 351 -16.09 16.86 17.78
C THR D 351 -14.84 16.27 17.20
N ALA D 352 -13.72 16.44 17.88
CA ALA D 352 -12.45 15.97 17.36
C ALA D 352 -11.54 15.50 18.47
N THR D 353 -10.52 14.75 18.10
CA THR D 353 -9.50 14.33 19.04
C THR D 353 -8.15 14.63 18.43
N VAL D 354 -7.37 15.50 19.05
CA VAL D 354 -6.08 15.83 18.51
C VAL D 354 -5.07 14.84 19.05
N LEU D 355 -4.77 13.81 18.29
CA LEU D 355 -3.93 12.72 18.76
C LEU D 355 -2.45 13.03 18.57
N ILE D 356 -1.68 12.97 19.64
CA ILE D 356 -0.26 13.27 19.60
C ILE D 356 0.58 12.03 19.84
N GLY D 357 1.40 11.65 18.88
CA GLY D 357 2.11 10.39 18.98
C GLY D 357 3.60 10.53 18.93
N ALA D 358 4.29 9.60 19.59
CA ALA D 358 5.74 9.56 19.60
C ALA D 358 6.23 8.20 20.04
N ALA D 359 7.53 7.99 20.00
CA ALA D 359 8.10 6.69 20.31
C ALA D 359 8.22 6.43 21.80
N THR D 360 8.73 7.41 22.53
CA THR D 360 9.05 7.23 23.93
C THR D 360 8.24 8.15 24.82
N ASP D 361 8.17 7.80 26.10
CA ASP D 361 7.41 8.57 27.06
C ASP D 361 7.88 9.99 27.18
N GLU D 362 9.18 10.20 27.31
CA GLU D 362 9.74 11.52 27.46
C GLU D 362 9.30 12.42 26.34
N VAL D 363 9.49 11.90 25.15
CA VAL D 363 9.17 12.59 23.93
C VAL D 363 7.68 12.84 23.78
N VAL D 364 6.85 11.84 24.01
CA VAL D 364 5.42 12.06 23.83
C VAL D 364 4.90 13.03 24.87
N ASP D 365 5.53 13.07 26.03
CA ASP D 365 5.14 14.02 27.06
C ASP D 365 5.47 15.45 26.62
N GLU D 366 6.69 15.68 26.15
CA GLU D 366 7.05 17.03 25.73
C GLU D 366 6.24 17.44 24.49
N GLN D 367 5.95 16.49 23.63
CA GLN D 367 5.12 16.78 22.47
C GLN D 367 3.71 17.13 22.85
N GLU D 368 3.22 16.52 23.92
CA GLU D 368 1.89 16.86 24.40
C GLU D 368 1.92 18.27 24.96
N ARG D 369 2.98 18.60 25.67
CA ARG D 369 3.11 19.96 26.20
C ARG D 369 3.08 20.97 25.07
N ILE D 370 3.85 20.72 24.02
CA ILE D 370 3.84 21.61 22.86
C ILE D 370 2.47 21.72 22.22
N ALA D 371 1.81 20.59 22.04
CA ALA D 371 0.50 20.59 21.42
C ALA D 371 -0.47 21.44 22.22
N LYS D 372 -0.53 21.22 23.52
CA LYS D 372 -1.45 21.98 24.36
C LYS D 372 -1.11 23.46 24.31
N ASP D 373 0.18 23.80 24.26
CA ASP D 373 0.58 25.19 24.06
C ASP D 373 -0.08 25.75 22.82
N ALA D 374 0.04 25.01 21.73
CA ALA D 374 -0.49 25.50 20.48
C ALA D 374 -2.00 25.63 20.54
N ALA D 375 -2.67 24.71 21.20
CA ALA D 375 -4.11 24.79 21.32
C ALA D 375 -4.51 26.06 22.06
N GLY D 376 -3.90 26.27 23.21
CA GLY D 376 -4.20 27.45 23.99
C GLY D 376 -3.97 28.74 23.25
N SER D 377 -2.87 28.80 22.51
CA SER D 377 -2.56 30.00 21.77
C SER D 377 -3.51 30.20 20.59
N PHE D 378 -3.97 29.11 20.01
CA PHE D 378 -4.95 29.23 18.95
C PHE D 378 -6.24 29.83 19.49
N ALA D 379 -6.83 29.17 20.47
CA ALA D 379 -8.08 29.63 21.03
C ALA D 379 -7.99 31.07 21.51
N ALA D 380 -6.90 31.40 22.20
CA ALA D 380 -6.71 32.76 22.70
C ALA D 380 -6.57 33.75 21.57
N ALA D 381 -5.91 33.36 20.50
CA ALA D 381 -5.79 34.23 19.34
C ALA D 381 -7.15 34.48 18.72
N TYR D 382 -7.91 33.41 18.50
CA TYR D 382 -9.26 33.51 17.97
C TYR D 382 -10.14 34.40 18.81
N ARG D 383 -9.92 34.41 20.12
CA ARG D 383 -10.78 35.17 21.00
C ARG D 383 -10.37 36.61 21.21
N SER D 384 -9.08 36.88 21.16
CA SER D 384 -8.60 38.18 21.60
C SER D 384 -7.77 38.89 20.56
N GLY D 385 -7.59 38.25 19.41
CA GLY D 385 -6.84 38.86 18.34
C GLY D 385 -5.38 38.50 18.47
N VAL D 386 -4.55 39.01 17.57
CA VAL D 386 -3.13 38.70 17.59
C VAL D 386 -2.26 39.94 17.60
N LEU D 387 -0.97 39.73 17.79
CA LEU D 387 0.02 40.80 17.87
C LEU D 387 1.35 40.34 17.32
N PRO D 388 2.27 41.27 17.04
CA PRO D 388 3.56 40.90 16.48
C PRO D 388 4.52 40.28 17.48
N GLY D 389 5.07 39.12 17.16
CA GLY D 389 5.95 38.43 18.08
C GLY D 389 7.38 38.88 17.94
N GLY D 390 8.29 38.00 18.32
CA GLY D 390 9.72 38.26 18.23
C GLY D 390 10.20 39.09 19.38
N GLY D 391 9.28 39.45 20.27
CA GLY D 391 9.61 40.26 21.41
C GLY D 391 9.57 41.73 21.04
N ALA D 392 9.19 42.01 19.80
CA ALA D 392 9.22 43.35 19.27
C ALA D 392 8.22 44.27 19.97
N PHE D 393 6.99 43.79 20.09
CA PHE D 393 5.92 44.59 20.63
C PHE D 393 6.28 45.07 22.01
N PHE D 394 7.09 44.28 22.71
CA PHE D 394 7.63 44.70 24.00
C PHE D 394 8.54 45.89 23.83
N LEU D 395 9.27 45.96 22.73
CA LEU D 395 10.14 47.09 22.51
C LEU D 395 9.28 48.33 22.27
N TYR D 396 8.20 48.12 21.52
CA TYR D 396 7.23 49.18 21.32
C TYR D 396 6.71 49.67 22.67
N LEU D 397 6.33 48.75 23.53
CA LEU D 397 5.86 49.11 24.85
C LEU D 397 6.95 49.81 25.63
N SER D 398 8.20 49.50 25.36
CA SER D 398 9.27 50.15 26.10
C SER D 398 9.29 51.61 25.74
N ARG D 399 9.23 51.91 24.45
CA ARG D 399 9.25 53.32 24.05
C ARG D 399 8.02 54.08 24.52
N GLU D 400 6.86 53.45 24.42
CA GLU D 400 5.62 54.07 24.85
C GLU D 400 5.51 54.25 26.35
N VAL D 401 6.11 53.34 27.11
CA VAL D 401 6.08 53.47 28.55
C VAL D 401 7.05 54.56 28.97
N GLU D 402 8.21 54.58 28.33
CA GLU D 402 9.18 55.65 28.60
C GLU D 402 8.59 57.02 28.30
N SER D 403 7.67 57.08 27.34
CA SER D 403 6.93 58.33 27.10
C SER D 403 6.39 58.97 28.38
N LEU D 404 5.91 58.15 29.31
CA LEU D 404 5.30 58.66 30.53
C LEU D 404 6.25 59.15 31.60
N LYS D 405 7.54 58.92 31.40
CA LYS D 405 8.55 59.14 32.42
C LYS D 405 8.37 60.41 33.27
N ASN D 406 8.17 61.55 32.63
CA ASN D 406 8.08 62.79 33.38
C ASN D 406 6.87 63.65 33.05
N ARG D 407 5.92 63.10 32.29
CA ARG D 407 4.71 63.84 31.96
C ARG D 407 4.00 64.18 33.26
N LEU D 408 4.21 63.32 34.24
CA LEU D 408 3.98 63.58 35.65
C LEU D 408 5.36 63.47 36.31
N PRO D 409 5.84 64.56 36.92
CA PRO D 409 7.18 64.54 37.49
C PRO D 409 7.20 64.06 38.91
N GLY D 410 8.40 63.94 39.44
CA GLY D 410 8.60 63.43 40.78
C GLY D 410 9.58 62.30 40.64
N MET D 411 9.70 61.51 41.70
CA MET D 411 10.66 60.43 41.68
C MET D 411 9.94 59.22 41.15
N GLU D 412 8.63 59.37 40.99
CA GLU D 412 7.82 58.34 40.37
C GLU D 412 8.38 57.99 39.00
N SER D 413 9.03 58.96 38.37
CA SER D 413 9.68 58.78 37.08
C SER D 413 10.58 57.56 37.12
N TYR D 414 11.40 57.46 38.16
CA TYR D 414 12.34 56.35 38.28
C TYR D 414 11.60 55.03 38.16
N GLY D 415 10.49 54.92 38.89
CA GLY D 415 9.70 53.71 38.83
C GLY D 415 9.33 53.37 37.42
N VAL D 416 8.74 54.33 36.71
CA VAL D 416 8.34 54.09 35.34
C VAL D 416 9.51 53.62 34.52
N MET D 417 10.67 54.26 34.74
CA MET D 417 11.86 53.94 33.97
C MET D 417 12.17 52.46 34.08
N ALA D 418 12.12 51.94 35.30
CA ALA D 418 12.43 50.53 35.53
C ALA D 418 11.56 49.67 34.63
N PHE D 419 10.29 50.00 34.61
CA PHE D 419 9.33 49.22 33.85
C PHE D 419 9.75 49.20 32.40
N SER D 420 10.08 50.37 31.87
CA SER D 420 10.51 50.45 30.48
C SER D 420 11.65 49.50 30.26
N GLU D 421 12.65 49.59 31.13
CA GLU D 421 13.87 48.82 30.96
C GLU D 421 13.58 47.35 31.05
N ALA D 422 12.52 46.99 31.78
CA ALA D 422 12.18 45.60 31.96
C ALA D 422 11.54 45.02 30.70
N LEU D 423 10.81 45.83 29.95
CA LEU D 423 10.15 45.31 28.76
C LEU D 423 11.13 44.94 27.67
N LYS D 424 12.37 45.39 27.80
CA LYS D 424 13.38 45.17 26.77
C LYS D 424 14.03 43.82 26.87
N VAL D 425 13.89 43.18 28.03
CA VAL D 425 14.71 42.02 28.35
C VAL D 425 14.37 40.75 27.57
N PRO D 426 13.09 40.40 27.40
CA PRO D 426 12.85 39.16 26.65
C PRO D 426 13.55 39.13 25.32
N PHE D 427 13.43 40.20 24.54
CA PHE D 427 14.06 40.24 23.25
C PHE D 427 15.55 39.99 23.39
N ARG D 428 16.19 40.74 24.27
CA ARG D 428 17.63 40.63 24.47
C ARG D 428 18.02 39.19 24.79
N VAL D 429 17.24 38.56 25.65
CA VAL D 429 17.47 37.18 26.01
C VAL D 429 17.38 36.27 24.80
N MET D 430 16.28 36.36 24.06
CA MET D 430 16.06 35.49 22.91
C MET D 430 17.14 35.67 21.88
N ALA D 431 17.55 36.90 21.67
CA ALA D 431 18.59 37.20 20.73
C ALA D 431 19.88 36.56 21.17
N GLU D 432 20.21 36.65 22.45
CA GLU D 432 21.45 36.03 22.89
C GLU D 432 21.35 34.53 22.69
N ASN D 433 20.18 33.99 22.97
CA ASN D 433 19.92 32.58 22.78
C ASN D 433 20.06 32.19 21.33
N ALA D 434 19.93 33.17 20.45
CA ALA D 434 20.04 32.89 19.03
C ALA D 434 21.46 33.18 18.58
N GLY D 435 22.33 33.48 19.53
CA GLY D 435 23.74 33.64 19.24
C GLY D 435 24.15 35.03 18.81
N PHE D 436 23.26 35.99 18.94
CA PHE D 436 23.57 37.36 18.58
C PHE D 436 24.06 38.19 19.75
N ASN D 437 24.60 39.35 19.44
CA ASN D 437 24.85 40.36 20.43
C ASN D 437 23.49 40.92 20.76
N GLY D 438 22.94 40.46 21.88
CA GLY D 438 21.59 40.83 22.25
C GLY D 438 21.39 42.32 22.27
N LEU D 439 22.30 43.00 22.95
CA LEU D 439 22.20 44.44 23.14
C LEU D 439 22.30 45.20 21.83
N GLU D 440 23.27 44.83 21.00
CA GLU D 440 23.45 45.48 19.70
C GLU D 440 22.19 45.36 18.86
N LYS D 441 21.66 44.15 18.69
CA LYS D 441 20.44 43.97 17.92
C LYS D 441 19.29 44.69 18.55
N LEU D 442 19.28 44.76 19.87
CA LEU D 442 18.23 45.48 20.57
C LEU D 442 18.23 46.93 20.13
N GLY D 443 19.38 47.58 20.26
CA GLY D 443 19.51 48.98 19.89
C GLY D 443 19.17 49.22 18.44
N ASP D 444 19.79 48.44 17.55
CA ASP D 444 19.51 48.57 16.12
C ASP D 444 18.02 48.45 15.83
N LEU D 445 17.40 47.41 16.37
CA LEU D 445 16.00 47.15 16.09
C LEU D 445 15.13 48.28 16.58
N MET D 446 15.49 48.85 17.72
CA MET D 446 14.68 49.92 18.27
C MET D 446 14.76 51.15 17.39
N THR D 447 15.99 51.55 17.07
CA THR D 447 16.22 52.66 16.17
C THR D 447 15.44 52.50 14.88
N LEU D 448 15.58 51.34 14.26
CA LEU D 448 14.86 51.05 13.04
C LEU D 448 13.36 51.19 13.22
N GLN D 449 12.85 50.69 14.33
CA GLN D 449 11.43 50.75 14.59
C GLN D 449 10.91 52.17 14.64
N VAL D 450 11.67 53.07 15.27
CA VAL D 450 11.19 54.46 15.30
C VAL D 450 11.34 55.08 13.92
N GLN D 451 12.45 54.80 13.24
CA GLN D 451 12.71 55.43 11.96
C GLN D 451 11.68 55.05 10.91
N LYS D 452 11.27 53.80 10.90
CA LYS D 452 10.30 53.38 9.89
C LYS D 452 8.88 53.35 10.42
N ASN D 453 8.69 53.82 11.65
CA ASN D 453 7.38 53.84 12.30
C ASN D 453 6.68 52.49 12.28
N ASN D 454 7.38 51.46 11.83
CA ASN D 454 6.82 50.13 11.78
C ASN D 454 7.27 49.41 13.03
N TYR D 455 6.38 49.35 14.00
CA TYR D 455 6.73 48.72 15.26
C TYR D 455 6.57 47.20 15.19
N ALA D 456 6.33 46.67 13.99
CA ALA D 456 6.11 45.24 13.84
C ALA D 456 7.35 44.63 13.23
N LEU D 457 8.40 45.43 13.13
CA LEU D 457 9.68 44.96 12.66
C LEU D 457 10.33 44.20 13.80
N GLY D 458 10.81 43.00 13.53
CA GLY D 458 11.45 42.20 14.55
C GLY D 458 12.68 41.57 13.97
N LEU D 459 13.31 40.69 14.72
CA LEU D 459 14.50 40.04 14.20
C LEU D 459 14.13 38.65 13.77
N ASP D 460 14.54 38.27 12.57
CA ASP D 460 14.44 36.87 12.18
C ASP D 460 15.61 36.17 12.85
N PHE D 461 15.31 35.35 13.84
CA PHE D 461 16.35 34.78 14.69
C PHE D 461 17.13 33.76 13.91
N GLU D 462 16.64 33.42 12.73
CA GLU D 462 17.37 32.49 11.90
C GLU D 462 18.33 33.24 10.96
N THR D 463 17.84 34.26 10.26
CA THR D 463 18.66 34.98 9.28
C THR D 463 19.57 36.04 9.87
N GLY D 464 19.11 36.72 10.91
CA GLY D 464 19.87 37.77 11.54
C GLY D 464 19.48 39.11 10.96
N GLU D 465 18.54 39.08 10.03
CA GLU D 465 18.05 40.30 9.42
C GLU D 465 16.74 40.71 10.06
N PHE D 466 16.51 42.01 10.14
CA PHE D 466 15.26 42.51 10.66
C PHE D 466 14.20 42.29 9.60
N ILE D 467 13.05 41.77 10.00
CA ILE D 467 11.98 41.47 9.06
C ILE D 467 10.67 41.96 9.59
N ASP D 468 9.63 41.90 8.79
CA ASP D 468 8.32 42.23 9.28
C ASP D 468 7.73 40.99 9.91
N MET D 469 7.47 41.05 11.21
CA MET D 469 7.10 39.87 11.95
C MET D 469 5.78 39.29 11.50
N ILE D 470 4.78 40.12 11.34
CA ILE D 470 3.47 39.62 10.97
C ILE D 470 3.53 38.98 9.60
N ALA D 471 4.33 39.56 8.73
CA ALA D 471 4.51 39.02 7.40
C ALA D 471 5.23 37.70 7.48
N GLY D 472 6.20 37.63 8.39
CA GLY D 472 6.99 36.44 8.57
C GLY D 472 6.22 35.30 9.20
N GLY D 473 4.95 35.54 9.51
CA GLY D 473 4.09 34.52 10.06
C GLY D 473 4.31 34.30 11.54
N VAL D 474 4.87 35.30 12.20
CA VAL D 474 5.22 35.21 13.61
C VAL D 474 4.34 36.08 14.49
N VAL D 475 3.26 35.51 15.01
CA VAL D 475 2.30 36.26 15.81
C VAL D 475 1.99 35.60 17.15
N ASP D 476 1.70 36.42 18.15
CA ASP D 476 1.35 35.96 19.49
C ASP D 476 -0.10 36.26 19.78
N PRO D 477 -0.79 35.42 20.54
CA PRO D 477 -2.15 35.84 20.87
C PRO D 477 -2.11 37.07 21.75
N ALA D 478 -3.11 37.94 21.66
CA ALA D 478 -3.09 39.20 22.38
C ALA D 478 -3.23 38.97 23.87
N GLU D 479 -4.17 38.11 24.22
CA GLU D 479 -4.47 37.87 25.62
C GLU D 479 -3.27 37.25 26.30
N VAL D 480 -2.45 36.52 25.57
CA VAL D 480 -1.27 35.94 26.17
C VAL D 480 -0.29 37.02 26.59
N VAL D 481 -0.16 38.05 25.79
CA VAL D 481 0.73 39.14 26.13
C VAL D 481 0.16 39.91 27.31
N TYR D 482 -1.16 40.14 27.26
CA TYR D 482 -1.84 40.86 28.31
C TYR D 482 -1.66 40.15 29.66
N GLN D 483 -1.90 38.86 29.69
CA GLN D 483 -1.78 38.08 30.91
C GLN D 483 -0.34 38.02 31.36
N ALA D 484 0.58 37.89 30.42
CA ALA D 484 1.97 37.84 30.78
C ALA D 484 2.38 39.13 31.50
N VAL D 485 2.07 40.26 30.92
CA VAL D 485 2.45 41.53 31.53
C VAL D 485 1.72 41.78 32.84
N LYS D 486 0.43 41.54 32.87
CA LYS D 486 -0.35 41.77 34.07
C LYS D 486 0.13 40.91 35.21
N ASN D 487 0.35 39.64 34.95
CA ASN D 487 0.75 38.71 35.99
C ASN D 487 2.18 38.94 36.46
N ALA D 488 3.10 39.11 35.52
CA ALA D 488 4.47 39.37 35.89
C ALA D 488 4.56 40.62 36.73
N SER D 489 3.82 41.64 36.30
CA SER D 489 3.79 42.89 37.01
C SER D 489 3.22 42.73 38.40
N GLU D 490 2.12 41.98 38.49
CA GLU D 490 1.47 41.79 39.76
C GLU D 490 2.40 41.12 40.75
N VAL D 491 3.13 40.09 40.32
CA VAL D 491 4.00 39.44 41.28
C VAL D 491 5.18 40.35 41.63
N ALA D 492 5.76 41.03 40.65
CA ALA D 492 6.94 41.83 40.95
C ALA D 492 6.60 42.95 41.90
N ILE D 493 5.49 43.63 41.64
CA ILE D 493 5.05 44.70 42.51
C ILE D 493 4.75 44.19 43.91
N SER D 494 4.14 43.02 44.01
CA SER D 494 3.90 42.49 45.35
C SER D 494 5.21 42.20 46.05
N LEU D 495 6.21 41.80 45.30
CA LEU D 495 7.50 41.47 45.90
C LEU D 495 8.29 42.66 46.35
N LEU D 496 8.17 43.76 45.61
CA LEU D 496 8.94 44.96 45.92
C LEU D 496 8.44 45.66 47.19
N LYS D 497 7.17 45.46 47.51
CA LYS D 497 6.58 46.06 48.68
C LYS D 497 7.00 45.30 49.94
N ILE D 498 7.68 44.19 49.76
CA ILE D 498 8.09 43.38 50.88
C ILE D 498 9.29 43.98 51.58
N ASN D 499 9.21 44.05 52.90
CA ASN D 499 10.24 44.67 53.69
C ASN D 499 10.80 43.76 54.79
N THR D 500 10.09 42.69 55.09
CA THR D 500 10.50 41.81 56.18
C THR D 500 10.20 40.36 55.88
N ILE D 501 11.06 39.46 56.36
CA ILE D 501 10.89 38.04 56.12
C ILE D 501 10.99 37.25 57.41
N ILE D 502 10.01 36.40 57.70
CA ILE D 502 10.13 35.51 58.84
C ILE D 502 9.89 34.05 58.41
PG ANP E . -18.89 5.36 -15.23
O1G ANP E . -18.03 6.39 -16.04
O2G ANP E . -18.10 4.85 -13.98
O3G ANP E . -19.16 4.21 -16.11
PB ANP E . -20.76 5.74 -13.16
O1B ANP E . -19.55 5.45 -12.35
O2B ANP E . -21.49 6.99 -12.65
N3B ANP E . -20.35 6.05 -14.75
PA ANP E . -21.27 3.20 -12.52
O1A ANP E . -19.77 3.35 -12.26
O2A ANP E . -21.70 2.09 -13.37
O3A ANP E . -21.76 4.58 -13.01
O5' ANP E . -22.00 3.10 -11.22
C5' ANP E . -21.44 3.73 -10.07
C4' ANP E . -22.57 3.94 -9.10
O4' ANP E . -22.87 2.70 -8.42
C3' ANP E . -22.32 4.97 -8.00
O3' ANP E . -23.54 5.62 -7.72
C2' ANP E . -21.93 4.10 -6.81
O2' ANP E . -22.32 4.76 -5.63
C1' ANP E . -22.79 2.88 -7.03
N9 ANP E . -22.24 1.66 -6.45
C8 ANP E . -21.11 0.99 -6.85
N7 ANP E . -20.86 -0.09 -6.14
C5 ANP E . -21.89 -0.12 -5.22
C6 ANP E . -22.19 -1.02 -4.18
N6 ANP E . -21.46 -2.10 -3.88
N1 ANP E . -23.29 -0.78 -3.45
C2 ANP E . -24.03 0.30 -3.74
N3 ANP E . -23.85 1.21 -4.69
C4 ANP E . -22.75 0.94 -5.40
MG MG F . -17.70 4.67 -11.99
PG ANP G . -5.73 -27.87 -31.25
O1G ANP G . -4.92 -26.54 -31.27
O2G ANP G . -4.79 -29.03 -30.78
O3G ANP G . -6.21 -28.12 -32.62
PB ANP G . -7.08 -29.10 -29.19
O1B ANP G . -5.71 -29.58 -28.94
O2B ANP G . -7.78 -28.69 -27.87
N3B ANP G . -7.06 -27.79 -30.23
PA ANP G . -7.14 -31.52 -30.30
O1A ANP G . -5.65 -31.20 -30.19
O2A ANP G . -7.68 -31.93 -31.60
O3A ANP G . -7.89 -30.29 -29.75
O5' ANP G . -7.47 -32.60 -29.31
C5' ANP G . -6.85 -32.51 -28.04
C4' ANP G . -7.63 -33.38 -27.11
O4' ANP G . -7.62 -34.73 -27.60
C3' ANP G . -7.12 -33.42 -25.67
O3' ANP G . -8.20 -33.34 -24.75
C2' ANP G . -6.45 -34.80 -25.57
O2' ANP G . -6.63 -35.27 -24.25
C1' ANP G . -7.30 -35.61 -26.54
N9 ANP G . -6.61 -36.78 -27.11
C8 ANP G . -5.68 -36.79 -28.10
N7 ANP G . -5.26 -37.99 -28.41
C5 ANP G . -5.96 -38.83 -27.56
C6 ANP G . -5.96 -40.22 -27.39
N6 ANP G . -5.20 -41.06 -28.09
N1 ANP G . -6.78 -40.73 -26.45
C2 ANP G . -7.54 -39.89 -25.74
N3 ANP G . -7.63 -38.57 -25.82
C4 ANP G . -6.80 -38.09 -26.75
MG MG H . -3.89 -30.58 -29.51
PG ANP I . 19.16 -7.26 18.71
O1G ANP I . 20.03 -7.97 19.67
O2G ANP I . 18.88 -8.19 17.48
O3G ANP I . 17.80 -6.89 19.41
PB ANP I . 20.48 -6.00 16.64
O1B ANP I . 20.56 -4.58 16.06
O2B ANP I . 19.54 -6.85 15.88
N3B ANP I . 19.92 -5.85 18.20
PA ANP I . 22.14 -8.10 16.17
O1A ANP I . 22.99 -8.90 17.08
O2A ANP I . 20.75 -8.64 15.84
O3A ANP I . 21.91 -6.62 16.59
O5' ANP I . 22.94 -7.95 14.91
C5' ANP I . 22.22 -7.88 13.68
C4' ANP I . 23.00 -6.96 12.78
O4' ANP I . 24.05 -7.71 12.12
C3' ANP I . 22.20 -6.32 11.66
O3' ANP I . 22.76 -5.05 11.36
C2' ANP I . 22.37 -7.33 10.52
O2' ANP I . 22.27 -6.70 9.24
C1' ANP I . 23.79 -7.83 10.74
N9 ANP I . 23.97 -9.21 10.38
C8 ANP I . 23.28 -10.29 10.84
N7 ANP I . 23.66 -11.44 10.35
C5 ANP I . 24.69 -11.08 9.49
C6 ANP I . 25.52 -11.86 8.64
N6 ANP I . 25.44 -13.18 8.52
N1 ANP I . 26.44 -11.20 7.91
C2 ANP I . 26.53 -9.88 8.03
N3 ANP I . 25.81 -9.05 8.78
C4 ANP I . 24.90 -9.73 9.50
MG MG J . 18.58 -9.10 15.97
PG ANP K . 6.16 28.40 26.97
O1G ANP K . 7.03 27.24 27.31
O2G ANP K . 5.79 28.37 25.43
O3G ANP K . 4.86 28.32 27.84
PB ANP K . 6.96 30.97 26.18
O1B ANP K . 6.67 32.32 26.86
O2B ANP K . 5.93 30.66 25.15
N3B ANP K . 6.99 29.80 27.36
PA ANP K . 8.61 30.26 24.21
O1A ANP K . 9.81 29.43 24.39
O2A ANP K . 7.29 29.55 23.91
O3A ANP K . 8.32 31.12 25.48
O5' ANP K . 8.90 31.30 23.10
C5' ANP K . 7.86 32.15 22.59
C4' ANP K . 8.44 33.52 22.31
O4' ANP K . 9.34 33.44 21.19
C3' ANP K . 7.45 34.60 21.94
O3' ANP K . 8.04 35.86 22.20
C2' ANP K . 7.34 34.42 20.43
O2' ANP K . 6.94 35.63 19.82
C1' ANP K . 8.80 34.13 20.08
N9 ANP K . 8.98 33.32 18.89
C8 ANP K . 8.63 32.00 18.74
N7 ANP K . 8.93 31.51 17.56
C5 ANP K . 9.51 32.57 16.90
C6 ANP K . 10.06 32.70 15.60
N6 ANP K . 10.09 31.70 14.71
N1 ANP K . 10.57 33.89 15.25
C2 ANP K . 10.54 34.89 16.14
N3 ANP K . 10.06 34.88 17.39
C4 ANP K . 9.56 33.69 17.71
MG MG L . 5.38 29.41 23.91
#